data_5CUY
#
_entry.id   5CUY
#
_cell.length_a   199.917
_cell.length_b   70.137
_cell.length_c   141.759
_cell.angle_alpha   90.00
_cell.angle_beta   106.38
_cell.angle_gamma   90.00
#
_symmetry.space_group_name_H-M   'C 1 2 1'
#
loop_
_entity.id
_entity.type
_entity.pdbx_description
1 polymer 'Acidocalcisomal pyrophosphatase'
2 non-polymer 'CITRIC ACID'
3 non-polymer 'MAGNESIUM ION'
4 water water
#
_entity_poly.entity_id   1
_entity_poly.type   'polypeptide(L)'
_entity_poly.pdbx_seq_one_letter_code
;MNNTHGVDSRSDRTSPQDLASAEVAGLPVSALHGTNISTGRGSEADVAEPIQEAVDRKVSELDLAAYDKDDFTQPMIKKI
MSRLFSAFDVTHLGYLTPDKVEEVCRYLGRNMSDGDVKAMKAEINAIDGHVTFEKFWAWWCSHPVHSRTKCFSMVSADFS
MPYHQQQLVVHEKGEMYTPSYRVLYFFRDLETGRERQVSPWHDIPLYVRDLVRTKPEATPMNRYNFICEIPKWTRAKFEI
ATGESFNPIKQDIKNGVPRFYKHGDMMWNYGAFPQTWESTEVLFEAGVTGDNDPVDAVEIGMTQFKVGQVSAVKVLGVLG
MIDEGEMDWKVVCISHSDPICHFLRDIHDVPKFLPGCLDAIREWFRVYKICQGGEASHFAFDGEFKDKEYAMKVIDESHN
MWHNLRKVNKRGEL
;
_entity_poly.pdbx_strand_id   A,B,C,D
#
loop_
_chem_comp.id
_chem_comp.type
_chem_comp.name
_chem_comp.formula
CIT non-polymer 'CITRIC ACID' 'C6 H8 O7'
MG non-polymer 'MAGNESIUM ION' 'Mg 2'
#
# COMPACT_ATOMS: atom_id res chain seq x y z
N ASP A 18 -8.28 1.77 -23.29
CA ASP A 18 -8.46 0.83 -24.45
C ASP A 18 -7.75 -0.54 -24.20
N LEU A 19 -7.17 -0.67 -22.99
CA LEU A 19 -6.45 -1.86 -22.51
C LEU A 19 -7.31 -2.65 -21.48
N ALA A 20 -8.02 -1.90 -20.60
CA ALA A 20 -8.96 -2.51 -19.64
C ALA A 20 -9.95 -3.26 -20.57
N SER A 21 -10.91 -2.48 -21.08
CA SER A 21 -11.93 -2.93 -22.02
C SER A 21 -11.57 -4.23 -22.75
N ALA A 22 -10.41 -4.26 -23.41
CA ALA A 22 -10.05 -5.45 -24.16
C ALA A 22 -10.09 -6.72 -23.32
N GLU A 23 -9.42 -6.73 -22.17
CA GLU A 23 -9.44 -7.93 -21.37
C GLU A 23 -10.83 -8.27 -20.89
N VAL A 24 -11.67 -7.26 -20.60
CA VAL A 24 -13.04 -7.52 -20.13
C VAL A 24 -13.98 -8.06 -21.18
N ALA A 25 -13.92 -7.46 -22.37
CA ALA A 25 -14.78 -7.79 -23.49
C ALA A 25 -14.69 -9.19 -24.13
N GLY A 26 -15.77 -9.52 -24.87
CA GLY A 26 -15.87 -10.78 -25.57
C GLY A 26 -14.77 -10.95 -26.61
N LEU A 27 -14.59 -12.20 -27.01
CA LEU A 27 -13.56 -12.49 -27.97
C LEU A 27 -14.05 -12.85 -29.36
N PRO A 28 -13.22 -12.59 -30.37
CA PRO A 28 -13.69 -12.96 -31.70
C PRO A 28 -13.58 -14.50 -31.77
N VAL A 29 -14.32 -15.10 -32.70
CA VAL A 29 -14.34 -16.56 -32.91
C VAL A 29 -12.90 -16.98 -33.17
N SER A 30 -12.20 -16.08 -33.86
CA SER A 30 -10.80 -16.25 -34.20
C SER A 30 -10.06 -16.61 -32.89
N ALA A 31 -10.25 -15.78 -31.85
CA ALA A 31 -9.61 -15.97 -30.56
C ALA A 31 -10.11 -17.16 -29.72
N LEU A 32 -11.42 -17.35 -29.67
CA LEU A 32 -11.96 -18.43 -28.88
C LEU A 32 -11.66 -19.82 -29.46
N HIS A 33 -11.30 -19.92 -30.73
CA HIS A 33 -10.97 -21.24 -31.27
C HIS A 33 -9.49 -21.38 -31.53
N GLY A 34 -8.79 -20.27 -31.56
CA GLY A 34 -7.38 -20.37 -31.83
C GLY A 34 -7.19 -20.47 -33.33
N THR A 35 -5.96 -20.27 -33.79
CA THR A 35 -5.74 -20.28 -35.21
C THR A 35 -4.58 -21.16 -35.73
N ASN A 36 -4.28 -21.03 -37.02
CA ASN A 36 -3.19 -21.77 -37.68
C ASN A 36 -1.84 -21.21 -37.32
N ILE A 37 -0.81 -22.03 -37.46
CA ILE A 37 0.55 -21.61 -37.23
C ILE A 37 0.87 -20.79 -38.48
N SER A 38 1.36 -19.59 -38.29
CA SER A 38 1.59 -18.79 -39.45
C SER A 38 3.02 -18.80 -39.90
N THR A 39 3.20 -18.49 -41.17
CA THR A 39 4.51 -18.41 -41.75
C THR A 39 5.20 -17.18 -41.20
N GLY A 40 4.40 -16.16 -40.91
CA GLY A 40 4.95 -14.92 -40.40
C GLY A 40 5.36 -14.03 -41.57
N ARG A 41 5.06 -14.46 -42.79
CA ARG A 41 5.40 -13.68 -43.95
C ARG A 41 4.19 -13.03 -44.62
N GLY A 42 3.15 -12.85 -43.82
CA GLY A 42 1.93 -12.19 -44.28
C GLY A 42 1.26 -12.68 -45.54
N SER A 43 0.72 -11.73 -46.32
CA SER A 43 0.02 -12.04 -47.58
C SER A 43 0.86 -12.84 -48.56
N GLU A 44 2.17 -12.71 -48.47
CA GLU A 44 3.03 -13.47 -49.36
C GLU A 44 2.82 -14.97 -49.26
N ALA A 45 2.01 -15.39 -48.29
CA ALA A 45 1.71 -16.81 -48.08
C ALA A 45 0.23 -17.09 -48.23
N ASP A 46 -0.07 -18.22 -48.86
CA ASP A 46 -1.46 -18.60 -49.07
C ASP A 46 -2.10 -19.03 -47.77
N VAL A 47 -3.32 -18.56 -47.52
CA VAL A 47 -4.00 -18.99 -46.32
C VAL A 47 -4.10 -20.50 -46.56
N ALA A 48 -3.90 -21.28 -45.50
CA ALA A 48 -3.92 -22.72 -45.62
C ALA A 48 -5.02 -23.37 -44.83
N GLU A 49 -5.22 -24.64 -45.13
CA GLU A 49 -6.20 -25.48 -44.42
C GLU A 49 -5.42 -26.05 -43.25
N PRO A 50 -6.07 -26.24 -42.12
CA PRO A 50 -5.39 -26.77 -40.94
C PRO A 50 -4.92 -28.18 -41.18
N ILE A 51 -3.82 -28.60 -40.54
CA ILE A 51 -3.32 -29.98 -40.70
C ILE A 51 -4.36 -30.96 -40.16
N GLN A 52 -4.34 -32.18 -40.69
CA GLN A 52 -5.34 -33.16 -40.31
C GLN A 52 -5.35 -33.50 -38.84
N GLU A 53 -4.18 -33.62 -38.23
CA GLU A 53 -4.19 -33.98 -36.83
C GLU A 53 -4.98 -32.91 -36.10
N ALA A 54 -4.90 -31.68 -36.56
CA ALA A 54 -5.61 -30.57 -35.94
C ALA A 54 -7.10 -30.73 -36.15
N VAL A 55 -7.44 -31.03 -37.39
CA VAL A 55 -8.82 -31.24 -37.71
C VAL A 55 -9.41 -32.43 -36.95
N ASP A 56 -8.67 -33.52 -36.79
CA ASP A 56 -9.23 -34.66 -36.09
C ASP A 56 -9.51 -34.30 -34.66
N ARG A 57 -8.70 -33.39 -34.10
CA ARG A 57 -8.87 -32.97 -32.70
C ARG A 57 -9.95 -31.93 -32.50
N LYS A 58 -10.19 -31.11 -33.50
CA LYS A 58 -11.16 -30.04 -33.36
C LYS A 58 -10.47 -29.05 -32.41
N VAL A 59 -9.21 -28.75 -32.74
CA VAL A 59 -8.37 -27.87 -31.94
C VAL A 59 -7.48 -27.08 -32.91
N SER A 60 -7.35 -25.78 -32.73
CA SER A 60 -6.51 -25.06 -33.65
C SER A 60 -5.08 -25.58 -33.59
N GLU A 61 -4.32 -25.37 -34.66
CA GLU A 61 -2.94 -25.81 -34.74
C GLU A 61 -2.12 -25.18 -33.63
N LEU A 62 -2.34 -23.91 -33.43
CA LEU A 62 -1.57 -23.21 -32.43
C LEU A 62 -1.92 -23.64 -31.00
N ASP A 63 -3.16 -24.03 -30.73
CA ASP A 63 -3.61 -24.44 -29.40
C ASP A 63 -2.94 -25.77 -29.13
N LEU A 64 -2.88 -26.57 -30.19
CA LEU A 64 -2.26 -27.87 -30.10
C LEU A 64 -0.75 -27.77 -29.75
N ALA A 65 -0.03 -26.90 -30.43
CA ALA A 65 1.39 -26.77 -30.16
C ALA A 65 1.65 -26.17 -28.77
N ALA A 66 0.74 -25.34 -28.31
CA ALA A 66 0.88 -24.69 -27.03
C ALA A 66 0.43 -25.57 -25.86
N TYR A 67 -0.69 -26.26 -26.03
CA TYR A 67 -1.25 -26.98 -24.92
C TYR A 67 -1.39 -28.44 -24.92
N ASP A 68 -1.22 -29.07 -26.06
CA ASP A 68 -1.35 -30.50 -26.05
C ASP A 68 -0.15 -31.11 -25.35
N LYS A 69 -0.38 -32.22 -24.70
CA LYS A 69 0.73 -32.88 -24.04
C LYS A 69 1.88 -33.24 -25.02
N ASP A 70 1.59 -33.82 -26.17
CA ASP A 70 2.71 -34.17 -27.06
C ASP A 70 3.28 -33.08 -28.00
N ASP A 71 4.52 -33.27 -28.41
CA ASP A 71 5.17 -32.35 -29.34
C ASP A 71 4.61 -32.72 -30.70
N PHE A 72 4.71 -31.81 -31.67
CA PHE A 72 4.29 -32.10 -33.04
C PHE A 72 5.19 -33.22 -33.56
N THR A 73 4.66 -34.16 -34.34
CA THR A 73 5.49 -35.24 -34.93
C THR A 73 6.18 -34.76 -36.20
N GLN A 74 7.13 -35.55 -36.68
CA GLN A 74 7.87 -35.21 -37.90
C GLN A 74 6.92 -34.85 -39.09
N PRO A 75 5.87 -35.63 -39.29
CA PRO A 75 4.93 -35.36 -40.39
C PRO A 75 4.18 -34.04 -40.19
N MET A 76 3.86 -33.72 -38.95
CA MET A 76 3.18 -32.46 -38.68
C MET A 76 4.19 -31.33 -38.95
N ILE A 77 5.41 -31.48 -38.46
CA ILE A 77 6.42 -30.50 -38.70
C ILE A 77 6.51 -30.27 -40.22
N LYS A 78 6.54 -31.38 -40.98
CA LYS A 78 6.65 -31.34 -42.44
C LYS A 78 5.68 -30.41 -43.10
N LYS A 79 4.43 -30.53 -42.73
CA LYS A 79 3.39 -29.71 -43.33
C LYS A 79 3.63 -28.23 -43.05
N ILE A 80 4.06 -27.94 -41.82
CA ILE A 80 4.34 -26.59 -41.33
C ILE A 80 5.51 -25.97 -42.04
N MET A 81 6.54 -26.76 -42.22
CA MET A 81 7.75 -26.29 -42.89
C MET A 81 7.58 -26.10 -44.41
N SER A 82 6.59 -26.77 -44.97
CA SER A 82 6.34 -26.71 -46.38
C SER A 82 5.56 -25.42 -46.61
N ARG A 83 4.60 -25.13 -45.75
CA ARG A 83 3.90 -23.85 -45.92
C ARG A 83 4.96 -22.72 -45.88
N LEU A 84 5.90 -22.81 -44.95
CA LEU A 84 6.96 -21.81 -44.82
C LEU A 84 7.73 -21.67 -46.12
N PHE A 85 8.35 -22.77 -46.54
CA PHE A 85 9.11 -22.85 -47.78
C PHE A 85 8.29 -22.21 -48.90
N SER A 86 7.07 -22.68 -49.06
CA SER A 86 6.21 -22.12 -50.08
C SER A 86 6.15 -20.61 -50.02
N ALA A 87 5.97 -20.06 -48.81
CA ALA A 87 5.89 -18.62 -48.61
C ALA A 87 7.03 -17.87 -49.30
N PHE A 88 8.23 -18.41 -49.31
CA PHE A 88 9.33 -17.73 -49.97
C PHE A 88 9.22 -17.83 -51.48
N ASP A 89 8.58 -18.90 -51.94
CA ASP A 89 8.32 -19.13 -53.36
C ASP A 89 7.12 -18.23 -53.74
N VAL A 90 7.35 -16.92 -53.77
CA VAL A 90 6.29 -15.93 -54.07
C VAL A 90 5.50 -16.09 -55.36
N THR A 91 6.22 -16.30 -56.48
CA THR A 91 5.61 -16.48 -57.79
C THR A 91 5.25 -17.93 -58.14
N HIS A 92 5.05 -18.76 -57.11
CA HIS A 92 4.66 -20.17 -57.22
C HIS A 92 5.34 -21.01 -58.28
N LEU A 93 6.66 -20.95 -58.33
CA LEU A 93 7.34 -21.74 -59.31
C LEU A 93 7.45 -23.19 -58.91
N GLY A 94 7.19 -23.52 -57.65
CA GLY A 94 7.32 -24.89 -57.16
C GLY A 94 8.75 -25.27 -56.72
N TYR A 95 9.62 -24.29 -56.58
CA TYR A 95 10.99 -24.55 -56.16
C TYR A 95 11.68 -23.23 -55.78
N LEU A 96 12.88 -23.29 -55.19
CA LEU A 96 13.60 -22.10 -54.77
C LEU A 96 15.05 -22.16 -55.20
N THR A 97 15.73 -21.01 -55.31
CA THR A 97 17.14 -21.03 -55.70
C THR A 97 17.94 -21.28 -54.44
N PRO A 98 19.16 -21.80 -54.58
CA PRO A 98 19.96 -22.07 -53.38
C PRO A 98 20.14 -20.81 -52.54
N ASP A 99 20.01 -19.69 -53.22
CA ASP A 99 20.18 -18.39 -52.62
C ASP A 99 19.01 -18.15 -51.68
N LYS A 100 17.80 -18.44 -52.16
CA LYS A 100 16.64 -18.27 -51.31
C LYS A 100 16.65 -19.31 -50.19
N VAL A 101 17.17 -20.50 -50.48
CA VAL A 101 17.23 -21.54 -49.45
C VAL A 101 17.99 -21.04 -48.23
N GLU A 102 19.12 -20.40 -48.46
CA GLU A 102 19.93 -19.88 -47.37
C GLU A 102 19.06 -18.92 -46.53
N GLU A 103 18.25 -18.13 -47.22
CA GLU A 103 17.37 -17.16 -46.59
C GLU A 103 16.39 -17.86 -45.64
N VAL A 104 15.85 -18.96 -46.11
CA VAL A 104 14.92 -19.76 -45.36
C VAL A 104 15.65 -20.28 -44.13
N CYS A 105 16.85 -20.81 -44.33
CA CYS A 105 17.62 -21.33 -43.22
C CYS A 105 17.85 -20.23 -42.20
N ARG A 106 18.18 -19.06 -42.72
CA ARG A 106 18.43 -17.82 -41.94
C ARG A 106 17.20 -17.50 -41.08
N TYR A 107 16.04 -17.52 -41.71
CA TYR A 107 14.75 -17.21 -41.06
C TYR A 107 14.40 -18.24 -40.00
N LEU A 108 14.66 -19.50 -40.29
CA LEU A 108 14.34 -20.54 -39.33
C LEU A 108 15.20 -20.51 -38.07
N GLY A 109 16.12 -19.53 -38.03
CA GLY A 109 17.00 -19.37 -36.86
C GLY A 109 18.37 -20.04 -36.97
N ARG A 110 18.64 -20.63 -38.12
CA ARG A 110 19.90 -21.33 -38.35
C ARG A 110 21.04 -20.43 -38.83
N ASN A 111 21.94 -20.06 -37.92
CA ASN A 111 23.11 -19.22 -38.24
C ASN A 111 23.98 -19.97 -39.25
N MET A 112 24.18 -19.40 -40.44
CA MET A 112 25.00 -20.09 -41.44
C MET A 112 26.28 -19.42 -41.90
N SER A 113 27.41 -19.96 -41.41
CA SER A 113 28.75 -19.46 -41.76
C SER A 113 29.00 -19.85 -43.22
N ASP A 114 29.72 -19.00 -43.95
CA ASP A 114 30.00 -19.26 -45.35
C ASP A 114 30.40 -20.71 -45.61
N GLY A 115 31.15 -21.29 -44.68
CA GLY A 115 31.52 -22.69 -44.83
C GLY A 115 30.25 -23.50 -45.00
N ASP A 116 29.37 -23.48 -44.00
CA ASP A 116 28.12 -24.24 -44.05
C ASP A 116 27.35 -24.01 -45.35
N VAL A 117 27.24 -22.74 -45.72
CA VAL A 117 26.51 -22.35 -46.93
C VAL A 117 26.97 -23.04 -48.23
N LYS A 118 28.28 -23.08 -48.47
CA LYS A 118 28.83 -23.72 -49.67
C LYS A 118 28.48 -25.19 -49.55
N ALA A 119 28.63 -25.69 -48.32
CA ALA A 119 28.34 -27.08 -48.00
C ALA A 119 26.88 -27.45 -48.34
N MET A 120 25.93 -26.61 -47.92
CA MET A 120 24.49 -26.85 -48.17
C MET A 120 24.22 -26.84 -49.66
N LYS A 121 24.83 -25.90 -50.37
CA LYS A 121 24.66 -25.81 -51.81
C LYS A 121 25.17 -27.13 -52.43
N ALA A 122 26.23 -27.68 -51.83
CA ALA A 122 26.81 -28.93 -52.31
C ALA A 122 25.95 -30.12 -51.92
N GLU A 123 25.76 -30.30 -50.60
CA GLU A 123 25.00 -31.41 -50.04
C GLU A 123 23.60 -31.67 -50.56
N ILE A 124 22.88 -30.64 -51.00
CA ILE A 124 21.55 -30.86 -51.56
C ILE A 124 21.85 -31.22 -52.98
N ASN A 125 22.45 -30.24 -53.65
CA ASN A 125 22.84 -30.34 -55.05
C ASN A 125 21.64 -30.25 -56.02
N ALA A 126 21.31 -29.01 -56.35
CA ALA A 126 20.24 -28.72 -57.29
C ALA A 126 21.05 -28.43 -58.54
N ILE A 127 21.36 -29.49 -59.28
CA ILE A 127 22.17 -29.34 -60.48
C ILE A 127 21.62 -28.34 -61.50
N ASP A 128 20.50 -27.69 -61.18
CA ASP A 128 19.88 -26.73 -62.08
C ASP A 128 19.50 -25.45 -61.32
N GLY A 129 19.96 -25.38 -60.08
CA GLY A 129 19.66 -24.25 -59.23
C GLY A 129 18.32 -24.41 -58.54
N HIS A 130 17.48 -25.30 -59.06
CA HIS A 130 16.15 -25.54 -58.51
C HIS A 130 16.17 -26.53 -57.36
N VAL A 131 15.71 -26.05 -56.21
CA VAL A 131 15.65 -26.86 -55.03
C VAL A 131 14.21 -26.97 -54.60
N THR A 132 13.66 -28.17 -54.76
CA THR A 132 12.30 -28.48 -54.38
C THR A 132 12.13 -28.53 -52.85
N PHE A 133 10.89 -28.52 -52.39
CA PHE A 133 10.74 -28.60 -50.94
C PHE A 133 11.30 -29.95 -50.48
N GLU A 134 11.00 -30.99 -51.25
CA GLU A 134 11.45 -32.34 -50.93
C GLU A 134 12.94 -32.42 -50.71
N LYS A 135 13.68 -31.87 -51.66
CA LYS A 135 15.12 -31.89 -51.59
C LYS A 135 15.54 -31.10 -50.39
N PHE A 136 14.80 -30.03 -50.10
CA PHE A 136 15.11 -29.19 -48.95
C PHE A 136 14.82 -29.95 -47.65
N TRP A 137 13.62 -30.49 -47.56
CA TRP A 137 13.21 -31.24 -46.39
C TRP A 137 14.23 -32.33 -46.17
N ALA A 138 14.55 -33.09 -47.22
CA ALA A 138 15.52 -34.18 -47.07
C ALA A 138 16.82 -33.71 -46.46
N TRP A 139 17.29 -32.56 -46.91
CA TRP A 139 18.54 -31.99 -46.42
C TRP A 139 18.44 -31.50 -44.95
N TRP A 140 17.30 -30.92 -44.61
CA TRP A 140 17.11 -30.38 -43.28
C TRP A 140 17.18 -31.50 -42.24
N CYS A 141 16.43 -32.57 -42.49
CA CYS A 141 16.37 -33.72 -41.60
C CYS A 141 17.67 -34.48 -41.37
N SER A 142 18.58 -34.45 -42.33
CA SER A 142 19.87 -35.13 -42.22
C SER A 142 21.00 -34.29 -41.63
N HIS A 143 20.78 -32.98 -41.48
CA HIS A 143 21.79 -32.11 -40.90
C HIS A 143 21.14 -31.44 -39.72
N PRO A 144 20.78 -32.26 -38.73
CA PRO A 144 20.13 -31.74 -37.54
C PRO A 144 21.19 -30.91 -36.86
N VAL A 145 20.78 -29.91 -36.10
CA VAL A 145 21.76 -29.14 -35.39
C VAL A 145 21.26 -28.71 -34.04
N HIS A 146 22.01 -29.17 -33.04
CA HIS A 146 21.79 -28.88 -31.62
C HIS A 146 22.13 -27.38 -31.45
N SER A 147 21.17 -26.52 -31.80
CA SER A 147 21.33 -25.06 -31.76
C SER A 147 22.32 -24.51 -30.72
N ARG A 148 21.97 -24.56 -29.44
CA ARG A 148 22.84 -24.04 -28.38
C ARG A 148 23.46 -22.64 -28.68
N THR A 149 23.15 -22.07 -29.86
CA THR A 149 23.67 -20.76 -30.35
C THR A 149 25.19 -20.50 -30.14
N LYS A 150 26.01 -21.09 -31.01
CA LYS A 150 27.45 -20.96 -30.88
C LYS A 150 28.08 -19.56 -30.91
N CYS A 151 27.78 -18.76 -31.91
CA CYS A 151 28.43 -17.45 -31.99
C CYS A 151 27.67 -16.28 -31.38
N PHE A 152 28.24 -15.59 -30.38
CA PHE A 152 27.58 -14.46 -29.72
C PHE A 152 27.83 -13.18 -30.47
N SER A 153 26.83 -12.34 -30.63
CA SER A 153 27.05 -11.07 -31.29
C SER A 153 27.46 -10.04 -30.24
N MET A 154 28.52 -9.29 -30.55
CA MET A 154 29.03 -8.28 -29.61
C MET A 154 28.65 -6.87 -30.02
N VAL A 155 28.02 -6.75 -31.19
CA VAL A 155 27.61 -5.46 -31.69
C VAL A 155 26.87 -4.78 -30.55
N SER A 156 27.00 -3.46 -30.45
CA SER A 156 26.35 -2.68 -29.40
C SER A 156 26.68 -1.20 -29.54
N ALA A 157 25.87 -0.34 -28.95
CA ALA A 157 26.21 1.05 -29.02
C ALA A 157 27.34 1.04 -27.97
N ASP A 158 28.16 2.06 -27.89
CA ASP A 158 29.19 1.99 -26.88
C ASP A 158 29.15 3.28 -26.14
N PHE A 159 28.14 3.40 -25.28
CA PHE A 159 27.99 4.59 -24.47
C PHE A 159 28.94 4.48 -23.31
N SER A 160 29.65 5.57 -23.07
CA SER A 160 30.64 5.68 -21.99
C SER A 160 30.19 6.65 -20.88
N MET A 161 30.59 6.35 -19.65
CA MET A 161 30.31 7.20 -18.49
C MET A 161 31.62 7.60 -17.81
N PRO A 162 32.20 8.74 -18.23
CA PRO A 162 33.46 9.21 -17.65
C PRO A 162 33.27 9.61 -16.18
N TYR A 163 32.25 10.42 -15.92
CA TYR A 163 31.94 10.91 -14.60
C TYR A 163 31.78 9.82 -13.51
N HIS A 164 32.01 10.20 -12.25
CA HIS A 164 31.83 9.23 -11.18
C HIS A 164 30.56 9.53 -10.43
N GLN A 165 29.94 8.47 -9.94
CA GLN A 165 28.72 8.58 -9.15
C GLN A 165 29.08 9.23 -7.81
N GLN A 166 28.25 10.20 -7.41
CA GLN A 166 28.48 10.91 -6.15
C GLN A 166 27.42 10.52 -5.18
N GLN A 167 27.73 10.56 -3.88
CA GLN A 167 26.75 10.28 -2.82
C GLN A 167 26.57 11.58 -1.99
N LEU A 168 25.36 12.03 -1.78
CA LEU A 168 25.17 13.21 -0.97
C LEU A 168 25.29 12.77 0.48
N VAL A 169 26.10 13.53 1.22
CA VAL A 169 26.35 13.30 2.62
C VAL A 169 26.05 14.57 3.39
N VAL A 170 25.38 14.41 4.54
CA VAL A 170 25.04 15.55 5.42
C VAL A 170 25.62 15.37 6.82
N HIS A 171 26.39 16.36 7.25
CA HIS A 171 26.99 16.38 8.58
C HIS A 171 26.34 17.51 9.37
N GLU A 172 26.25 17.32 10.68
CA GLU A 172 25.67 18.30 11.57
C GLU A 172 26.75 18.94 12.40
N LYS A 173 26.68 20.26 12.56
CA LYS A 173 27.68 20.94 13.38
C LYS A 173 26.88 21.74 14.38
N GLY A 174 27.55 22.12 15.48
CA GLY A 174 26.90 22.91 16.51
C GLY A 174 25.83 22.16 17.25
N GLU A 175 25.08 22.90 18.04
CA GLU A 175 24.00 22.39 18.85
C GLU A 175 22.62 22.86 18.31
N MET A 176 21.72 21.90 18.06
CA MET A 176 20.42 22.27 17.57
C MET A 176 19.73 23.20 18.59
N TYR A 177 19.08 24.24 18.05
CA TYR A 177 18.36 25.30 18.78
C TYR A 177 19.31 26.34 19.32
N THR A 178 20.46 26.46 18.68
CA THR A 178 21.40 27.51 19.08
C THR A 178 21.92 28.05 17.74
N PRO A 179 22.49 29.27 17.74
CA PRO A 179 23.01 29.87 16.50
C PRO A 179 24.12 29.06 15.80
N SER A 180 24.72 28.08 16.48
CA SER A 180 25.80 27.31 15.85
C SER A 180 25.36 26.08 15.09
N TYR A 181 24.09 25.66 15.23
CA TYR A 181 23.70 24.48 14.49
C TYR A 181 23.83 24.69 12.97
N ARG A 182 24.35 23.69 12.28
CA ARG A 182 24.47 23.78 10.83
C ARG A 182 24.35 22.44 10.17
N VAL A 183 23.67 22.41 9.05
CA VAL A 183 23.52 21.19 8.29
C VAL A 183 24.36 21.43 7.02
N LEU A 184 25.52 20.78 6.97
CA LEU A 184 26.43 20.88 5.84
C LEU A 184 26.24 19.74 4.81
N TYR A 185 26.44 20.07 3.53
CA TYR A 185 26.31 19.13 2.41
C TYR A 185 27.64 18.82 1.72
N PHE A 186 27.79 17.55 1.32
CA PHE A 186 28.99 17.09 0.61
C PHE A 186 28.64 16.08 -0.49
N PHE A 187 29.56 15.88 -1.42
CA PHE A 187 29.43 14.84 -2.47
C PHE A 187 30.54 13.86 -2.18
N ARG A 188 30.22 12.60 -1.98
CA ARG A 188 31.31 11.65 -1.79
C ARG A 188 31.43 10.99 -3.16
N ASP A 189 32.65 10.88 -3.67
CA ASP A 189 32.88 10.20 -4.95
C ASP A 189 32.81 8.69 -4.57
N LEU A 190 31.87 7.95 -5.14
CA LEU A 190 31.75 6.54 -4.79
C LEU A 190 32.88 5.64 -5.28
N GLU A 191 33.76 6.20 -6.10
CA GLU A 191 34.90 5.45 -6.60
C GLU A 191 36.20 5.83 -5.86
N THR A 192 36.40 7.11 -5.63
CA THR A 192 37.60 7.56 -4.95
C THR A 192 37.45 7.61 -3.44
N GLY A 193 36.28 7.96 -2.94
CA GLY A 193 36.14 8.05 -1.52
C GLY A 193 36.27 9.51 -1.12
N ARG A 194 36.72 10.34 -2.05
CA ARG A 194 36.89 11.76 -1.76
C ARG A 194 35.59 12.52 -1.44
N GLU A 195 35.53 13.18 -0.28
CA GLU A 195 34.38 14.00 0.11
C GLU A 195 34.70 15.46 -0.22
N ARG A 196 33.72 16.16 -0.78
CA ARG A 196 33.90 17.54 -1.23
C ARG A 196 32.64 18.32 -0.89
N GLN A 197 32.76 19.46 -0.20
CA GLN A 197 31.57 20.20 0.20
C GLN A 197 30.85 20.84 -0.95
N VAL A 198 29.51 20.76 -0.91
CA VAL A 198 28.66 21.30 -1.95
C VAL A 198 27.60 22.21 -1.32
N SER A 199 26.84 22.93 -2.15
CA SER A 199 25.77 23.79 -1.66
C SER A 199 24.42 23.11 -1.97
N PRO A 200 23.61 22.84 -0.94
CA PRO A 200 22.36 22.19 -1.29
C PRO A 200 21.65 23.01 -2.36
N TRP A 201 21.73 24.32 -2.20
CA TRP A 201 21.06 25.17 -3.16
C TRP A 201 21.61 25.09 -4.59
N HIS A 202 22.91 25.24 -4.76
CA HIS A 202 23.49 25.24 -6.10
C HIS A 202 23.92 23.93 -6.76
N ASP A 203 24.33 22.96 -5.95
CA ASP A 203 24.81 21.71 -6.49
C ASP A 203 23.90 20.47 -6.58
N ILE A 204 22.88 20.36 -5.73
CA ILE A 204 21.96 19.24 -5.82
C ILE A 204 21.11 19.49 -7.10
N PRO A 205 21.00 18.49 -7.99
CA PRO A 205 20.20 18.70 -9.21
C PRO A 205 18.73 18.90 -8.92
N LEU A 206 18.11 19.79 -9.68
CA LEU A 206 16.70 20.04 -9.52
C LEU A 206 15.86 18.89 -10.05
N TYR A 207 16.16 18.48 -11.27
CA TYR A 207 15.49 17.39 -11.94
C TYR A 207 16.27 16.11 -11.64
N VAL A 208 15.57 15.05 -11.26
CA VAL A 208 16.24 13.77 -10.99
C VAL A 208 16.21 13.04 -12.31
N ARG A 209 17.37 12.75 -12.90
CA ARG A 209 17.41 12.05 -14.19
C ARG A 209 18.15 10.70 -14.10
N ASP A 210 17.68 9.72 -14.86
CA ASP A 210 18.30 8.39 -14.88
C ASP A 210 19.31 8.46 -16.02
N LEU A 211 20.36 7.65 -15.96
CA LEU A 211 21.32 7.61 -17.07
C LEU A 211 20.52 7.07 -18.27
N VAL A 212 19.88 5.92 -18.07
CA VAL A 212 19.02 5.32 -19.09
C VAL A 212 17.63 5.18 -18.45
N ARG A 213 16.68 5.89 -19.04
CA ARG A 213 15.34 5.82 -18.53
C ARG A 213 14.69 4.58 -19.11
N THR A 214 14.23 3.69 -18.25
CA THR A 214 13.60 2.51 -18.75
C THR A 214 12.11 2.69 -18.56
N LYS A 215 11.74 3.61 -17.68
CA LYS A 215 10.32 3.94 -17.47
C LYS A 215 9.78 4.15 -18.89
N PRO A 216 8.48 3.98 -19.08
CA PRO A 216 7.90 4.15 -20.41
C PRO A 216 8.03 5.57 -20.93
N GLU A 217 8.35 5.70 -22.22
CA GLU A 217 8.50 7.01 -22.89
C GLU A 217 7.18 7.81 -22.92
N ALA A 218 6.08 7.09 -23.01
CA ALA A 218 4.75 7.68 -23.02
C ALA A 218 4.47 8.32 -21.65
N THR A 219 5.41 8.21 -20.73
CA THR A 219 5.13 8.81 -19.43
C THR A 219 6.01 10.02 -19.22
N PRO A 220 5.39 11.21 -19.14
CA PRO A 220 6.14 12.45 -18.92
C PRO A 220 6.86 12.34 -17.58
N MET A 221 8.05 12.92 -17.51
CA MET A 221 8.82 12.82 -16.28
C MET A 221 8.30 13.83 -15.27
N ASN A 222 8.37 13.46 -13.99
CA ASN A 222 7.94 14.34 -12.91
C ASN A 222 8.67 13.85 -11.66
N ARG A 223 9.97 14.16 -11.60
CA ARG A 223 10.79 13.74 -10.48
C ARG A 223 11.78 14.83 -10.11
N TYR A 224 11.54 15.46 -8.97
CA TYR A 224 12.37 16.55 -8.54
C TYR A 224 13.02 16.33 -7.18
N ASN A 225 14.14 17.01 -6.94
CA ASN A 225 14.78 16.95 -5.63
C ASN A 225 14.23 18.05 -4.73
N PHE A 226 13.80 17.69 -3.54
CA PHE A 226 13.23 18.64 -2.59
C PHE A 226 14.10 18.58 -1.30
N ILE A 227 14.52 19.76 -0.86
CA ILE A 227 15.35 19.89 0.34
C ILE A 227 14.44 20.23 1.50
N CYS A 228 14.42 19.39 2.53
CA CYS A 228 13.53 19.70 3.64
C CYS A 228 14.09 20.69 4.64
N GLU A 229 13.39 21.77 4.86
CA GLU A 229 13.89 22.69 5.86
C GLU A 229 13.19 22.46 7.20
N ILE A 230 11.86 22.46 7.22
CA ILE A 230 11.12 22.26 8.47
C ILE A 230 10.38 20.96 8.43
N PRO A 231 10.84 19.96 9.21
CA PRO A 231 10.18 18.65 9.25
C PRO A 231 8.69 18.69 9.71
N LYS A 232 7.92 17.77 9.13
CA LYS A 232 6.50 17.56 9.40
C LYS A 232 6.31 17.51 10.91
N TRP A 233 5.31 18.24 11.38
CA TRP A 233 4.94 18.33 12.78
C TRP A 233 5.90 19.12 13.66
N THR A 234 6.75 19.95 13.08
CA THR A 234 7.65 20.80 13.87
C THR A 234 7.38 22.31 13.60
N ARG A 235 7.96 23.18 14.41
CA ARG A 235 7.71 24.61 14.20
C ARG A 235 9.01 25.45 14.32
N ALA A 236 10.15 24.79 14.48
CA ALA A 236 11.42 25.50 14.56
C ALA A 236 11.79 25.96 13.15
N LYS A 237 12.13 27.24 13.04
CA LYS A 237 12.44 27.82 11.75
C LYS A 237 13.83 27.54 11.22
N PHE A 238 13.92 26.58 10.34
CA PHE A 238 15.18 26.29 9.74
C PHE A 238 15.11 26.81 8.30
N GLU A 239 16.24 27.22 7.76
CA GLU A 239 16.24 27.68 6.37
C GLU A 239 17.59 27.47 5.70
N ILE A 240 17.54 27.36 4.38
CA ILE A 240 18.74 27.22 3.60
C ILE A 240 19.34 28.63 3.73
N ALA A 241 20.58 28.73 4.19
CA ALA A 241 21.26 30.02 4.36
C ALA A 241 21.81 30.51 3.02
N THR A 242 20.98 31.23 2.30
CA THR A 242 21.33 31.73 1.00
C THR A 242 22.56 32.66 1.09
N GLY A 243 22.60 33.51 2.08
CA GLY A 243 23.76 34.37 2.22
C GLY A 243 25.07 33.75 2.72
N GLU A 244 25.07 32.48 3.15
CA GLU A 244 26.32 31.89 3.65
C GLU A 244 26.95 30.98 2.62
N SER A 245 28.27 30.85 2.64
CA SER A 245 28.83 30.05 1.60
C SER A 245 28.52 28.62 1.86
N PHE A 246 28.15 27.96 0.75
CA PHE A 246 27.77 26.56 0.71
C PHE A 246 26.40 26.38 1.28
N ASN A 247 25.68 27.49 1.36
CA ASN A 247 24.31 27.52 1.86
C ASN A 247 23.82 26.34 2.72
N PRO A 248 24.40 26.14 3.90
CA PRO A 248 23.98 25.05 4.78
C PRO A 248 22.67 25.42 5.44
N ILE A 249 21.99 24.44 6.02
CA ILE A 249 20.79 24.74 6.75
C ILE A 249 21.23 25.35 8.08
N LYS A 250 20.45 26.34 8.55
CA LYS A 250 20.62 27.05 9.85
C LYS A 250 19.25 27.45 10.40
N GLN A 251 19.21 27.80 11.68
CA GLN A 251 17.92 28.19 12.26
C GLN A 251 17.84 29.69 12.30
N ASP A 252 16.62 30.19 12.22
CA ASP A 252 16.38 31.61 12.29
C ASP A 252 16.58 32.03 13.78
N ILE A 253 17.43 33.04 14.00
CA ILE A 253 17.67 33.55 15.34
C ILE A 253 17.39 35.08 15.40
N LYS A 254 16.75 35.54 16.47
CA LYS A 254 16.46 36.97 16.62
C LYS A 254 16.75 37.39 18.03
N ASN A 255 17.80 38.18 18.14
CA ASN A 255 18.27 38.72 19.40
C ASN A 255 18.71 37.55 20.24
N GLY A 256 19.44 36.62 19.65
CA GLY A 256 19.93 35.47 20.40
C GLY A 256 18.89 34.39 20.78
N VAL A 257 17.64 34.60 20.43
CA VAL A 257 16.65 33.61 20.77
C VAL A 257 16.23 32.86 19.51
N PRO A 258 16.13 31.53 19.60
CA PRO A 258 15.74 30.64 18.48
C PRO A 258 14.27 30.95 18.05
N ARG A 259 14.05 31.15 16.76
CA ARG A 259 12.71 31.45 16.25
C ARG A 259 11.88 30.20 15.91
N PHE A 260 10.58 30.32 16.18
CA PHE A 260 9.60 29.25 15.94
C PHE A 260 8.35 29.86 15.30
N TYR A 261 7.55 29.03 14.66
CA TYR A 261 6.32 29.53 14.12
C TYR A 261 5.44 29.57 15.37
N LYS A 262 4.71 30.66 15.58
CA LYS A 262 3.88 30.71 16.76
C LYS A 262 2.46 30.28 16.45
N HIS A 263 2.11 30.30 15.17
CA HIS A 263 0.78 29.93 14.74
C HIS A 263 0.44 28.44 15.04
N GLY A 264 1.49 27.60 15.04
CA GLY A 264 1.37 26.18 15.29
C GLY A 264 2.35 25.43 14.41
N ASP A 265 2.54 24.14 14.63
CA ASP A 265 3.48 23.35 13.83
C ASP A 265 3.15 23.30 12.33
N MET A 266 4.19 23.21 11.49
CA MET A 266 3.99 23.06 10.06
C MET A 266 3.57 21.58 10.02
N MET A 267 2.47 21.28 9.34
CA MET A 267 1.91 19.92 9.31
C MET A 267 2.28 18.96 8.18
N TRP A 268 3.21 19.43 7.34
CA TRP A 268 3.73 18.68 6.21
C TRP A 268 5.22 19.00 6.17
N ASN A 269 6.00 18.24 5.40
CA ASN A 269 7.41 18.52 5.28
C ASN A 269 7.46 19.77 4.41
N TYR A 270 8.17 20.78 4.89
CA TYR A 270 8.25 22.06 4.24
C TYR A 270 9.70 22.36 3.85
N GLY A 271 9.93 22.65 2.58
CA GLY A 271 11.29 22.91 2.16
C GLY A 271 11.44 23.71 0.88
N ALA A 272 12.48 23.42 0.14
CA ALA A 272 12.69 24.19 -1.08
C ALA A 272 13.28 23.36 -2.18
N PHE A 273 13.20 23.88 -3.40
CA PHE A 273 13.77 23.20 -4.57
C PHE A 273 15.12 23.75 -4.91
N PRO A 274 16.14 22.88 -4.91
CA PRO A 274 17.47 23.40 -5.25
C PRO A 274 17.50 23.99 -6.70
N GLN A 275 18.46 24.86 -6.98
CA GLN A 275 18.59 25.49 -8.30
C GLN A 275 17.37 26.26 -8.74
N THR A 276 16.74 26.98 -7.83
CA THR A 276 15.62 27.80 -8.25
C THR A 276 15.80 29.15 -7.65
N TRP A 277 15.06 30.12 -8.18
CA TRP A 277 15.21 31.47 -7.69
C TRP A 277 14.11 32.38 -8.22
N GLU A 278 13.56 33.21 -7.34
CA GLU A 278 12.53 34.17 -7.71
C GLU A 278 13.18 35.53 -7.45
N SER A 279 13.49 36.30 -8.48
CA SER A 279 14.14 37.58 -8.24
C SER A 279 13.17 38.74 -8.10
N THR A 280 13.56 39.72 -7.31
CA THR A 280 12.74 40.89 -7.09
C THR A 280 12.78 41.76 -8.31
N GLU A 281 13.36 41.26 -9.40
CA GLU A 281 13.43 42.09 -10.58
C GLU A 281 12.60 41.60 -11.76
N VAL A 282 11.93 40.47 -11.60
CA VAL A 282 11.11 39.96 -12.69
C VAL A 282 9.64 39.99 -12.26
N LEU A 283 8.82 40.66 -13.07
CA LEU A 283 7.40 40.77 -12.78
C LEU A 283 6.67 39.45 -13.01
N PHE A 284 5.45 39.38 -12.49
CA PHE A 284 4.60 38.21 -12.67
C PHE A 284 3.22 38.74 -13.05
N GLU A 285 2.94 39.93 -12.55
CA GLU A 285 1.67 40.61 -12.78
C GLU A 285 2.04 42.08 -12.64
N ALA A 286 1.05 42.94 -12.46
CA ALA A 286 1.30 44.38 -12.30
C ALA A 286 1.75 44.70 -10.87
N GLY A 287 3.01 45.09 -10.73
CA GLY A 287 3.53 45.39 -9.41
C GLY A 287 3.69 44.13 -8.58
N VAL A 288 3.97 43.03 -9.28
CA VAL A 288 4.17 41.70 -8.68
C VAL A 288 5.54 41.14 -9.04
N THR A 289 6.43 41.11 -8.06
CA THR A 289 7.80 40.66 -8.24
C THR A 289 8.06 39.26 -7.67
N GLY A 290 9.32 38.94 -7.41
CA GLY A 290 9.67 37.64 -6.86
C GLY A 290 10.11 37.71 -5.40
N ASP A 291 9.94 36.60 -4.69
CA ASP A 291 10.30 36.52 -3.28
C ASP A 291 11.80 36.78 -3.02
N ASN A 292 12.63 36.54 -4.03
CA ASN A 292 14.09 36.70 -3.91
C ASN A 292 14.61 35.58 -2.98
N ASP A 293 14.07 34.38 -3.23
CA ASP A 293 14.38 33.18 -2.48
C ASP A 293 14.16 32.00 -3.42
N PRO A 294 14.56 30.77 -2.99
CA PRO A 294 14.33 29.62 -3.86
C PRO A 294 12.82 29.35 -3.73
N VAL A 295 12.21 28.65 -4.66
CA VAL A 295 10.78 28.35 -4.56
C VAL A 295 10.51 27.36 -3.40
N ASP A 296 9.56 27.70 -2.53
CA ASP A 296 9.23 26.87 -1.38
C ASP A 296 8.33 25.72 -1.79
N ALA A 297 8.37 24.61 -1.04
CA ALA A 297 7.54 23.45 -1.34
C ALA A 297 6.94 22.77 -0.10
N VAL A 298 5.74 22.24 -0.26
CA VAL A 298 5.08 21.51 0.83
C VAL A 298 4.91 20.06 0.37
N GLU A 299 5.67 19.09 0.94
CA GLU A 299 5.50 17.71 0.51
C GLU A 299 4.57 17.07 1.56
N ILE A 300 3.50 16.45 1.02
CA ILE A 300 2.41 15.86 1.78
C ILE A 300 2.38 14.34 2.16
N GLY A 301 3.46 13.62 1.94
CA GLY A 301 3.45 12.22 2.31
C GLY A 301 3.25 12.04 3.81
N MET A 302 2.98 10.81 4.22
CA MET A 302 2.72 10.50 5.62
C MET A 302 4.01 10.50 6.45
N THR A 303 5.16 10.48 5.79
CA THR A 303 6.45 10.42 6.50
C THR A 303 7.23 11.74 6.74
N GLN A 304 7.65 11.95 7.99
CA GLN A 304 8.42 13.13 8.38
C GLN A 304 9.91 12.92 8.06
N PHE A 305 10.55 13.87 7.39
CA PHE A 305 11.98 13.76 7.08
C PHE A 305 12.77 14.46 8.21
N LYS A 306 14.10 14.26 8.27
CA LYS A 306 14.97 14.94 9.24
C LYS A 306 15.26 16.37 8.69
N VAL A 307 15.78 17.30 9.52
CA VAL A 307 16.07 18.64 8.98
C VAL A 307 17.06 18.54 7.81
N GLY A 308 16.76 19.16 6.68
CA GLY A 308 17.68 19.12 5.57
C GLY A 308 17.86 17.81 4.83
N GLN A 309 16.94 16.89 5.03
CA GLN A 309 17.01 15.61 4.33
C GLN A 309 16.57 15.87 2.90
N VAL A 310 17.22 15.23 1.92
CA VAL A 310 16.84 15.44 0.53
C VAL A 310 16.03 14.26 -0.06
N SER A 311 15.00 14.59 -0.83
CA SER A 311 14.16 13.54 -1.40
C SER A 311 13.54 13.85 -2.75
N ALA A 312 13.41 12.80 -3.55
CA ALA A 312 12.79 12.93 -4.85
C ALA A 312 11.29 12.99 -4.60
N VAL A 313 10.62 13.95 -5.22
CA VAL A 313 9.20 14.12 -5.05
C VAL A 313 8.61 14.31 -6.43
N LYS A 314 7.29 14.15 -6.52
CA LYS A 314 6.55 14.32 -7.75
C LYS A 314 5.71 15.57 -7.49
N VAL A 315 5.80 16.53 -8.41
CA VAL A 315 5.06 17.79 -8.25
C VAL A 315 3.56 17.70 -8.61
N LEU A 316 2.68 18.27 -7.78
CA LEU A 316 1.27 18.18 -8.10
C LEU A 316 0.55 19.51 -8.38
N GLY A 317 1.13 20.61 -7.92
CA GLY A 317 0.49 21.88 -8.18
C GLY A 317 1.10 22.97 -7.33
N VAL A 318 0.54 24.16 -7.39
CA VAL A 318 1.09 25.22 -6.60
C VAL A 318 0.01 26.16 -6.16
N LEU A 319 0.27 26.84 -5.06
CA LEU A 319 -0.65 27.81 -4.48
C LEU A 319 0.17 29.09 -4.50
N GLY A 320 -0.46 30.21 -4.81
CA GLY A 320 0.29 31.47 -4.90
C GLY A 320 -0.07 32.55 -3.91
N MET A 321 0.86 32.89 -3.05
CA MET A 321 0.60 33.89 -2.04
C MET A 321 1.30 35.20 -2.39
N ILE A 322 0.55 36.30 -2.41
CA ILE A 322 1.15 37.60 -2.70
C ILE A 322 1.35 38.31 -1.38
N ASP A 323 2.50 38.96 -1.21
CA ASP A 323 2.77 39.70 0.01
C ASP A 323 3.72 40.87 -0.25
N GLU A 324 3.16 42.08 -0.21
CA GLU A 324 3.94 43.29 -0.43
C GLU A 324 4.46 43.23 -1.87
N GLY A 325 3.53 43.14 -2.82
CA GLY A 325 3.93 43.09 -4.22
C GLY A 325 4.86 41.97 -4.66
N GLU A 326 5.06 40.97 -3.80
CA GLU A 326 5.93 39.83 -4.14
C GLU A 326 5.14 38.54 -4.17
N MET A 327 5.44 37.69 -5.13
CA MET A 327 4.77 36.41 -5.26
C MET A 327 5.48 35.37 -4.39
N ASP A 328 4.72 34.66 -3.55
CA ASP A 328 5.31 33.63 -2.68
C ASP A 328 4.70 32.25 -3.00
N TRP A 329 5.23 31.60 -4.03
CA TRP A 329 4.77 30.27 -4.45
C TRP A 329 4.98 29.19 -3.40
N LYS A 330 3.96 28.36 -3.20
CA LYS A 330 4.03 27.24 -2.27
C LYS A 330 3.64 26.03 -3.11
N VAL A 331 4.61 25.25 -3.55
CA VAL A 331 4.32 24.06 -4.36
C VAL A 331 3.94 22.80 -3.54
N VAL A 332 2.91 22.12 -4.03
CA VAL A 332 2.44 20.92 -3.41
C VAL A 332 3.03 19.78 -4.22
N CYS A 333 3.78 18.92 -3.52
CA CYS A 333 4.44 17.77 -4.12
C CYS A 333 4.38 16.59 -3.17
N ILE A 334 4.84 15.42 -3.64
CA ILE A 334 4.82 14.23 -2.82
C ILE A 334 6.00 13.26 -3.02
N SER A 335 6.57 12.80 -1.91
CA SER A 335 7.70 11.87 -1.90
C SER A 335 7.36 10.64 -2.75
N HIS A 336 8.19 10.31 -3.71
CA HIS A 336 7.92 9.14 -4.55
C HIS A 336 7.89 7.93 -3.69
N SER A 337 8.42 8.07 -2.48
CA SER A 337 8.43 6.95 -1.58
C SER A 337 7.14 6.69 -0.87
N ASP A 338 6.18 7.59 -1.03
CA ASP A 338 4.90 7.46 -0.34
C ASP A 338 3.99 6.40 -0.94
N PRO A 339 3.24 5.69 -0.06
CA PRO A 339 2.33 4.62 -0.49
C PRO A 339 1.23 5.05 -1.47
N ILE A 340 0.78 6.30 -1.44
CA ILE A 340 -0.25 6.72 -2.38
C ILE A 340 0.32 7.57 -3.51
N CYS A 341 1.62 7.75 -3.52
CA CYS A 341 2.25 8.58 -4.55
C CYS A 341 1.76 8.28 -5.98
N HIS A 342 1.67 6.98 -6.30
CA HIS A 342 1.24 6.56 -7.62
C HIS A 342 -0.14 7.07 -8.06
N PHE A 343 -1.05 7.20 -7.10
CA PHE A 343 -2.41 7.62 -7.35
C PHE A 343 -2.74 9.10 -7.50
N LEU A 344 -1.81 9.96 -7.11
CA LEU A 344 -2.03 11.38 -7.23
C LEU A 344 -1.38 11.78 -8.55
N ARG A 345 -2.16 11.97 -9.60
CA ARG A 345 -1.50 12.34 -10.83
C ARG A 345 -1.60 13.83 -11.07
N ASP A 346 -2.44 14.49 -10.28
CA ASP A 346 -2.56 15.92 -10.43
C ASP A 346 -3.22 16.49 -9.18
N ILE A 347 -3.16 17.81 -9.04
CA ILE A 347 -3.70 18.49 -7.88
C ILE A 347 -5.08 18.02 -7.47
N HIS A 348 -5.92 17.66 -8.45
CA HIS A 348 -7.31 17.18 -8.23
C HIS A 348 -7.40 15.82 -7.49
N ASP A 349 -6.33 15.05 -7.46
CA ASP A 349 -6.33 13.75 -6.80
C ASP A 349 -6.14 13.87 -5.29
N VAL A 350 -5.48 14.95 -4.89
CA VAL A 350 -5.21 15.16 -3.48
C VAL A 350 -6.48 15.13 -2.62
N PRO A 351 -7.53 15.85 -3.04
CA PRO A 351 -8.78 15.88 -2.27
C PRO A 351 -9.46 14.53 -2.26
N LYS A 352 -9.03 13.69 -3.19
CA LYS A 352 -9.64 12.37 -3.28
C LYS A 352 -8.92 11.34 -2.42
N PHE A 353 -7.64 11.52 -2.14
CA PHE A 353 -6.93 10.55 -1.31
C PHE A 353 -6.56 11.10 0.04
N LEU A 354 -6.46 12.42 0.12
CA LEU A 354 -6.10 13.11 1.34
C LEU A 354 -7.04 14.32 1.44
N PRO A 355 -8.31 14.06 1.71
CA PRO A 355 -9.28 15.14 1.82
C PRO A 355 -8.92 15.99 3.02
N GLY A 356 -9.16 17.29 2.87
CA GLY A 356 -8.86 18.27 3.91
C GLY A 356 -7.48 18.85 3.70
N CYS A 357 -6.60 18.07 3.08
CA CYS A 357 -5.23 18.50 2.90
C CYS A 357 -5.03 19.83 2.15
N LEU A 358 -5.60 20.01 0.98
CA LEU A 358 -5.39 21.29 0.32
C LEU A 358 -6.01 22.38 1.16
N ASP A 359 -7.18 22.11 1.75
CA ASP A 359 -7.88 23.10 2.58
C ASP A 359 -6.98 23.58 3.70
N ALA A 360 -6.44 22.61 4.45
CA ALA A 360 -5.60 22.84 5.61
C ALA A 360 -4.33 23.60 5.23
N ILE A 361 -3.62 23.12 4.20
CA ILE A 361 -2.40 23.81 3.71
C ILE A 361 -2.76 25.28 3.40
N ARG A 362 -3.79 25.49 2.57
CA ARG A 362 -4.19 26.86 2.24
C ARG A 362 -4.62 27.65 3.47
N GLU A 363 -5.41 27.03 4.34
CA GLU A 363 -5.84 27.72 5.55
C GLU A 363 -4.62 28.10 6.37
N TRP A 364 -3.67 27.18 6.52
CA TRP A 364 -2.47 27.50 7.31
C TRP A 364 -1.81 28.78 6.84
N PHE A 365 -1.43 28.84 5.56
CA PHE A 365 -0.79 30.03 5.00
C PHE A 365 -1.73 31.24 4.97
N ARG A 366 -3.03 31.01 4.93
CA ARG A 366 -3.91 32.15 4.94
C ARG A 366 -3.84 32.87 6.26
N VAL A 367 -3.56 32.14 7.34
CA VAL A 367 -3.64 32.79 8.62
C VAL A 367 -2.46 32.78 9.56
N TYR A 368 -1.41 32.03 9.27
CA TYR A 368 -0.27 31.98 10.19
C TYR A 368 0.29 33.32 10.73
N LYS A 369 -0.04 34.45 10.13
CA LYS A 369 0.52 35.70 10.64
C LYS A 369 -0.39 36.42 11.63
N ILE A 370 -1.64 36.04 11.64
CA ILE A 370 -2.57 36.67 12.53
C ILE A 370 -2.15 36.54 14.00
N CYS A 371 -1.59 35.38 14.37
CA CYS A 371 -1.12 35.08 15.72
C CYS A 371 -0.27 36.20 16.30
N GLN A 372 0.68 36.68 15.49
CA GLN A 372 1.58 37.79 15.84
C GLN A 372 1.02 39.15 15.35
N GLY A 373 -0.28 39.36 15.47
CA GLY A 373 -0.85 40.62 15.05
C GLY A 373 -0.78 41.00 13.59
N GLY A 374 -0.78 40.02 12.69
CA GLY A 374 -0.71 40.36 11.27
C GLY A 374 -2.11 40.31 10.74
N GLU A 375 -2.25 40.30 9.43
CA GLU A 375 -3.58 40.22 8.84
C GLU A 375 -3.59 38.93 8.03
N ALA A 376 -4.75 38.50 7.54
CA ALA A 376 -4.81 37.29 6.72
C ALA A 376 -4.04 37.53 5.43
N SER A 377 -3.47 36.48 4.86
CA SER A 377 -2.72 36.61 3.63
C SER A 377 -3.57 36.89 2.41
N HIS A 378 -2.96 37.41 1.36
CA HIS A 378 -3.71 37.64 0.13
C HIS A 378 -3.21 36.58 -0.84
N PHE A 379 -4.08 35.92 -1.60
CA PHE A 379 -3.62 34.91 -2.56
C PHE A 379 -3.82 35.36 -4.01
N ALA A 380 -3.28 34.58 -4.95
CA ALA A 380 -3.44 34.85 -6.37
C ALA A 380 -4.51 33.88 -6.87
N PHE A 381 -5.23 34.28 -7.92
CA PHE A 381 -6.28 33.44 -8.46
C PHE A 381 -7.18 33.03 -7.30
N ASP A 382 -7.44 33.96 -6.39
CA ASP A 382 -8.31 33.65 -5.28
C ASP A 382 -7.93 32.40 -4.51
N GLY A 383 -6.64 32.13 -4.40
CA GLY A 383 -6.22 30.95 -3.68
C GLY A 383 -6.49 29.62 -4.36
N GLU A 384 -6.71 29.60 -5.67
CA GLU A 384 -6.94 28.33 -6.35
C GLU A 384 -5.60 27.63 -6.40
N PHE A 385 -5.61 26.30 -6.40
CA PHE A 385 -4.40 25.53 -6.51
C PHE A 385 -4.20 25.22 -8.02
N LYS A 386 -3.18 25.79 -8.62
CA LYS A 386 -2.94 25.54 -10.03
C LYS A 386 -2.54 24.09 -10.14
N ASP A 387 -2.70 23.53 -11.33
CA ASP A 387 -2.35 22.13 -11.60
C ASP A 387 -0.84 21.94 -11.73
N LYS A 388 -0.43 20.68 -11.91
CA LYS A 388 0.98 20.39 -11.97
C LYS A 388 1.68 20.97 -13.22
N GLU A 389 0.91 21.17 -14.27
CA GLU A 389 1.46 21.73 -15.49
C GLU A 389 1.81 23.14 -15.11
N TYR A 390 0.91 23.81 -14.41
CA TYR A 390 1.19 25.16 -13.99
C TYR A 390 2.38 25.22 -13.02
N ALA A 391 2.37 24.34 -12.01
CA ALA A 391 3.46 24.29 -11.04
C ALA A 391 4.78 24.08 -11.78
N MET A 392 4.81 23.07 -12.67
CA MET A 392 6.00 22.76 -13.45
C MET A 392 6.47 23.93 -14.32
N LYS A 393 5.58 24.76 -14.84
CA LYS A 393 6.03 25.92 -15.60
C LYS A 393 6.73 26.85 -14.59
N VAL A 394 6.08 27.12 -13.44
CA VAL A 394 6.68 27.97 -12.41
C VAL A 394 8.08 27.49 -12.03
N ILE A 395 8.24 26.17 -11.85
CA ILE A 395 9.54 25.64 -11.47
C ILE A 395 10.61 25.82 -12.51
N ASP A 396 10.31 25.51 -13.78
CA ASP A 396 11.28 25.66 -14.89
C ASP A 396 11.71 27.12 -15.04
N GLU A 397 10.73 28.02 -14.86
CA GLU A 397 11.02 29.44 -14.92
C GLU A 397 12.01 29.74 -13.81
N SER A 398 11.71 29.24 -12.62
CA SER A 398 12.54 29.47 -11.45
C SER A 398 13.99 29.03 -11.64
N HIS A 399 14.18 28.00 -12.45
CA HIS A 399 15.48 27.42 -12.75
C HIS A 399 16.25 28.39 -13.65
N ASN A 400 15.54 28.99 -14.60
CA ASN A 400 16.13 29.99 -15.49
C ASN A 400 16.49 31.26 -14.71
N MET A 401 15.64 31.67 -13.77
CA MET A 401 16.04 32.84 -13.01
C MET A 401 17.31 32.41 -12.25
N TRP A 402 17.35 31.17 -11.78
CA TRP A 402 18.53 30.65 -11.06
C TRP A 402 19.71 30.66 -11.99
N HIS A 403 19.51 30.15 -13.21
CA HIS A 403 20.61 30.15 -14.19
C HIS A 403 21.03 31.62 -14.48
N ASN A 404 20.09 32.55 -14.51
CA ASN A 404 20.46 33.93 -14.75
C ASN A 404 21.09 34.53 -13.53
N LEU A 405 20.64 34.16 -12.35
CA LEU A 405 21.25 34.72 -11.15
C LEU A 405 22.73 34.35 -11.09
N ARG A 406 23.10 33.23 -11.67
CA ARG A 406 24.50 32.85 -11.64
C ARG A 406 25.32 33.58 -12.71
N LYS A 407 24.72 33.81 -13.88
CA LYS A 407 25.37 34.49 -15.00
C LYS A 407 25.59 35.96 -14.70
N VAL A 408 24.58 36.62 -14.14
CA VAL A 408 24.67 38.04 -13.82
C VAL A 408 25.82 38.19 -12.85
N ASN A 409 25.93 37.23 -11.93
CA ASN A 409 27.00 37.28 -10.96
C ASN A 409 28.26 36.63 -11.50
N ALA B 20 14.51 4.93 17.37
CA ALA B 20 13.21 4.21 17.14
C ALA B 20 12.51 3.95 18.50
N SER B 21 12.82 2.82 19.13
CA SER B 21 12.25 2.48 20.43
C SER B 21 12.53 3.67 21.37
N ALA B 22 13.36 4.58 20.91
CA ALA B 22 13.64 5.74 21.71
C ALA B 22 12.35 6.55 21.79
N GLU B 23 11.59 6.55 20.69
CA GLU B 23 10.34 7.31 20.63
C GLU B 23 9.32 6.73 21.58
N VAL B 24 9.36 5.41 21.72
CA VAL B 24 8.42 4.71 22.56
C VAL B 24 8.72 4.83 24.03
N ALA B 25 10.01 4.83 24.37
CA ALA B 25 10.46 4.88 25.75
C ALA B 25 10.28 6.16 26.53
N GLY B 26 10.25 5.99 27.84
CA GLY B 26 10.12 7.13 28.74
C GLY B 26 11.18 8.16 28.43
N LEU B 27 10.93 9.38 28.85
CA LEU B 27 11.91 10.42 28.58
C LEU B 27 12.69 10.87 29.79
N PRO B 28 13.95 11.29 29.56
CA PRO B 28 14.80 11.77 30.65
C PRO B 28 14.11 12.98 31.30
N VAL B 29 14.06 13.00 32.62
CA VAL B 29 13.40 14.09 33.33
C VAL B 29 13.72 15.51 32.81
N SER B 30 14.91 15.69 32.22
CA SER B 30 15.30 16.98 31.65
C SER B 30 14.47 17.28 30.38
N ALA B 31 14.24 16.26 29.56
CA ALA B 31 13.43 16.40 28.35
C ALA B 31 12.00 16.74 28.71
N LEU B 32 11.45 16.08 29.72
CA LEU B 32 10.07 16.33 30.14
C LEU B 32 9.84 17.74 30.68
N HIS B 33 10.81 18.22 31.44
CA HIS B 33 10.78 19.53 32.07
C HIS B 33 11.05 20.67 31.08
N GLY B 34 11.84 20.37 30.07
CA GLY B 34 12.21 21.37 29.09
C GLY B 34 13.59 21.86 29.44
N THR B 35 14.38 22.17 28.42
CA THR B 35 15.73 22.69 28.63
C THR B 35 15.77 24.21 28.43
N ASN B 36 16.91 24.81 28.72
CA ASN B 36 17.13 26.25 28.61
C ASN B 36 17.85 26.60 27.34
N ILE B 37 17.88 27.88 27.02
CA ILE B 37 18.51 28.37 25.78
C ILE B 37 19.99 28.25 25.88
N SER B 38 20.57 27.40 25.05
CA SER B 38 22.00 27.18 25.09
C SER B 38 22.80 28.22 24.33
N THR B 39 24.08 28.27 24.66
CA THR B 39 25.00 29.21 24.05
C THR B 39 25.40 28.66 22.67
N GLY B 40 25.41 27.32 22.58
CA GLY B 40 25.76 26.66 21.35
C GLY B 40 27.25 26.65 21.08
N ARG B 41 27.97 27.43 21.85
CA ARG B 41 29.40 27.47 21.69
C ARG B 41 29.91 26.25 22.42
N GLY B 42 28.99 25.41 22.86
CA GLY B 42 29.40 24.21 23.58
C GLY B 42 29.80 24.56 25.00
N SER B 43 30.58 23.68 25.61
CA SER B 43 31.04 23.86 26.99
C SER B 43 31.87 25.14 27.19
N GLU B 44 32.13 25.84 26.07
CA GLU B 44 32.88 27.12 26.03
C GLU B 44 32.06 28.23 26.75
N ALA B 45 30.84 27.87 27.14
CA ALA B 45 29.94 28.77 27.86
C ALA B 45 29.63 28.12 29.22
N ASP B 46 29.57 28.96 30.25
CA ASP B 46 29.27 28.51 31.61
C ASP B 46 27.76 28.13 31.68
N VAL B 47 27.46 26.93 32.18
CA VAL B 47 26.07 26.46 32.31
C VAL B 47 25.34 27.49 33.17
N ALA B 48 24.15 27.88 32.73
CA ALA B 48 23.47 28.91 33.46
C ALA B 48 22.11 28.56 34.04
N GLU B 49 21.72 29.40 34.99
CA GLU B 49 20.45 29.28 35.67
C GLU B 49 19.39 29.83 34.72
N PRO B 50 18.18 29.26 34.76
CA PRO B 50 17.21 29.85 33.84
C PRO B 50 16.96 31.32 34.19
N ILE B 51 16.79 32.20 33.21
CA ILE B 51 16.53 33.60 33.56
C ILE B 51 15.34 33.54 34.49
N GLN B 52 15.21 34.55 35.33
CA GLN B 52 14.17 34.55 36.33
C GLN B 52 12.71 34.48 35.85
N GLU B 53 12.40 35.09 34.71
CA GLU B 53 11.03 35.00 34.29
C GLU B 53 10.74 33.55 33.87
N ALA B 54 11.76 32.81 33.49
CA ALA B 54 11.49 31.42 33.16
C ALA B 54 11.21 30.68 34.48
N VAL B 55 11.99 30.96 35.52
CA VAL B 55 11.81 30.34 36.83
C VAL B 55 10.42 30.61 37.39
N ASP B 56 9.95 31.84 37.20
CA ASP B 56 8.65 32.24 37.67
C ASP B 56 7.49 31.57 36.93
N ARG B 57 7.68 31.25 35.64
CA ARG B 57 6.63 30.59 34.87
C ARG B 57 6.64 29.08 35.13
N LYS B 58 7.73 28.59 35.71
CA LYS B 58 7.83 27.17 35.97
C LYS B 58 7.75 26.48 34.63
N VAL B 59 8.42 27.12 33.65
CA VAL B 59 8.52 26.71 32.25
C VAL B 59 9.92 27.02 31.81
N SER B 60 10.56 26.08 31.16
CA SER B 60 11.93 26.29 30.70
C SER B 60 12.05 27.41 29.63
N GLU B 61 13.25 27.96 29.50
CA GLU B 61 13.53 29.02 28.56
C GLU B 61 13.26 28.61 27.10
N LEU B 62 13.57 27.36 26.72
CA LEU B 62 13.32 26.93 25.34
C LEU B 62 11.82 26.68 25.08
N ASP B 63 11.10 26.19 26.11
CA ASP B 63 9.67 25.98 25.97
C ASP B 63 9.00 27.39 25.82
N LEU B 64 9.40 28.38 26.62
CA LEU B 64 8.80 29.70 26.44
C LEU B 64 9.10 30.25 25.03
N ALA B 65 10.30 30.02 24.52
CA ALA B 65 10.68 30.53 23.19
C ALA B 65 9.96 29.81 22.04
N ALA B 66 9.78 28.51 22.22
CA ALA B 66 9.10 27.75 21.18
C ALA B 66 7.60 27.77 21.34
N TYR B 67 7.07 27.89 22.56
CA TYR B 67 5.61 27.79 22.69
C TYR B 67 4.75 28.87 23.29
N ASP B 68 5.36 29.86 23.93
CA ASP B 68 4.60 30.93 24.52
C ASP B 68 4.13 31.88 23.43
N LYS B 69 2.97 32.45 23.65
CA LYS B 69 2.39 33.35 22.68
C LYS B 69 3.27 34.59 22.45
N ASP B 70 3.61 35.30 23.52
CA ASP B 70 4.46 36.50 23.43
C ASP B 70 5.96 36.27 23.15
N ASP B 71 6.63 37.28 22.60
CA ASP B 71 8.06 37.20 22.43
C ASP B 71 8.70 37.44 23.80
N PHE B 72 9.99 37.15 23.93
CA PHE B 72 10.70 37.43 25.18
C PHE B 72 10.61 38.97 25.47
N THR B 73 10.47 39.37 26.73
CA THR B 73 10.41 40.77 27.11
C THR B 73 11.78 41.38 26.95
N GLN B 74 11.90 42.71 26.85
CA GLN B 74 13.26 43.27 26.68
C GLN B 74 14.27 42.78 27.78
N PRO B 75 13.82 42.67 29.05
CA PRO B 75 14.73 42.21 30.10
C PRO B 75 15.13 40.76 29.86
N MET B 76 14.25 39.98 29.26
CA MET B 76 14.61 38.61 28.98
C MET B 76 15.62 38.58 27.85
N ILE B 77 15.36 39.33 26.78
CA ILE B 77 16.31 39.28 25.68
C ILE B 77 17.69 39.69 26.13
N LYS B 78 17.74 40.73 26.94
CA LYS B 78 19.02 41.24 27.40
C LYS B 78 19.79 40.14 28.20
N LYS B 79 19.12 39.52 29.16
CA LYS B 79 19.74 38.45 29.95
C LYS B 79 20.27 37.37 29.02
N ILE B 80 19.49 36.99 28.01
CA ILE B 80 19.94 35.97 27.05
C ILE B 80 21.11 36.43 26.18
N MET B 81 21.05 37.67 25.69
CA MET B 81 22.14 38.16 24.83
C MET B 81 23.45 38.25 25.58
N SER B 82 23.34 38.50 26.86
CA SER B 82 24.48 38.58 27.73
C SER B 82 25.06 37.13 27.98
N ARG B 83 24.25 36.08 27.99
CA ARG B 83 24.89 34.77 28.15
C ARG B 83 25.70 34.42 26.91
N LEU B 84 25.22 34.85 25.74
CA LEU B 84 25.91 34.52 24.49
C LEU B 84 27.14 35.40 24.35
N PHE B 85 26.96 36.68 24.65
CA PHE B 85 28.08 37.59 24.58
C PHE B 85 29.23 37.06 25.43
N SER B 86 28.98 36.78 26.71
CA SER B 86 30.02 36.24 27.57
C SER B 86 30.62 34.97 27.01
N ALA B 87 29.83 34.14 26.34
CA ALA B 87 30.37 32.92 25.80
C ALA B 87 31.47 33.17 24.77
N PHE B 88 31.65 34.40 24.30
CA PHE B 88 32.70 34.65 23.33
C PHE B 88 33.89 35.16 24.08
N ASP B 89 33.64 35.50 25.32
CA ASP B 89 34.68 35.98 26.21
C ASP B 89 35.31 34.77 26.95
N VAL B 90 35.87 33.85 26.19
CA VAL B 90 36.43 32.62 26.74
C VAL B 90 37.43 32.78 27.88
N THR B 91 38.24 33.84 27.89
CA THR B 91 39.15 34.04 29.03
C THR B 91 38.63 35.01 30.09
N HIS B 92 37.35 35.39 30.02
CA HIS B 92 36.76 36.25 31.05
C HIS B 92 37.36 37.64 31.28
N LEU B 93 37.62 38.36 30.20
CA LEU B 93 38.22 39.67 30.38
C LEU B 93 37.17 40.65 30.78
N GLY B 94 35.92 40.37 30.40
CA GLY B 94 34.78 41.20 30.73
C GLY B 94 34.37 42.12 29.59
N TYR B 95 34.98 41.94 28.42
CA TYR B 95 34.73 42.78 27.24
C TYR B 95 35.31 42.05 26.02
N LEU B 96 34.89 42.47 24.83
CA LEU B 96 35.40 41.88 23.59
C LEU B 96 36.20 42.94 22.86
N THR B 97 37.15 42.54 22.04
CA THR B 97 37.92 43.53 21.29
C THR B 97 37.04 43.72 20.08
N PRO B 98 37.00 44.92 19.47
CA PRO B 98 36.12 45.13 18.29
C PRO B 98 36.19 44.17 17.09
N ASP B 99 37.30 43.46 16.89
CA ASP B 99 37.30 42.50 15.80
C ASP B 99 36.33 41.33 16.19
N LYS B 100 36.24 41.05 17.48
CA LYS B 100 35.38 39.99 18.00
C LYS B 100 33.89 40.30 17.87
N VAL B 101 33.52 41.58 17.86
CA VAL B 101 32.09 41.97 17.77
C VAL B 101 31.37 41.52 16.49
N GLU B 102 32.04 41.64 15.34
CA GLU B 102 31.39 41.25 14.10
C GLU B 102 30.72 39.87 14.23
N GLU B 103 31.54 38.88 14.59
CA GLU B 103 31.13 37.48 14.78
C GLU B 103 29.92 37.36 15.71
N VAL B 104 30.07 37.90 16.91
CA VAL B 104 28.96 37.85 17.86
C VAL B 104 27.68 38.40 17.20
N CYS B 105 27.79 39.50 16.45
CA CYS B 105 26.59 40.06 15.78
C CYS B 105 25.93 39.01 14.88
N ARG B 106 26.71 38.39 14.01
CA ARG B 106 26.16 37.36 13.14
C ARG B 106 25.54 36.28 14.02
N TYR B 107 26.30 35.76 14.99
CA TYR B 107 25.79 34.73 15.89
C TYR B 107 24.40 35.04 16.50
N LEU B 108 24.18 36.28 16.97
CA LEU B 108 22.88 36.66 17.55
C LEU B 108 21.81 36.87 16.47
N GLY B 109 22.21 36.70 15.21
CA GLY B 109 21.26 36.82 14.12
C GLY B 109 21.15 38.16 13.41
N ARG B 110 22.23 38.90 13.34
CA ARG B 110 22.17 40.18 12.67
C ARG B 110 23.12 40.13 11.49
N ASN B 111 22.61 40.24 10.26
CA ASN B 111 23.49 40.25 9.07
C ASN B 111 24.22 41.60 8.97
N MET B 112 25.51 41.57 9.17
CA MET B 112 26.26 42.79 9.11
C MET B 112 26.78 42.89 7.69
N SER B 113 27.15 44.09 7.29
CA SER B 113 27.66 44.26 5.96
C SER B 113 28.91 45.11 6.11
N ASP B 114 29.87 44.91 5.21
CA ASP B 114 31.12 45.64 5.24
C ASP B 114 30.87 47.11 5.64
N GLY B 115 29.83 47.73 5.12
CA GLY B 115 29.55 49.09 5.50
C GLY B 115 29.23 49.23 7.00
N ASP B 116 28.37 48.34 7.50
CA ASP B 116 27.94 48.34 8.90
C ASP B 116 29.04 47.93 9.89
N VAL B 117 29.87 46.96 9.51
CA VAL B 117 30.93 46.58 10.43
C VAL B 117 31.77 47.80 10.73
N LYS B 118 32.28 48.47 9.68
CA LYS B 118 33.12 49.66 9.88
C LYS B 118 32.37 50.66 10.72
N ALA B 119 31.10 50.82 10.35
CA ALA B 119 30.21 51.75 11.03
C ALA B 119 30.06 51.44 12.53
N MET B 120 29.86 50.16 12.87
CA MET B 120 29.73 49.80 14.28
C MET B 120 31.08 49.81 15.02
N LYS B 121 32.18 49.49 14.35
CA LYS B 121 33.49 49.50 15.03
C LYS B 121 33.80 50.93 15.40
N ALA B 122 33.07 51.85 14.80
CA ALA B 122 33.25 53.26 15.07
C ALA B 122 32.17 53.71 16.02
N GLU B 123 30.92 53.64 15.56
CA GLU B 123 29.74 54.06 16.33
C GLU B 123 29.73 53.58 17.77
N ILE B 124 30.04 52.30 17.97
CA ILE B 124 30.08 51.81 19.33
C ILE B 124 31.24 52.62 19.90
N ASN B 125 32.29 52.70 19.06
CA ASN B 125 33.52 53.39 19.39
C ASN B 125 33.96 52.94 20.75
N ALA B 126 34.78 51.90 20.76
CA ALA B 126 35.32 51.39 22.00
C ALA B 126 36.54 52.28 22.17
N ILE B 127 36.39 53.42 22.85
CA ILE B 127 37.51 54.34 23.03
C ILE B 127 38.66 53.81 23.84
N ASP B 128 38.63 52.50 24.09
CA ASP B 128 39.68 51.79 24.80
C ASP B 128 39.74 50.42 24.19
N GLY B 129 39.13 50.28 23.02
CA GLY B 129 39.12 48.99 22.37
C GLY B 129 38.25 47.98 23.08
N HIS B 130 37.84 48.27 24.32
CA HIS B 130 36.98 47.33 25.03
C HIS B 130 35.49 47.52 24.76
N VAL B 131 34.85 46.46 24.34
CA VAL B 131 33.43 46.58 24.13
C VAL B 131 32.85 45.70 25.20
N THR B 132 32.44 46.30 26.29
CA THR B 132 31.80 45.59 27.37
C THR B 132 30.41 45.13 26.82
N PHE B 133 29.67 44.29 27.55
CA PHE B 133 28.34 43.87 27.10
C PHE B 133 27.33 45.02 27.13
N GLU B 134 27.43 45.84 28.17
CA GLU B 134 26.55 47.00 28.32
C GLU B 134 26.78 47.94 27.16
N LYS B 135 28.01 48.17 26.76
CA LYS B 135 28.20 49.04 25.60
C LYS B 135 27.60 48.34 24.38
N PHE B 136 27.95 47.08 24.17
CA PHE B 136 27.40 46.36 23.02
C PHE B 136 25.88 46.44 22.94
N TRP B 137 25.25 46.17 24.08
CA TRP B 137 23.81 46.18 24.20
C TRP B 137 23.23 47.57 23.90
N ALA B 138 23.82 48.60 24.47
CA ALA B 138 23.34 49.96 24.21
C ALA B 138 23.41 50.23 22.69
N TRP B 139 24.44 49.72 22.03
CA TRP B 139 24.54 49.93 20.59
C TRP B 139 23.45 49.11 19.93
N TRP B 140 23.36 47.86 20.35
CA TRP B 140 22.36 46.97 19.77
C TRP B 140 20.95 47.57 19.73
N CYS B 141 20.52 48.20 20.82
CA CYS B 141 19.19 48.78 20.92
C CYS B 141 18.92 50.08 20.17
N SER B 142 19.99 50.81 19.83
CA SER B 142 19.82 52.06 19.13
C SER B 142 20.01 51.89 17.66
N HIS B 143 20.33 50.66 17.26
CA HIS B 143 20.56 50.33 15.85
C HIS B 143 19.87 49.10 15.29
N PRO B 144 18.69 49.25 14.69
CA PRO B 144 18.01 48.07 14.10
C PRO B 144 18.23 47.87 12.56
N VAL B 145 18.74 46.72 12.14
CA VAL B 145 18.99 46.47 10.71
C VAL B 145 18.08 45.43 10.09
N HIS B 146 17.36 45.90 9.08
CA HIS B 146 16.42 45.15 8.25
C HIS B 146 17.23 44.14 7.41
N SER B 147 17.61 43.03 8.03
CA SER B 147 18.39 41.99 7.37
C SER B 147 18.07 41.79 5.88
N ARG B 148 16.86 41.31 5.56
CA ARG B 148 16.45 41.05 4.16
C ARG B 148 17.55 40.37 3.33
N THR B 149 18.79 40.38 3.83
CA THR B 149 19.96 39.82 3.17
C THR B 149 20.07 40.33 1.72
N LYS B 150 20.82 41.41 1.52
CA LYS B 150 20.98 41.97 0.18
C LYS B 150 21.96 41.19 -0.72
N CYS B 151 22.96 40.53 -0.12
CA CYS B 151 23.94 39.77 -0.88
C CYS B 151 23.81 38.26 -0.65
N PHE B 152 23.61 37.50 -1.74
CA PHE B 152 23.49 36.04 -1.70
C PHE B 152 24.81 35.40 -2.12
N SER B 153 25.10 34.25 -1.51
CA SER B 153 26.34 33.54 -1.79
C SER B 153 26.24 32.56 -2.95
N MET B 154 27.17 32.67 -3.89
CA MET B 154 27.14 31.80 -5.05
C MET B 154 28.24 30.75 -5.02
N VAL B 155 28.94 30.66 -3.90
CA VAL B 155 29.95 29.65 -3.72
C VAL B 155 29.31 28.32 -4.14
N SER B 156 30.02 27.46 -4.84
CA SER B 156 29.44 26.19 -5.24
C SER B 156 30.49 25.26 -5.74
N ALA B 157 30.26 23.97 -5.60
CA ALA B 157 31.25 22.98 -6.01
C ALA B 157 31.42 22.91 -7.52
N ASP B 158 30.38 23.31 -8.24
CA ASP B 158 30.43 23.30 -9.71
C ASP B 158 30.78 21.94 -10.34
N PHE B 159 30.09 20.89 -9.90
CA PHE B 159 30.32 19.53 -10.41
C PHE B 159 29.47 19.34 -11.63
N SER B 160 29.93 19.91 -12.73
CA SER B 160 29.19 19.80 -13.97
C SER B 160 29.44 18.38 -14.44
N MET B 161 28.43 17.54 -14.45
CA MET B 161 28.67 16.20 -14.95
C MET B 161 27.72 15.99 -16.12
N PRO B 162 27.89 16.80 -17.16
CA PRO B 162 27.11 16.80 -18.39
C PRO B 162 27.11 15.46 -19.12
N TYR B 163 25.90 15.00 -19.42
CA TYR B 163 25.69 13.78 -20.13
C TYR B 163 24.29 13.97 -20.70
N HIS B 164 23.88 13.11 -21.63
CA HIS B 164 22.54 13.22 -22.19
C HIS B 164 21.68 12.09 -21.65
N GLN B 165 20.50 12.44 -21.19
CA GLN B 165 19.60 11.42 -20.71
C GLN B 165 19.20 10.53 -21.89
N GLN B 166 19.36 9.21 -21.74
CA GLN B 166 18.93 8.29 -22.82
C GLN B 166 17.61 7.66 -22.38
N GLN B 167 16.63 7.70 -23.26
CA GLN B 167 15.35 7.06 -22.98
C GLN B 167 15.31 5.72 -23.75
N LEU B 168 15.04 4.63 -23.04
CA LEU B 168 14.92 3.30 -23.65
C LEU B 168 13.68 3.25 -24.52
N VAL B 169 13.85 2.81 -25.75
CA VAL B 169 12.71 2.73 -26.64
C VAL B 169 12.69 1.31 -27.16
N VAL B 170 11.53 0.66 -27.03
CA VAL B 170 11.33 -0.72 -27.47
C VAL B 170 10.33 -0.84 -28.63
N HIS B 171 10.66 -1.62 -29.64
CA HIS B 171 9.73 -1.80 -30.75
C HIS B 171 9.58 -3.26 -31.11
N GLU B 172 8.34 -3.68 -31.32
CA GLU B 172 8.07 -5.06 -31.71
C GLU B 172 8.08 -5.09 -33.22
N LYS B 173 8.68 -6.13 -33.79
CA LYS B 173 8.74 -6.35 -35.25
C LYS B 173 8.13 -7.71 -35.50
N GLY B 174 7.63 -7.90 -36.72
CA GLY B 174 7.09 -9.19 -37.12
C GLY B 174 5.81 -9.63 -36.45
N GLU B 175 5.48 -10.90 -36.69
CA GLU B 175 4.26 -11.51 -36.17
C GLU B 175 4.52 -12.48 -35.02
N MET B 176 3.92 -12.22 -33.86
CA MET B 176 4.13 -13.14 -32.74
C MET B 176 3.67 -14.56 -33.16
N TYR B 177 4.38 -15.56 -32.66
CA TYR B 177 4.16 -16.97 -32.95
C TYR B 177 4.68 -17.42 -34.28
N THR B 178 5.60 -16.63 -34.81
CA THR B 178 6.25 -16.98 -36.09
C THR B 178 7.70 -16.48 -35.97
N PRO B 179 8.60 -17.02 -36.80
CA PRO B 179 10.03 -16.68 -36.87
C PRO B 179 10.28 -15.18 -37.11
N SER B 180 9.29 -14.38 -37.49
CA SER B 180 9.66 -13.00 -37.74
C SER B 180 9.46 -12.01 -36.62
N TYR B 181 8.95 -12.47 -35.47
CA TYR B 181 8.75 -11.61 -34.32
C TYR B 181 10.09 -11.27 -33.68
N ARG B 182 10.34 -9.97 -33.49
CA ARG B 182 11.57 -9.57 -32.82
C ARG B 182 11.14 -8.39 -31.95
N VAL B 183 11.89 -8.13 -30.88
CA VAL B 183 11.61 -6.96 -30.03
C VAL B 183 12.93 -6.20 -30.20
N LEU B 184 12.87 -4.96 -30.68
CA LEU B 184 14.08 -4.19 -30.90
C LEU B 184 14.17 -3.13 -29.83
N TYR B 185 15.39 -2.80 -29.41
CA TYR B 185 15.65 -1.78 -28.39
C TYR B 185 16.37 -0.57 -28.99
N PHE B 186 16.13 0.58 -28.38
CA PHE B 186 16.71 1.82 -28.87
C PHE B 186 16.93 2.81 -27.76
N PHE B 187 17.90 3.70 -27.96
CA PHE B 187 18.14 4.79 -27.02
C PHE B 187 17.76 6.09 -27.77
N ARG B 188 17.00 6.92 -27.10
CA ARG B 188 16.64 8.20 -27.65
C ARG B 188 17.32 9.13 -26.66
N ASP B 189 18.26 9.90 -27.21
CA ASP B 189 19.05 10.91 -26.51
C ASP B 189 17.97 11.95 -26.29
N LEU B 190 17.68 12.33 -25.04
CA LEU B 190 16.61 13.30 -24.78
C LEU B 190 16.93 14.76 -25.12
N GLU B 191 18.21 15.00 -25.45
CA GLU B 191 18.73 16.30 -25.85
C GLU B 191 18.49 16.51 -27.34
N THR B 192 19.24 15.76 -28.13
CA THR B 192 19.17 15.81 -29.58
C THR B 192 17.87 15.22 -30.10
N GLY B 193 17.35 14.23 -29.39
CA GLY B 193 16.12 13.60 -29.82
C GLY B 193 16.36 12.62 -30.95
N ARG B 194 17.60 12.20 -31.13
CA ARG B 194 17.88 11.26 -32.19
C ARG B 194 17.96 9.88 -31.57
N GLU B 195 17.51 8.88 -32.32
CA GLU B 195 17.53 7.55 -31.77
C GLU B 195 18.68 6.75 -32.36
N ARG B 196 19.08 5.69 -31.66
CA ARG B 196 20.14 4.81 -32.10
C ARG B 196 19.79 3.39 -31.59
N GLN B 197 19.78 2.38 -32.46
CA GLN B 197 19.48 1.02 -32.02
C GLN B 197 20.58 0.57 -31.09
N VAL B 198 20.24 -0.04 -29.95
CA VAL B 198 21.24 -0.51 -29.01
C VAL B 198 20.96 -1.95 -28.70
N SER B 199 21.80 -2.58 -27.89
CA SER B 199 21.54 -3.96 -27.51
C SER B 199 21.13 -4.09 -26.03
N PRO B 200 20.01 -4.78 -25.75
CA PRO B 200 19.51 -4.99 -24.38
C PRO B 200 20.49 -5.74 -23.50
N TRP B 201 21.23 -6.65 -24.08
CA TRP B 201 22.23 -7.43 -23.36
C TRP B 201 23.50 -6.60 -22.96
N HIS B 202 24.08 -5.94 -23.94
CA HIS B 202 25.26 -5.12 -23.74
C HIS B 202 25.01 -3.68 -23.27
N ASP B 203 23.98 -3.00 -23.78
CA ASP B 203 23.79 -1.60 -23.43
C ASP B 203 22.89 -1.12 -22.28
N ILE B 204 21.91 -1.91 -21.87
CA ILE B 204 21.05 -1.52 -20.78
C ILE B 204 21.92 -1.77 -19.55
N PRO B 205 22.09 -0.76 -18.68
CA PRO B 205 22.92 -0.86 -17.45
C PRO B 205 22.45 -1.96 -16.50
N LEU B 206 23.34 -2.80 -16.01
CA LEU B 206 22.96 -3.85 -15.07
C LEU B 206 22.61 -3.19 -13.69
N TYR B 207 23.47 -2.28 -13.26
CA TYR B 207 23.30 -1.52 -12.03
C TYR B 207 22.67 -0.17 -12.43
N VAL B 208 21.53 0.17 -11.81
CA VAL B 208 20.85 1.42 -12.08
C VAL B 208 21.41 2.40 -11.03
N ARG B 209 22.15 3.42 -11.46
CA ARG B 209 22.74 4.37 -10.53
C ARG B 209 22.39 5.83 -10.75
N ASP B 210 22.11 6.54 -9.67
CA ASP B 210 21.78 7.96 -9.76
C ASP B 210 23.10 8.67 -9.95
N LEU B 211 23.19 9.67 -10.82
CA LEU B 211 24.50 10.31 -10.92
C LEU B 211 24.79 11.05 -9.61
N VAL B 212 23.74 11.54 -8.94
CA VAL B 212 23.85 12.18 -7.63
C VAL B 212 22.87 11.40 -6.71
N ARG B 213 23.40 10.43 -5.99
CA ARG B 213 22.53 9.68 -5.12
C ARG B 213 22.17 10.48 -3.88
N THR B 214 20.89 10.79 -3.70
CA THR B 214 20.48 11.54 -2.55
C THR B 214 19.92 10.62 -1.45
N LYS B 215 19.50 9.41 -1.82
CA LYS B 215 18.99 8.44 -0.84
C LYS B 215 20.09 8.29 0.21
N PRO B 216 19.72 7.95 1.46
CA PRO B 216 20.65 7.76 2.59
C PRO B 216 21.88 6.91 2.24
N GLU B 217 23.05 7.46 2.56
CA GLU B 217 24.28 6.75 2.26
C GLU B 217 24.34 5.43 3.00
N ALA B 218 23.79 5.38 4.21
CA ALA B 218 23.84 4.14 4.96
C ALA B 218 22.93 3.05 4.34
N THR B 219 22.09 3.44 3.38
CA THR B 219 21.19 2.51 2.72
C THR B 219 21.91 1.86 1.51
N PRO B 220 22.08 0.53 1.55
CA PRO B 220 22.75 -0.17 0.45
C PRO B 220 22.08 -0.06 -0.90
N MET B 221 22.90 0.06 -1.93
CA MET B 221 22.36 0.18 -3.26
C MET B 221 21.83 -1.21 -3.70
N ASN B 222 20.61 -1.26 -4.23
CA ASN B 222 20.04 -2.50 -4.73
C ASN B 222 18.94 -2.20 -5.78
N ARG B 223 19.36 -1.86 -6.99
CA ARG B 223 18.46 -1.51 -8.06
C ARG B 223 19.07 -2.00 -9.36
N TYR B 224 18.39 -3.00 -9.94
CA TYR B 224 18.84 -3.65 -11.17
C TYR B 224 17.85 -3.62 -12.36
N ASN B 225 18.38 -3.59 -13.57
CA ASN B 225 17.46 -3.68 -14.67
C ASN B 225 17.15 -5.18 -14.92
N PHE B 226 15.87 -5.46 -15.20
CA PHE B 226 15.31 -6.78 -15.49
C PHE B 226 14.68 -6.72 -16.88
N ILE B 227 15.13 -7.59 -17.76
CA ILE B 227 14.56 -7.68 -19.10
C ILE B 227 13.63 -8.89 -19.11
N CYS B 228 12.33 -8.64 -19.18
CA CYS B 228 11.33 -9.71 -19.20
C CYS B 228 11.35 -10.50 -20.52
N GLU B 229 11.36 -11.84 -20.40
CA GLU B 229 11.34 -12.74 -21.54
C GLU B 229 10.04 -13.54 -21.62
N ILE B 230 9.59 -14.06 -20.48
CA ILE B 230 8.37 -14.83 -20.44
C ILE B 230 7.51 -14.15 -19.42
N PRO B 231 6.43 -13.45 -19.86
CA PRO B 231 5.50 -12.73 -18.99
C PRO B 231 4.79 -13.64 -18.00
N LYS B 232 4.44 -13.09 -16.83
CA LYS B 232 3.71 -13.80 -15.77
C LYS B 232 2.45 -14.49 -16.32
N TRP B 233 2.21 -15.73 -15.88
CA TRP B 233 1.00 -16.46 -16.34
C TRP B 233 1.01 -16.94 -17.77
N THR B 234 2.15 -16.85 -18.45
CA THR B 234 2.21 -17.29 -19.83
C THR B 234 3.20 -18.42 -19.99
N ARG B 235 3.17 -19.11 -21.12
CA ARG B 235 4.12 -20.20 -21.27
C ARG B 235 4.83 -20.23 -22.59
N ALA B 236 4.58 -19.26 -23.46
CA ALA B 236 5.31 -19.25 -24.72
C ALA B 236 6.73 -18.77 -24.45
N LYS B 237 7.72 -19.40 -25.05
CA LYS B 237 9.12 -19.03 -24.82
C LYS B 237 9.74 -17.96 -25.72
N PHE B 238 10.44 -17.02 -25.10
CA PHE B 238 11.12 -15.97 -25.81
C PHE B 238 12.50 -15.87 -25.17
N GLU B 239 13.44 -15.28 -25.90
CA GLU B 239 14.76 -15.14 -25.34
C GLU B 239 15.58 -14.08 -26.06
N ILE B 240 16.57 -13.54 -25.34
CA ILE B 240 17.51 -12.60 -25.94
C ILE B 240 18.34 -13.35 -27.01
N ALA B 241 18.34 -12.85 -28.23
CA ALA B 241 19.08 -13.49 -29.32
C ALA B 241 20.57 -13.15 -29.17
N THR B 242 21.25 -13.96 -28.38
CA THR B 242 22.65 -13.75 -28.09
C THR B 242 23.48 -13.90 -29.36
N GLY B 243 22.91 -14.53 -30.37
CA GLY B 243 23.66 -14.72 -31.59
C GLY B 243 23.45 -13.65 -32.65
N GLU B 244 22.41 -12.86 -32.54
CA GLU B 244 22.08 -11.82 -33.50
C GLU B 244 22.53 -10.38 -33.19
N SER B 245 22.82 -9.62 -34.23
CA SER B 245 23.25 -8.23 -34.07
C SER B 245 22.16 -7.37 -33.39
N PHE B 246 22.57 -6.69 -32.30
CA PHE B 246 21.75 -5.83 -31.45
C PHE B 246 20.83 -6.61 -30.53
N ASN B 247 21.10 -7.91 -30.50
CA ASN B 247 20.46 -8.96 -29.70
C ASN B 247 19.04 -8.67 -29.39
N PRO B 248 18.20 -8.59 -30.41
CA PRO B 248 16.80 -8.29 -30.13
C PRO B 248 16.21 -9.54 -29.47
N ILE B 249 15.00 -9.45 -28.97
CA ILE B 249 14.41 -10.63 -28.40
C ILE B 249 13.57 -11.36 -29.46
N LYS B 250 13.84 -12.64 -29.65
CA LYS B 250 13.08 -13.40 -30.64
C LYS B 250 12.24 -14.44 -29.90
N GLN B 251 11.41 -15.14 -30.64
CA GLN B 251 10.60 -16.14 -30.03
C GLN B 251 11.28 -17.46 -30.27
N ASP B 252 11.09 -18.40 -29.35
CA ASP B 252 11.72 -19.72 -29.51
C ASP B 252 10.92 -20.46 -30.57
N ILE B 253 11.44 -20.53 -31.78
CA ILE B 253 10.74 -21.23 -32.83
C ILE B 253 11.65 -22.38 -33.30
N LYS B 254 11.08 -23.55 -33.52
CA LYS B 254 11.88 -24.69 -34.01
C LYS B 254 11.12 -25.38 -35.14
N ASN B 255 11.75 -25.44 -36.31
CA ASN B 255 11.13 -26.05 -37.48
C ASN B 255 9.84 -25.34 -37.79
N GLY B 256 9.80 -24.04 -37.48
CA GLY B 256 8.62 -23.23 -37.75
C GLY B 256 7.47 -23.35 -36.77
N VAL B 257 7.68 -24.12 -35.70
CA VAL B 257 6.61 -24.22 -34.72
C VAL B 257 7.02 -23.56 -33.42
N PRO B 258 6.22 -22.65 -32.92
CA PRO B 258 6.67 -22.05 -31.64
C PRO B 258 6.73 -23.07 -30.43
N ARG B 259 7.74 -22.93 -29.57
CA ARG B 259 7.94 -23.79 -28.43
C ARG B 259 7.25 -23.24 -27.16
N PHE B 260 6.90 -24.13 -26.23
CA PHE B 260 6.22 -23.72 -25.01
C PHE B 260 6.65 -24.56 -23.79
N TYR B 261 6.49 -24.03 -22.57
CA TYR B 261 6.85 -24.86 -21.41
C TYR B 261 5.69 -25.85 -21.30
N LYS B 262 5.92 -27.15 -21.30
CA LYS B 262 4.76 -28.02 -21.18
C LYS B 262 4.23 -28.30 -19.74
N HIS B 263 5.02 -28.04 -18.72
CA HIS B 263 4.64 -28.27 -17.32
C HIS B 263 3.44 -27.45 -16.85
N GLY B 264 3.34 -26.23 -17.37
CA GLY B 264 2.26 -25.32 -16.99
C GLY B 264 2.80 -23.94 -17.21
N ASP B 265 2.10 -22.88 -16.86
CA ASP B 265 2.67 -21.55 -17.11
C ASP B 265 3.67 -21.13 -16.05
N MET B 266 4.57 -20.24 -16.46
CA MET B 266 5.53 -19.62 -15.56
C MET B 266 4.58 -18.72 -14.73
N MET B 267 4.66 -18.73 -13.41
CA MET B 267 3.71 -17.90 -12.65
C MET B 267 4.26 -16.57 -12.10
N TRP B 268 5.37 -16.14 -12.67
CA TRP B 268 6.12 -14.94 -12.30
C TRP B 268 6.76 -14.48 -13.59
N ASN B 269 7.10 -13.20 -13.68
CA ASN B 269 7.79 -12.71 -14.88
C ASN B 269 9.17 -13.30 -14.86
N TYR B 270 9.57 -13.88 -15.99
CA TYR B 270 10.85 -14.56 -16.08
C TYR B 270 11.71 -13.87 -17.13
N GLY B 271 12.93 -13.52 -16.75
CA GLY B 271 13.77 -12.80 -17.68
C GLY B 271 15.24 -12.83 -17.35
N ALA B 272 15.94 -11.85 -17.90
CA ALA B 272 17.39 -11.82 -17.73
C ALA B 272 17.92 -10.53 -17.14
N PHE B 273 19.16 -10.59 -16.63
CA PHE B 273 19.86 -9.42 -16.10
C PHE B 273 20.82 -9.05 -17.25
N PRO B 274 20.72 -7.80 -17.72
CA PRO B 274 21.61 -7.36 -18.81
C PRO B 274 23.05 -7.33 -18.33
N GLN B 275 24.00 -7.34 -19.26
CA GLN B 275 25.42 -7.28 -18.89
C GLN B 275 25.92 -8.37 -17.97
N THR B 276 25.42 -9.58 -18.18
CA THR B 276 25.89 -10.70 -17.41
C THR B 276 26.05 -11.84 -18.37
N TRP B 277 26.75 -12.86 -17.94
CA TRP B 277 27.03 -13.99 -18.76
C TRP B 277 27.42 -15.16 -17.90
N GLU B 278 26.55 -16.16 -17.87
CA GLU B 278 26.81 -17.33 -17.04
C GLU B 278 27.65 -18.36 -17.75
N SER B 279 28.95 -18.09 -17.84
CA SER B 279 29.88 -19.03 -18.43
C SER B 279 31.08 -19.35 -17.53
N THR B 280 31.63 -20.54 -17.78
CA THR B 280 32.80 -21.06 -17.07
C THR B 280 33.88 -21.38 -18.11
N GLU B 281 34.63 -20.36 -18.53
CA GLU B 281 35.66 -20.61 -19.53
C GLU B 281 36.81 -19.60 -19.49
N GLU B 285 39.60 -18.05 -23.08
CA GLU B 285 40.11 -18.28 -24.46
C GLU B 285 40.39 -16.98 -25.22
N ALA B 286 39.87 -16.85 -26.44
CA ALA B 286 40.10 -15.62 -27.23
C ALA B 286 39.14 -15.35 -28.40
N GLY B 287 38.08 -16.16 -28.52
CA GLY B 287 37.14 -15.98 -29.63
C GLY B 287 35.66 -16.00 -29.29
N VAL B 288 34.97 -17.09 -29.66
CA VAL B 288 33.52 -17.22 -29.39
C VAL B 288 33.25 -18.32 -28.34
N THR B 289 32.02 -18.83 -28.29
CA THR B 289 31.63 -19.87 -27.33
C THR B 289 30.28 -20.50 -27.72
N GLY B 290 29.27 -20.49 -26.85
CA GLY B 290 27.99 -21.13 -27.21
C GLY B 290 26.71 -21.09 -26.38
N ASP B 291 26.41 -22.21 -25.72
CA ASP B 291 25.17 -22.40 -24.94
C ASP B 291 24.86 -21.51 -23.72
N ASN B 292 25.70 -20.53 -23.44
CA ASN B 292 25.49 -19.70 -22.26
C ASN B 292 24.79 -18.37 -22.40
N ASP B 293 23.99 -18.05 -21.40
CA ASP B 293 23.21 -16.82 -21.41
C ASP B 293 23.37 -15.94 -20.17
N PRO B 294 22.78 -14.75 -20.19
CA PRO B 294 22.82 -13.82 -19.08
C PRO B 294 22.20 -14.58 -17.92
N VAL B 295 22.36 -14.11 -16.68
CA VAL B 295 21.73 -14.87 -15.60
C VAL B 295 20.22 -14.74 -15.60
N ASP B 296 19.59 -15.85 -15.21
CA ASP B 296 18.13 -16.02 -15.08
C ASP B 296 17.54 -15.37 -13.81
N ALA B 297 16.43 -14.68 -13.99
CA ALA B 297 15.79 -13.99 -12.90
C ALA B 297 14.27 -14.27 -12.90
N VAL B 298 13.71 -14.27 -11.71
CA VAL B 298 12.32 -14.51 -11.44
C VAL B 298 11.85 -13.31 -10.66
N GLU B 299 11.00 -12.49 -11.30
CA GLU B 299 10.43 -11.29 -10.69
C GLU B 299 9.07 -11.73 -10.13
N ILE B 300 8.87 -11.45 -8.85
CA ILE B 300 7.67 -11.95 -8.16
C ILE B 300 6.57 -10.97 -7.79
N GLY B 301 6.57 -9.78 -8.38
CA GLY B 301 5.54 -8.81 -8.01
C GLY B 301 4.21 -9.22 -8.55
N MET B 302 3.16 -8.50 -8.22
CA MET B 302 1.83 -8.86 -8.69
C MET B 302 1.56 -8.48 -10.12
N THR B 303 2.36 -7.57 -10.67
CA THR B 303 2.20 -7.07 -12.02
C THR B 303 2.88 -7.82 -13.17
N GLN B 304 2.11 -8.20 -14.19
CA GLN B 304 2.67 -8.90 -15.38
C GLN B 304 3.40 -7.90 -16.26
N PHE B 305 4.51 -8.33 -16.83
CA PHE B 305 5.30 -7.48 -17.73
C PHE B 305 5.24 -8.06 -19.14
N LYS B 306 5.07 -7.20 -20.13
CA LYS B 306 5.05 -7.63 -21.52
C LYS B 306 6.40 -8.22 -21.94
N VAL B 307 6.41 -8.99 -23.03
CA VAL B 307 7.66 -9.55 -23.56
C VAL B 307 8.64 -8.39 -23.88
N GLY B 308 9.90 -8.52 -23.44
CA GLY B 308 10.91 -7.49 -23.65
C GLY B 308 10.86 -6.25 -22.74
N GLN B 309 9.80 -6.10 -21.91
CA GLN B 309 9.68 -4.94 -21.01
C GLN B 309 10.84 -4.90 -20.03
N VAL B 310 11.30 -3.69 -19.71
CA VAL B 310 12.44 -3.57 -18.80
C VAL B 310 11.98 -2.94 -17.51
N SER B 311 12.53 -3.39 -16.38
CA SER B 311 12.15 -2.86 -15.08
C SER B 311 13.19 -2.93 -13.99
N ALA B 312 13.32 -1.82 -13.27
CA ALA B 312 14.19 -1.73 -12.13
C ALA B 312 13.64 -2.77 -11.08
N VAL B 313 14.51 -3.61 -10.54
CA VAL B 313 14.11 -4.62 -9.53
C VAL B 313 15.04 -4.64 -8.30
N LYS B 314 14.56 -5.24 -7.22
CA LYS B 314 15.34 -5.34 -5.99
C LYS B 314 15.78 -6.81 -5.87
N VAL B 315 17.07 -7.06 -5.75
CA VAL B 315 17.49 -8.46 -5.65
C VAL B 315 17.22 -9.04 -4.28
N LEU B 316 16.68 -10.24 -4.20
CA LEU B 316 16.36 -10.78 -2.87
C LEU B 316 17.00 -12.10 -2.46
N GLY B 317 17.45 -12.90 -3.40
CA GLY B 317 18.04 -14.16 -3.03
C GLY B 317 18.17 -15.00 -4.28
N VAL B 318 18.65 -16.23 -4.14
CA VAL B 318 18.82 -17.07 -5.30
C VAL B 318 18.71 -18.59 -5.02
N LEU B 319 18.32 -19.29 -6.08
CA LEU B 319 18.15 -20.71 -6.03
C LEU B 319 19.09 -21.28 -7.08
N GLY B 320 19.74 -22.37 -6.71
CA GLY B 320 20.67 -22.98 -7.63
C GLY B 320 20.34 -24.39 -8.05
N MET B 321 20.31 -24.62 -9.34
CA MET B 321 20.07 -25.96 -9.82
C MET B 321 21.39 -26.38 -10.44
N ILE B 322 21.78 -27.63 -10.22
CA ILE B 322 23.01 -28.10 -10.83
C ILE B 322 22.50 -28.89 -12.04
N ASP B 323 22.82 -28.44 -13.24
CA ASP B 323 22.39 -29.14 -14.45
C ASP B 323 23.20 -30.43 -14.54
N GLU B 324 24.45 -30.31 -14.94
CA GLU B 324 25.30 -31.48 -15.02
C GLU B 324 26.66 -30.97 -14.65
N GLY B 325 26.85 -30.73 -13.37
CA GLY B 325 28.11 -30.19 -12.90
C GLY B 325 28.11 -28.69 -13.10
N GLU B 326 27.04 -28.14 -13.67
CA GLU B 326 26.94 -26.69 -13.90
C GLU B 326 25.89 -26.02 -13.04
N MET B 327 26.22 -24.85 -12.51
CA MET B 327 25.25 -24.09 -11.71
C MET B 327 24.29 -23.31 -12.61
N ASP B 328 23.01 -23.54 -12.38
CA ASP B 328 21.98 -22.83 -13.10
C ASP B 328 21.24 -22.04 -12.02
N TRP B 329 21.68 -20.80 -11.76
CA TRP B 329 21.07 -19.93 -10.75
C TRP B 329 19.82 -19.24 -11.29
N LYS B 330 18.88 -18.97 -10.39
CA LYS B 330 17.65 -18.27 -10.73
C LYS B 330 17.59 -17.24 -9.67
N VAL B 331 17.83 -15.98 -9.99
CA VAL B 331 17.77 -14.95 -8.94
C VAL B 331 16.35 -14.48 -8.64
N VAL B 332 15.97 -14.44 -7.36
CA VAL B 332 14.63 -14.01 -6.96
C VAL B 332 14.68 -12.50 -6.77
N CYS B 333 13.72 -11.78 -7.32
CA CYS B 333 13.75 -10.33 -7.21
C CYS B 333 12.35 -9.78 -7.37
N ILE B 334 12.16 -8.54 -6.94
CA ILE B 334 10.88 -7.88 -7.04
C ILE B 334 11.01 -6.47 -7.65
N SER B 335 10.01 -6.07 -8.43
CA SER B 335 10.03 -4.76 -9.09
C SER B 335 9.87 -3.70 -8.06
N HIS B 336 10.60 -2.61 -8.20
CA HIS B 336 10.54 -1.52 -7.21
C HIS B 336 9.18 -0.83 -7.25
N SER B 337 8.42 -1.05 -8.30
CA SER B 337 7.12 -0.41 -8.31
C SER B 337 6.07 -1.22 -7.61
N ASP B 338 6.38 -2.45 -7.23
CA ASP B 338 5.38 -3.26 -6.55
C ASP B 338 4.96 -2.73 -5.18
N PRO B 339 3.67 -2.84 -4.86
CA PRO B 339 3.26 -2.32 -3.54
C PRO B 339 4.02 -2.89 -2.33
N ILE B 340 4.58 -4.12 -2.41
CA ILE B 340 5.31 -4.66 -1.25
C ILE B 340 6.84 -4.65 -1.30
N CYS B 341 7.37 -4.04 -2.34
CA CYS B 341 8.79 -3.93 -2.51
C CYS B 341 9.49 -3.47 -1.20
N HIS B 342 9.10 -2.30 -0.71
CA HIS B 342 9.71 -1.72 0.49
C HIS B 342 9.68 -2.68 1.71
N PHE B 343 8.77 -3.63 1.76
CA PHE B 343 8.73 -4.52 2.90
C PHE B 343 9.56 -5.78 2.78
N LEU B 344 10.10 -6.03 1.59
CA LEU B 344 10.95 -7.19 1.41
C LEU B 344 12.40 -6.74 1.44
N ARG B 345 13.07 -6.95 2.57
CA ARG B 345 14.44 -6.53 2.72
C ARG B 345 15.41 -7.62 2.33
N ASP B 346 14.99 -8.87 2.43
CA ASP B 346 15.88 -9.96 2.08
C ASP B 346 15.03 -11.21 1.85
N ILE B 347 15.65 -12.28 1.34
CA ILE B 347 14.92 -13.49 1.02
C ILE B 347 13.98 -13.96 2.16
N HIS B 348 14.41 -13.86 3.41
CA HIS B 348 13.58 -14.33 4.52
C HIS B 348 12.28 -13.54 4.65
N ASP B 349 12.17 -12.40 3.95
CA ASP B 349 10.92 -11.66 4.03
C ASP B 349 9.81 -12.10 3.11
N VAL B 350 10.17 -12.80 2.04
CA VAL B 350 9.20 -13.26 1.07
C VAL B 350 8.15 -14.21 1.66
N PRO B 351 8.54 -15.23 2.45
CA PRO B 351 7.45 -16.08 2.95
C PRO B 351 6.52 -15.31 3.90
N LYS B 352 6.97 -14.16 4.37
CA LYS B 352 6.14 -13.40 5.27
C LYS B 352 5.05 -12.63 4.52
N PHE B 353 5.34 -12.09 3.34
CA PHE B 353 4.31 -11.37 2.63
C PHE B 353 3.77 -12.10 1.41
N LEU B 354 4.49 -13.11 0.94
CA LEU B 354 4.06 -13.89 -0.21
C LEU B 354 4.21 -15.35 0.18
N PRO B 355 3.52 -15.77 1.24
CA PRO B 355 3.57 -17.15 1.74
C PRO B 355 3.38 -18.12 0.60
N GLY B 356 4.21 -19.15 0.51
CA GLY B 356 4.08 -20.13 -0.54
C GLY B 356 4.73 -19.75 -1.85
N CYS B 357 5.09 -18.48 -1.97
CA CYS B 357 5.72 -18.07 -3.20
C CYS B 357 7.05 -18.78 -3.43
N LEU B 358 7.98 -18.76 -2.47
CA LEU B 358 9.22 -19.49 -2.65
C LEU B 358 9.02 -21.01 -2.75
N ASP B 359 8.18 -21.62 -1.92
CA ASP B 359 8.03 -23.06 -2.12
C ASP B 359 7.66 -23.36 -3.57
N ALA B 360 6.68 -22.60 -4.06
CA ALA B 360 6.16 -22.75 -5.40
C ALA B 360 7.19 -22.51 -6.49
N ILE B 361 8.08 -21.53 -6.28
CA ILE B 361 9.10 -21.28 -7.30
C ILE B 361 10.00 -22.51 -7.27
N ARG B 362 10.32 -22.98 -6.07
CA ARG B 362 11.19 -24.15 -6.00
C ARG B 362 10.48 -25.34 -6.66
N GLU B 363 9.20 -25.58 -6.29
CA GLU B 363 8.48 -26.72 -6.87
C GLU B 363 8.46 -26.70 -8.40
N TRP B 364 8.23 -25.54 -8.98
CA TRP B 364 8.16 -25.42 -10.42
C TRP B 364 9.47 -25.86 -11.03
N PHE B 365 10.57 -25.33 -10.54
CA PHE B 365 11.85 -25.71 -11.11
C PHE B 365 12.25 -27.15 -10.82
N ARG B 366 11.77 -27.70 -9.71
CA ARG B 366 12.08 -29.08 -9.36
C ARG B 366 11.45 -30.07 -10.36
N VAL B 367 10.28 -29.71 -10.86
CA VAL B 367 9.57 -30.65 -11.69
C VAL B 367 9.21 -30.35 -13.15
N TYR B 368 9.50 -29.16 -13.63
CA TYR B 368 9.10 -28.84 -15.00
C TYR B 368 9.56 -29.79 -16.10
N LYS B 369 10.49 -30.69 -15.84
CA LYS B 369 10.91 -31.63 -16.91
C LYS B 369 10.28 -33.04 -16.76
N ILE B 370 9.53 -33.27 -15.68
CA ILE B 370 8.90 -34.57 -15.51
C ILE B 370 7.82 -34.76 -16.60
N CYS B 371 7.01 -33.73 -16.83
CA CYS B 371 5.95 -33.74 -17.85
C CYS B 371 6.36 -34.54 -19.12
N GLN B 372 7.47 -34.14 -19.71
CA GLN B 372 7.93 -34.77 -20.93
C GLN B 372 8.89 -35.97 -20.80
N GLY B 373 8.88 -36.67 -19.65
CA GLY B 373 9.71 -37.85 -19.48
C GLY B 373 11.06 -37.65 -18.81
N GLY B 374 11.30 -36.49 -18.20
CA GLY B 374 12.57 -36.25 -17.54
C GLY B 374 12.44 -36.49 -16.05
N GLU B 375 13.52 -36.30 -15.31
CA GLU B 375 13.51 -36.49 -13.85
C GLU B 375 13.45 -35.15 -13.10
N ALA B 376 13.17 -35.20 -11.82
CA ALA B 376 13.22 -33.97 -11.03
C ALA B 376 14.63 -33.36 -11.08
N SER B 377 14.72 -32.03 -11.09
CA SER B 377 16.00 -31.33 -11.07
C SER B 377 16.70 -31.49 -9.68
N HIS B 378 18.01 -31.30 -9.65
CA HIS B 378 18.71 -31.36 -8.37
C HIS B 378 19.21 -29.93 -8.06
N PHE B 379 19.12 -29.55 -6.79
CA PHE B 379 19.54 -28.22 -6.38
C PHE B 379 20.82 -28.21 -5.60
N ALA B 380 21.46 -27.06 -5.56
CA ALA B 380 22.62 -26.90 -4.74
C ALA B 380 22.01 -26.54 -3.37
N PHE B 381 22.82 -26.70 -2.32
CA PHE B 381 22.43 -26.41 -0.96
C PHE B 381 21.11 -27.06 -0.56
N ASP B 382 20.87 -28.27 -1.04
CA ASP B 382 19.59 -28.95 -0.77
C ASP B 382 18.37 -28.09 -1.12
N GLY B 383 18.52 -27.06 -1.95
CA GLY B 383 17.34 -26.31 -2.26
C GLY B 383 17.14 -25.07 -1.44
N GLU B 384 18.15 -24.66 -0.71
CA GLU B 384 18.01 -23.46 0.06
C GLU B 384 18.09 -22.23 -0.87
N PHE B 385 17.31 -21.20 -0.53
CA PHE B 385 17.34 -19.96 -1.30
C PHE B 385 18.39 -19.13 -0.61
N LYS B 386 19.51 -18.86 -1.28
CA LYS B 386 20.52 -18.06 -0.64
C LYS B 386 20.00 -16.63 -0.53
N ASP B 387 20.52 -15.91 0.47
CA ASP B 387 20.07 -14.55 0.74
C ASP B 387 20.50 -13.50 -0.29
N LYS B 388 20.06 -12.25 -0.12
CA LYS B 388 20.39 -11.27 -1.14
C LYS B 388 21.86 -11.09 -1.33
N GLU B 389 22.58 -11.09 -0.23
CA GLU B 389 24.00 -10.91 -0.38
C GLU B 389 24.55 -11.96 -1.32
N TYR B 390 24.24 -13.22 -1.06
CA TYR B 390 24.77 -14.29 -1.92
C TYR B 390 24.41 -14.12 -3.40
N ALA B 391 23.21 -13.62 -3.64
CA ALA B 391 22.71 -13.40 -4.99
C ALA B 391 23.42 -12.24 -5.72
N MET B 392 23.55 -11.08 -5.09
CA MET B 392 24.19 -9.95 -5.76
C MET B 392 25.62 -10.31 -6.07
N LYS B 393 26.13 -11.28 -5.32
CA LYS B 393 27.49 -11.74 -5.54
C LYS B 393 27.50 -12.55 -6.83
N VAL B 394 26.58 -13.51 -6.91
CA VAL B 394 26.48 -14.31 -8.10
C VAL B 394 26.36 -13.35 -9.27
N ILE B 395 25.53 -12.34 -9.13
CA ILE B 395 25.34 -11.40 -10.21
C ILE B 395 26.63 -10.67 -10.55
N ASP B 396 27.39 -10.29 -9.55
CA ASP B 396 28.64 -9.59 -9.81
C ASP B 396 29.66 -10.39 -10.51
N GLU B 397 29.79 -11.65 -10.13
CA GLU B 397 30.73 -12.52 -10.83
C GLU B 397 30.29 -12.53 -12.30
N SER B 398 28.99 -12.69 -12.50
CA SER B 398 28.44 -12.78 -13.82
C SER B 398 28.65 -11.52 -14.63
N HIS B 399 28.67 -10.39 -13.93
CA HIS B 399 28.88 -9.10 -14.55
C HIS B 399 30.37 -9.09 -14.97
N ASN B 400 31.23 -9.63 -14.12
CA ASN B 400 32.65 -9.67 -14.44
C ASN B 400 32.85 -10.62 -15.59
N MET B 401 32.20 -11.77 -15.51
CA MET B 401 32.31 -12.72 -16.57
C MET B 401 31.91 -12.02 -17.86
N TRP B 402 30.99 -11.08 -17.77
CA TRP B 402 30.52 -10.40 -18.94
C TRP B 402 31.59 -9.45 -19.46
N HIS B 403 32.29 -8.78 -18.55
CA HIS B 403 33.34 -7.85 -18.96
C HIS B 403 34.47 -8.57 -19.70
N ASN B 404 34.76 -9.81 -19.30
CA ASN B 404 35.81 -10.60 -19.95
C ASN B 404 35.45 -10.98 -21.37
N LEU B 405 34.19 -11.36 -21.59
CA LEU B 405 33.72 -11.71 -22.93
C LEU B 405 33.98 -10.46 -23.77
N ARG B 406 33.42 -9.34 -23.29
CA ARG B 406 33.54 -8.05 -23.95
C ARG B 406 34.95 -7.72 -24.40
N LYS B 407 35.91 -8.07 -23.54
CA LYS B 407 37.35 -7.84 -23.78
C LYS B 407 37.92 -8.81 -24.82
N VAL B 408 38.01 -10.08 -24.42
CA VAL B 408 38.51 -11.13 -25.29
C VAL B 408 38.27 -10.77 -26.75
N ASN B 409 37.02 -10.69 -27.17
CA ASN B 409 36.70 -10.38 -28.56
C ASN B 409 37.19 -9.01 -29.04
N LYS B 410 36.94 -7.95 -28.29
CA LYS B 410 37.39 -6.63 -28.72
C LYS B 410 38.86 -6.39 -28.40
N ALA C 20 -14.28 18.10 -2.85
CA ALA C 20 -13.13 17.64 -3.70
C ALA C 20 -12.52 18.80 -4.50
N SER C 21 -12.96 18.98 -5.75
CA SER C 21 -12.44 20.08 -6.57
C SER C 21 -12.90 21.39 -5.93
N ALA C 22 -13.60 21.30 -4.81
CA ALA C 22 -14.01 22.47 -4.09
C ALA C 22 -12.74 22.93 -3.39
N GLU C 23 -11.93 21.96 -2.99
CA GLU C 23 -10.67 22.23 -2.30
C GLU C 23 -9.63 22.86 -3.22
N VAL C 24 -9.61 22.48 -4.49
CA VAL C 24 -8.59 23.01 -5.38
C VAL C 24 -9.00 24.34 -5.95
N ALA C 25 -10.30 24.53 -6.11
CA ALA C 25 -10.80 25.75 -6.68
C ALA C 25 -10.66 27.01 -5.81
N GLY C 26 -10.80 28.17 -6.47
CA GLY C 26 -10.71 29.45 -5.80
C GLY C 26 -11.70 29.58 -4.66
N LEU C 27 -11.48 30.56 -3.81
CA LEU C 27 -12.38 30.77 -2.68
C LEU C 27 -13.21 32.03 -2.79
N PRO C 28 -14.32 32.05 -2.03
CA PRO C 28 -15.27 33.16 -1.98
C PRO C 28 -14.56 34.28 -1.20
N VAL C 29 -14.76 35.53 -1.58
CA VAL C 29 -14.13 36.61 -0.84
C VAL C 29 -14.57 36.62 0.63
N SER C 30 -15.65 35.89 0.95
CA SER C 30 -16.11 35.77 2.34
C SER C 30 -15.21 34.76 3.10
N ALA C 31 -14.62 33.81 2.37
CA ALA C 31 -13.72 32.79 2.95
C ALA C 31 -12.28 33.31 3.12
N LEU C 32 -11.73 33.95 2.08
CA LEU C 32 -10.37 34.50 2.13
C LEU C 32 -10.14 35.55 3.25
N HIS C 33 -11.12 36.42 3.52
CA HIS C 33 -10.94 37.40 4.60
C HIS C 33 -11.51 36.94 5.95
N GLY C 34 -12.51 36.08 5.91
CA GLY C 34 -13.13 35.60 7.14
C GLY C 34 -14.50 36.22 7.32
N THR C 35 -15.25 35.77 8.31
CA THR C 35 -16.58 36.31 8.56
C THR C 35 -16.81 36.60 10.06
N ASN C 36 -17.92 37.26 10.38
CA ASN C 36 -18.19 37.53 11.78
C ASN C 36 -18.67 36.28 12.49
N ILE C 37 -18.80 36.42 13.80
CA ILE C 37 -19.27 35.35 14.65
C ILE C 37 -20.79 35.37 14.57
N SER C 38 -21.35 34.34 13.96
CA SER C 38 -22.78 34.30 13.82
C SER C 38 -23.44 33.91 15.13
N THR C 39 -24.73 34.14 15.16
CA THR C 39 -25.56 33.89 16.31
C THR C 39 -26.20 32.50 16.24
N GLY C 40 -26.43 32.01 15.01
CA GLY C 40 -27.05 30.73 14.80
C GLY C 40 -28.57 30.79 14.75
N ARG C 41 -29.09 32.01 14.86
CA ARG C 41 -30.55 32.23 14.83
C ARG C 41 -31.04 32.70 13.46
N GLY C 42 -30.23 32.42 12.44
CA GLY C 42 -30.55 32.75 11.06
C GLY C 42 -30.73 34.21 10.71
N SER C 43 -31.51 34.44 9.65
CA SER C 43 -31.82 35.77 9.15
C SER C 43 -32.65 36.52 10.19
N GLU C 44 -33.00 35.82 11.27
CA GLU C 44 -33.77 36.39 12.37
C GLU C 44 -32.88 37.30 13.25
N ALA C 45 -31.67 37.56 12.75
CA ALA C 45 -30.71 38.44 13.40
C ALA C 45 -30.30 39.42 12.29
N ASP C 46 -30.30 40.70 12.61
CA ASP C 46 -29.90 41.73 11.64
C ASP C 46 -28.39 41.64 11.37
N VAL C 47 -27.99 41.39 10.13
CA VAL C 47 -26.54 41.31 9.82
C VAL C 47 -25.84 42.49 10.51
N ALA C 48 -24.71 42.22 11.15
CA ALA C 48 -24.00 43.27 11.87
C ALA C 48 -22.64 43.69 11.32
N GLU C 49 -22.12 44.75 11.92
CA GLU C 49 -20.83 45.31 11.56
C GLU C 49 -19.82 44.61 12.45
N PRO C 50 -18.60 44.41 11.97
CA PRO C 50 -17.68 43.73 12.87
C PRO C 50 -17.46 44.60 14.13
N ILE C 51 -16.98 44.01 15.22
CA ILE C 51 -16.69 44.79 16.42
C ILE C 51 -15.44 45.66 16.15
N GLN C 52 -15.36 46.81 16.81
CA GLN C 52 -14.25 47.72 16.58
C GLN C 52 -12.90 47.06 16.58
N GLU C 53 -12.66 46.16 17.53
CA GLU C 53 -11.37 45.51 17.56
C GLU C 53 -11.05 44.71 16.28
N ALA C 54 -12.08 44.12 15.67
CA ALA C 54 -11.85 43.38 14.44
C ALA C 54 -11.59 44.38 13.34
N VAL C 55 -12.15 45.59 13.47
CA VAL C 55 -11.95 46.64 12.49
C VAL C 55 -10.54 47.18 12.55
N ASP C 56 -10.06 47.48 13.74
CA ASP C 56 -8.71 47.98 13.87
C ASP C 56 -7.64 46.94 13.49
N ARG C 57 -7.98 45.67 13.67
CA ARG C 57 -7.06 44.60 13.35
C ARG C 57 -7.00 44.30 11.88
N LYS C 58 -8.08 44.55 11.18
CA LYS C 58 -8.16 44.24 9.75
C LYS C 58 -8.24 42.71 9.62
N VAL C 59 -8.76 42.06 10.67
CA VAL C 59 -8.94 40.59 10.75
C VAL C 59 -10.37 40.26 11.16
N SER C 60 -11.00 39.28 10.51
CA SER C 60 -12.37 38.97 10.90
C SER C 60 -12.49 38.54 12.35
N GLU C 61 -13.68 38.63 12.91
CA GLU C 61 -13.93 38.22 14.30
C GLU C 61 -13.57 36.74 14.50
N LEU C 62 -14.00 35.91 13.57
CA LEU C 62 -13.76 34.47 13.59
C LEU C 62 -12.27 34.14 13.53
N ASP C 63 -11.57 34.81 12.63
CA ASP C 63 -10.14 34.59 12.52
C ASP C 63 -9.50 35.03 13.82
N LEU C 64 -10.04 36.07 14.45
CA LEU C 64 -9.48 36.52 15.73
C LEU C 64 -9.75 35.48 16.80
N ALA C 65 -10.98 34.97 16.86
CA ALA C 65 -11.36 33.97 17.84
C ALA C 65 -10.53 32.73 17.63
N ALA C 66 -10.37 32.32 16.38
CA ALA C 66 -9.59 31.14 16.06
C ALA C 66 -8.04 31.24 16.19
N TYR C 67 -7.44 32.21 15.52
CA TYR C 67 -5.99 32.33 15.46
C TYR C 67 -5.24 33.35 16.27
N ASP C 68 -5.93 34.36 16.79
CA ASP C 68 -5.23 35.35 17.57
C ASP C 68 -4.67 34.76 18.83
N LYS C 69 -3.49 35.21 19.18
CA LYS C 69 -2.87 34.67 20.36
C LYS C 69 -3.71 34.92 21.65
N ASP C 70 -4.50 35.99 21.70
CA ASP C 70 -5.31 36.30 22.87
C ASP C 70 -6.79 35.93 22.78
N ASP C 71 -7.39 35.71 23.95
CA ASP C 71 -8.82 35.44 24.03
C ASP C 71 -9.48 36.81 23.90
N PHE C 72 -10.75 36.80 23.51
CA PHE C 72 -11.49 38.03 23.37
C PHE C 72 -11.46 38.78 24.71
N THR C 73 -11.33 40.10 24.65
CA THR C 73 -11.33 40.90 25.86
C THR C 73 -12.76 40.86 26.36
N GLN C 74 -12.98 41.25 27.60
CA GLN C 74 -14.33 41.28 28.13
C GLN C 74 -15.26 42.20 27.31
N PRO C 75 -14.75 43.37 26.90
CA PRO C 75 -15.60 44.27 26.10
C PRO C 75 -16.05 43.58 24.81
N MET C 76 -15.18 42.74 24.24
CA MET C 76 -15.48 42.03 23.00
C MET C 76 -16.58 40.98 23.17
N ILE C 77 -16.41 40.15 24.20
CA ILE C 77 -17.39 39.11 24.53
C ILE C 77 -18.76 39.73 24.73
N LYS C 78 -18.79 40.90 25.39
CA LYS C 78 -20.08 41.58 25.61
C LYS C 78 -20.76 41.94 24.27
N LYS C 79 -20.02 42.47 23.31
CA LYS C 79 -20.65 42.81 22.02
C LYS C 79 -21.14 41.56 21.28
N ILE C 80 -20.46 40.43 21.43
CA ILE C 80 -20.92 39.22 20.76
C ILE C 80 -22.15 38.71 21.49
N MET C 81 -22.06 38.72 22.81
CA MET C 81 -23.16 38.29 23.68
C MET C 81 -24.35 39.19 23.42
N SER C 82 -24.10 40.49 23.19
CA SER C 82 -25.18 41.44 22.90
C SER C 82 -25.92 41.04 21.65
N ARG C 83 -25.20 40.75 20.57
CA ARG C 83 -25.88 40.33 19.33
C ARG C 83 -26.72 39.07 19.51
N LEU C 84 -26.26 38.18 20.37
CA LEU C 84 -26.98 36.94 20.59
C LEU C 84 -28.27 37.27 21.32
N PHE C 85 -28.15 38.14 22.32
CA PHE C 85 -29.29 38.58 23.12
C PHE C 85 -30.33 39.20 22.18
N SER C 86 -29.93 40.25 21.46
CA SER C 86 -30.82 40.95 20.53
C SER C 86 -31.46 40.06 19.49
N ALA C 87 -30.82 38.93 19.19
CA ALA C 87 -31.35 38.00 18.21
C ALA C 87 -32.61 37.30 18.73
N PHE C 88 -32.72 37.18 20.05
CA PHE C 88 -33.87 36.54 20.66
C PHE C 88 -34.97 37.56 20.86
N ASP C 89 -34.63 38.82 20.62
CA ASP C 89 -35.56 39.93 20.74
C ASP C 89 -36.13 40.17 19.33
N VAL C 90 -36.94 39.23 18.88
CA VAL C 90 -37.52 39.25 17.54
C VAL C 90 -38.41 40.45 17.17
N THR C 91 -39.09 41.04 18.16
CA THR C 91 -39.93 42.20 17.88
C THR C 91 -39.03 43.43 17.83
N HIS C 92 -38.06 43.46 18.72
CA HIS C 92 -37.11 44.56 18.85
C HIS C 92 -37.55 45.50 19.97
N LEU C 93 -38.10 44.93 21.03
CA LEU C 93 -38.52 45.71 22.17
C LEU C 93 -37.29 46.39 22.78
N GLY C 94 -36.27 45.61 23.11
CA GLY C 94 -35.07 46.15 23.71
C GLY C 94 -34.89 45.49 25.05
N TYR C 95 -35.50 44.32 25.20
CA TYR C 95 -35.41 43.51 26.43
C TYR C 95 -36.13 42.18 26.19
N LEU C 96 -36.05 41.29 27.17
CA LEU C 96 -36.69 39.98 27.03
C LEU C 96 -37.48 39.58 28.26
N THR C 97 -38.60 38.89 28.07
CA THR C 97 -39.38 38.39 29.20
C THR C 97 -38.47 37.32 29.84
N PRO C 98 -38.60 37.09 31.15
CA PRO C 98 -37.73 36.08 31.76
C PRO C 98 -37.76 34.70 31.07
N ASP C 99 -38.83 34.38 30.35
CA ASP C 99 -38.88 33.08 29.68
C ASP C 99 -37.91 33.08 28.50
N LYS C 100 -37.80 34.22 27.82
CA LYS C 100 -36.89 34.33 26.68
C LYS C 100 -35.44 34.39 27.16
N VAL C 101 -35.24 34.97 28.34
CA VAL C 101 -33.91 35.08 28.93
C VAL C 101 -33.46 33.68 29.31
N GLU C 102 -34.43 32.90 29.70
CA GLU C 102 -34.15 31.55 30.09
C GLU C 102 -33.81 30.78 28.81
N GLU C 103 -34.47 31.15 27.73
CA GLU C 103 -34.21 30.50 26.47
C GLU C 103 -32.80 30.83 25.97
N VAL C 104 -32.34 32.04 26.30
CA VAL C 104 -31.02 32.47 25.90
C VAL C 104 -29.98 31.64 26.66
N CYS C 105 -30.17 31.51 27.97
CA CYS C 105 -29.23 30.73 28.77
C CYS C 105 -29.09 29.30 28.28
N ARG C 106 -30.21 28.68 27.93
CA ARG C 106 -30.18 27.31 27.45
C ARG C 106 -29.31 27.32 26.21
N TYR C 107 -29.67 28.16 25.25
CA TYR C 107 -28.93 28.26 24.00
C TYR C 107 -27.44 28.37 24.23
N LEU C 108 -27.06 29.17 25.21
CA LEU C 108 -25.65 29.36 25.53
C LEU C 108 -25.04 28.17 26.29
N GLY C 109 -25.77 27.07 26.36
CA GLY C 109 -25.25 25.90 27.05
C GLY C 109 -25.24 25.95 28.57
N ARG C 110 -26.04 26.82 29.17
CA ARG C 110 -26.08 26.87 30.63
C ARG C 110 -27.35 26.20 31.13
N ASN C 111 -27.20 25.01 31.72
CA ASN C 111 -28.31 24.24 32.25
C ASN C 111 -29.05 25.08 33.29
N MET C 112 -30.38 25.17 33.19
CA MET C 112 -31.10 25.98 34.15
C MET C 112 -32.40 25.34 34.61
N SER C 113 -32.48 25.05 35.91
CA SER C 113 -33.67 24.45 36.50
C SER C 113 -34.44 25.48 37.31
N ASP C 114 -35.76 25.29 37.42
CA ASP C 114 -36.64 26.17 38.19
C ASP C 114 -35.92 26.75 39.41
N GLY C 115 -34.99 25.97 39.98
CA GLY C 115 -34.24 26.41 41.13
C GLY C 115 -33.32 27.54 40.71
N ASP C 116 -32.16 27.16 40.17
CA ASP C 116 -31.18 28.13 39.70
C ASP C 116 -31.88 29.23 38.92
N VAL C 117 -33.01 28.90 38.28
CA VAL C 117 -33.75 29.88 37.51
C VAL C 117 -34.25 30.99 38.40
N LYS C 118 -35.17 30.68 39.30
CA LYS C 118 -35.73 31.72 40.16
C LYS C 118 -34.66 32.60 40.77
N ALA C 119 -33.65 31.99 41.37
CA ALA C 119 -32.56 32.77 41.98
C ALA C 119 -31.97 33.80 41.00
N MET C 120 -32.19 33.60 39.70
CA MET C 120 -31.66 34.48 38.65
C MET C 120 -32.51 35.73 38.46
N LYS C 121 -33.82 35.56 38.46
CA LYS C 121 -34.71 36.70 38.29
C LYS C 121 -34.82 37.45 39.62
N ALA C 122 -34.25 36.86 40.67
CA ALA C 122 -34.24 37.48 41.98
C ALA C 122 -33.08 38.46 41.87
N GLU C 123 -32.04 38.00 41.18
CA GLU C 123 -30.82 38.75 40.97
C GLU C 123 -30.88 39.87 39.93
N ILE C 124 -31.59 39.67 38.83
CA ILE C 124 -31.69 40.72 37.81
C ILE C 124 -32.66 41.79 38.29
N ASN C 125 -33.85 41.33 38.68
CA ASN C 125 -34.89 42.20 39.16
C ASN C 125 -35.30 43.22 38.09
N ALA C 126 -36.28 42.82 37.30
CA ALA C 126 -36.84 43.68 36.26
C ALA C 126 -38.23 43.87 36.83
N ILE C 127 -38.35 44.84 37.74
CA ILE C 127 -39.61 45.16 38.41
C ILE C 127 -40.80 45.18 37.44
N ASP C 128 -40.50 45.13 36.14
CA ASP C 128 -41.50 45.17 35.08
C ASP C 128 -41.36 43.99 34.11
N GLY C 129 -40.65 42.95 34.55
CA GLY C 129 -40.43 41.79 33.72
C GLY C 129 -39.53 42.06 32.52
N HIS C 130 -39.24 43.33 32.23
CA HIS C 130 -38.40 43.73 31.11
C HIS C 130 -36.90 43.58 31.36
N VAL C 131 -36.34 42.39 31.18
CA VAL C 131 -34.89 42.21 31.41
C VAL C 131 -34.14 42.80 30.23
N THR C 132 -33.38 43.83 30.52
CA THR C 132 -32.59 44.57 29.55
C THR C 132 -31.26 43.83 29.32
N PHE C 133 -30.60 44.06 28.19
CA PHE C 133 -29.33 43.38 27.97
C PHE C 133 -28.30 43.74 29.03
N GLU C 134 -28.22 45.01 29.39
CA GLU C 134 -27.25 45.41 30.41
C GLU C 134 -27.51 44.70 31.73
N LYS C 135 -28.77 44.45 32.05
CA LYS C 135 -29.09 43.79 33.31
C LYS C 135 -28.82 42.29 33.23
N PHE C 136 -28.93 41.75 32.02
CA PHE C 136 -28.63 40.33 31.83
C PHE C 136 -27.11 40.15 31.86
N TRP C 137 -26.41 40.94 31.04
CA TRP C 137 -24.96 40.89 30.94
C TRP C 137 -24.37 40.99 32.35
N ALA C 138 -24.82 42.01 33.08
CA ALA C 138 -24.39 42.25 34.45
C ALA C 138 -24.49 40.98 35.28
N TRP C 139 -25.66 40.35 35.23
CA TRP C 139 -25.90 39.11 35.99
C TRP C 139 -25.06 37.93 35.44
N TRP C 140 -24.92 37.85 34.12
CA TRP C 140 -24.18 36.78 33.47
C TRP C 140 -22.75 36.77 33.99
N CYS C 141 -22.17 37.97 34.08
CA CYS C 141 -20.80 38.15 34.54
C CYS C 141 -20.62 37.96 36.03
N SER C 142 -21.72 37.93 36.78
CA SER C 142 -21.60 37.76 38.21
C SER C 142 -22.02 36.41 38.71
N HIS C 143 -22.11 35.45 37.79
CA HIS C 143 -22.50 34.11 38.18
C HIS C 143 -21.80 33.05 37.37
N PRO C 144 -20.49 33.25 37.09
CA PRO C 144 -19.73 32.29 36.31
C PRO C 144 -19.85 30.91 36.92
N VAL C 145 -19.78 29.90 36.07
CA VAL C 145 -19.86 28.53 36.56
C VAL C 145 -19.03 27.59 35.68
N HIS C 146 -18.06 26.95 36.33
CA HIS C 146 -17.18 25.98 35.66
C HIS C 146 -18.11 24.83 35.27
N SER C 147 -18.42 24.75 33.98
CA SER C 147 -19.33 23.74 33.44
C SER C 147 -18.83 22.29 33.25
N ARG C 148 -18.04 21.76 34.17
CA ARG C 148 -17.54 20.38 34.05
C ARG C 148 -18.71 19.37 33.95
N THR C 149 -19.91 19.89 33.66
CA THR C 149 -21.16 19.12 33.55
C THR C 149 -21.21 17.94 34.54
N LYS C 150 -21.86 18.20 35.67
CA LYS C 150 -22.00 17.23 36.75
C LYS C 150 -23.03 16.14 36.52
N CYS C 151 -24.08 16.47 35.76
CA CYS C 151 -25.12 15.50 35.46
C CYS C 151 -24.96 14.93 34.05
N PHE C 152 -24.65 13.63 34.00
CA PHE C 152 -24.45 12.93 32.75
C PHE C 152 -25.70 12.24 32.26
N SER C 153 -26.02 12.40 30.98
CA SER C 153 -27.22 11.83 30.41
C SER C 153 -27.12 10.36 30.04
N MET C 154 -28.00 9.52 30.57
CA MET C 154 -27.99 8.09 30.24
C MET C 154 -28.98 7.77 29.09
N VAL C 155 -29.81 8.75 28.74
CA VAL C 155 -30.80 8.64 27.68
C VAL C 155 -30.18 7.95 26.46
N SER C 156 -30.71 6.80 26.07
CA SER C 156 -30.19 6.12 24.91
C SER C 156 -31.18 5.14 24.35
N ALA C 157 -30.80 4.48 23.28
CA ALA C 157 -31.63 3.48 22.65
C ALA C 157 -31.43 2.12 23.31
N ASP C 158 -30.36 2.01 24.09
CA ASP C 158 -29.96 0.75 24.72
C ASP C 158 -30.48 -0.50 24.06
N PHE C 159 -29.82 -0.87 22.97
CA PHE C 159 -30.14 -2.07 22.20
C PHE C 159 -29.46 -3.28 22.84
N SER C 160 -30.11 -4.43 22.74
CA SER C 160 -29.55 -5.64 23.30
C SER C 160 -28.82 -6.36 22.15
N MET C 161 -28.21 -7.51 22.46
CA MET C 161 -27.49 -8.31 21.47
C MET C 161 -27.28 -9.72 22.02
N PRO C 162 -28.35 -10.52 22.03
CA PRO C 162 -28.39 -11.91 22.53
C PRO C 162 -27.35 -12.85 21.91
N TYR C 163 -26.53 -12.30 21.01
CA TYR C 163 -25.54 -13.09 20.30
C TYR C 163 -24.20 -13.40 20.98
N HIS C 164 -23.72 -14.59 20.63
CA HIS C 164 -22.46 -15.10 21.09
C HIS C 164 -21.65 -15.06 19.82
N GLN C 165 -20.52 -14.36 19.83
CA GLN C 165 -19.70 -14.33 18.64
C GLN C 165 -19.13 -15.73 18.51
N GLN C 166 -19.13 -16.23 17.28
CA GLN C 166 -18.60 -17.53 16.97
C GLN C 166 -17.22 -17.42 16.33
N GLN C 167 -16.27 -18.26 16.77
CA GLN C 167 -14.96 -18.26 16.16
C GLN C 167 -14.91 -19.45 15.19
N LEU C 168 -14.61 -19.19 13.92
CA LEU C 168 -14.54 -20.26 12.94
C LEU C 168 -13.27 -21.04 13.19
N VAL C 169 -13.40 -22.35 13.43
CA VAL C 169 -12.20 -23.15 13.66
C VAL C 169 -12.06 -24.17 12.57
N VAL C 170 -10.87 -24.26 12.03
CA VAL C 170 -10.62 -25.18 10.94
C VAL C 170 -9.62 -26.24 11.36
N HIS C 171 -9.93 -27.51 11.08
CA HIS C 171 -9.02 -28.57 11.48
C HIS C 171 -8.71 -29.55 10.37
N GLU C 172 -7.43 -29.85 10.24
CA GLU C 172 -6.99 -30.83 9.27
C GLU C 172 -7.15 -32.20 9.91
N LYS C 173 -7.60 -33.16 9.13
CA LYS C 173 -7.76 -34.51 9.64
C LYS C 173 -7.19 -35.45 8.57
N GLY C 174 -6.57 -36.54 9.04
CA GLY C 174 -6.06 -37.53 8.14
C GLY C 174 -4.75 -37.16 7.47
N GLU C 175 -4.55 -37.68 6.27
CA GLU C 175 -3.30 -37.48 5.59
C GLU C 175 -3.44 -36.99 4.13
N MET C 176 -2.73 -35.92 3.79
CA MET C 176 -2.80 -35.37 2.44
C MET C 176 -2.29 -36.31 1.36
N TYR C 177 -2.96 -36.35 0.24
CA TYR C 177 -2.62 -37.21 -0.89
C TYR C 177 -3.11 -38.60 -0.67
N THR C 178 -3.97 -38.76 0.34
CA THR C 178 -4.56 -40.06 0.58
C THR C 178 -6.04 -39.85 0.83
N PRO C 179 -6.83 -40.94 0.76
CA PRO C 179 -8.27 -40.80 0.98
C PRO C 179 -8.71 -40.39 2.40
N SER C 180 -7.79 -40.32 3.35
CA SER C 180 -8.27 -39.91 4.66
C SER C 180 -8.28 -38.38 4.91
N TYR C 181 -7.53 -37.59 4.16
CA TYR C 181 -7.53 -36.14 4.39
C TYR C 181 -8.90 -35.46 4.32
N ARG C 182 -9.17 -34.61 5.29
CA ARG C 182 -10.41 -33.87 5.32
C ARG C 182 -10.10 -32.57 6.06
N VAL C 183 -10.87 -31.50 5.84
CA VAL C 183 -10.68 -30.28 6.63
C VAL C 183 -12.05 -30.13 7.24
N LEU C 184 -12.10 -30.11 8.57
CA LEU C 184 -13.39 -30.01 9.22
C LEU C 184 -13.49 -28.62 9.79
N TYR C 185 -14.71 -28.20 10.04
CA TYR C 185 -14.99 -26.88 10.55
C TYR C 185 -15.88 -26.93 11.79
N PHE C 186 -15.65 -25.98 12.69
CA PHE C 186 -16.41 -25.87 13.93
C PHE C 186 -16.64 -24.39 14.28
N PHE C 187 -17.54 -24.17 15.22
CA PHE C 187 -17.79 -22.83 15.70
C PHE C 187 -17.38 -22.92 17.15
N ARG C 188 -16.52 -22.00 17.61
CA ARG C 188 -16.16 -21.96 19.01
C ARG C 188 -16.90 -20.75 19.47
N ASP C 189 -17.78 -20.96 20.46
CA ASP C 189 -18.59 -19.90 21.07
C ASP C 189 -17.65 -19.09 21.93
N LEU C 190 -17.33 -17.88 21.49
CA LEU C 190 -16.40 -17.06 22.26
C LEU C 190 -16.85 -16.72 23.72
N GLU C 191 -18.16 -16.83 24.02
CA GLU C 191 -18.66 -16.55 25.36
C GLU C 191 -18.63 -17.78 26.26
N THR C 192 -19.13 -18.90 25.76
CA THR C 192 -19.14 -20.12 26.55
C THR C 192 -17.93 -20.99 26.32
N GLY C 193 -17.27 -20.83 25.19
CA GLY C 193 -16.10 -21.67 24.87
C GLY C 193 -16.42 -23.02 24.18
N ARG C 194 -17.69 -23.43 24.19
CA ARG C 194 -18.14 -24.69 23.57
C ARG C 194 -17.87 -24.69 22.07
N GLU C 195 -17.60 -25.87 21.50
CA GLU C 195 -17.32 -26.00 20.07
C GLU C 195 -18.23 -26.99 19.36
N ARG C 196 -18.89 -26.56 18.28
CA ARG C 196 -19.80 -27.42 17.53
C ARG C 196 -19.31 -27.56 16.09
N GLN C 197 -19.62 -28.70 15.45
CA GLN C 197 -19.21 -28.94 14.05
C GLN C 197 -20.22 -28.29 13.15
N VAL C 198 -19.74 -27.64 12.10
CA VAL C 198 -20.62 -26.92 11.15
C VAL C 198 -20.27 -27.32 9.70
N SER C 199 -21.20 -27.11 8.78
CA SER C 199 -20.92 -27.36 7.38
C SER C 199 -20.40 -26.02 6.86
N PRO C 200 -19.23 -26.01 6.21
CA PRO C 200 -18.68 -24.76 5.66
C PRO C 200 -19.60 -24.37 4.53
N TRP C 201 -20.33 -25.36 4.04
CA TRP C 201 -21.26 -25.13 2.96
C TRP C 201 -22.55 -24.50 3.48
N HIS C 202 -23.10 -25.05 4.54
CA HIS C 202 -24.36 -24.55 5.09
C HIS C 202 -24.31 -23.47 6.21
N ASP C 203 -23.29 -23.52 7.04
CA ASP C 203 -23.21 -22.59 8.17
C ASP C 203 -22.34 -21.32 8.08
N ILE C 204 -21.35 -21.31 7.19
CA ILE C 204 -20.56 -20.11 7.07
C ILE C 204 -21.41 -19.13 6.23
N PRO C 205 -21.73 -17.96 6.78
CA PRO C 205 -22.53 -17.04 5.97
C PRO C 205 -21.88 -16.57 4.69
N LEU C 206 -22.72 -16.41 3.70
CA LEU C 206 -22.31 -15.96 2.41
C LEU C 206 -21.99 -14.47 2.53
N TYR C 207 -22.88 -13.72 3.16
CA TYR C 207 -22.72 -12.28 3.33
C TYR C 207 -22.21 -11.99 4.70
N VAL C 208 -21.10 -11.25 4.73
CA VAL C 208 -20.42 -10.85 5.93
C VAL C 208 -20.97 -9.46 6.18
N ARG C 209 -21.68 -9.28 7.29
CA ARG C 209 -22.27 -8.00 7.60
C ARG C 209 -21.87 -7.55 8.99
N ASP C 210 -21.78 -6.24 9.19
CA ASP C 210 -21.41 -5.66 10.48
C ASP C 210 -22.68 -5.58 11.33
N LEU C 211 -22.59 -5.81 12.63
CA LEU C 211 -23.78 -5.68 13.49
C LEU C 211 -24.24 -4.20 13.44
N VAL C 212 -23.28 -3.27 13.55
CA VAL C 212 -23.59 -1.86 13.40
C VAL C 212 -22.65 -1.32 12.28
N ARG C 213 -23.23 -1.09 11.12
CA ARG C 213 -22.44 -0.61 10.01
C ARG C 213 -22.17 0.85 10.17
N THR C 214 -20.92 1.20 10.43
CA THR C 214 -20.51 2.57 10.56
C THR C 214 -20.10 3.22 9.21
N LYS C 215 -19.79 2.41 8.21
CA LYS C 215 -19.42 2.95 6.91
C LYS C 215 -20.66 3.65 6.38
N PRO C 216 -20.49 4.60 5.45
CA PRO C 216 -21.57 5.39 4.84
C PRO C 216 -22.66 4.63 4.18
N GLU C 217 -23.88 5.09 4.40
CA GLU C 217 -25.04 4.46 3.78
C GLU C 217 -24.91 4.57 2.27
N ALA C 218 -24.17 5.56 1.78
CA ALA C 218 -24.01 5.69 0.35
C ALA C 218 -23.11 4.59 -0.26
N THR C 219 -22.30 3.96 0.60
CA THR C 219 -21.38 2.89 0.21
C THR C 219 -22.08 1.52 0.17
N PRO C 220 -22.10 0.86 -1.00
CA PRO C 220 -22.75 -0.44 -1.11
C PRO C 220 -21.95 -1.48 -0.39
N MET C 221 -22.55 -2.64 -0.17
CA MET C 221 -21.85 -3.70 0.49
C MET C 221 -21.36 -4.61 -0.59
N ASN C 222 -20.19 -5.19 -0.38
CA ASN C 222 -19.58 -6.09 -1.32
C ASN C 222 -18.60 -6.84 -0.45
N ARG C 223 -19.08 -7.75 0.38
CA ARG C 223 -18.18 -8.48 1.27
C ARG C 223 -18.67 -9.90 1.53
N TYR C 224 -18.08 -10.86 0.81
CA TYR C 224 -18.44 -12.28 0.89
C TYR C 224 -17.40 -13.18 1.53
N ASN C 225 -17.85 -14.33 2.03
CA ASN C 225 -16.91 -15.33 2.55
C ASN C 225 -16.54 -16.24 1.41
N PHE C 226 -15.26 -16.49 1.23
CA PHE C 226 -14.82 -17.34 0.16
C PHE C 226 -14.09 -18.53 0.77
N ILE C 227 -14.37 -19.74 0.27
CA ILE C 227 -13.70 -20.94 0.77
C ILE C 227 -12.70 -21.41 -0.24
N CYS C 228 -11.42 -21.35 0.14
CA CYS C 228 -10.37 -21.79 -0.74
C CYS C 228 -10.31 -23.29 -0.83
N GLU C 229 -10.32 -23.81 -2.05
CA GLU C 229 -10.27 -25.23 -2.31
C GLU C 229 -8.93 -25.52 -2.94
N ILE C 230 -8.54 -24.73 -3.93
CA ILE C 230 -7.26 -25.01 -4.53
C ILE C 230 -6.42 -23.76 -4.45
N PRO C 231 -5.31 -23.81 -3.67
CA PRO C 231 -4.37 -22.70 -3.44
C PRO C 231 -3.65 -22.10 -4.64
N LYS C 232 -3.36 -20.82 -4.54
CA LYS C 232 -2.64 -20.11 -5.58
C LYS C 232 -1.36 -20.89 -5.88
N TRP C 233 -1.05 -21.07 -7.16
CA TRP C 233 0.18 -21.78 -7.56
C TRP C 233 0.27 -23.29 -7.37
N THR C 234 -0.86 -23.98 -7.24
CA THR C 234 -0.85 -25.43 -7.06
C THR C 234 -1.79 -26.11 -8.06
N ARG C 235 -1.84 -27.42 -8.01
CA ARG C 235 -2.70 -28.11 -8.95
C ARG C 235 -3.40 -29.38 -8.39
N ALA C 236 -3.16 -29.69 -7.12
CA ALA C 236 -3.83 -30.83 -6.56
C ALA C 236 -5.29 -30.40 -6.37
N LYS C 237 -6.24 -31.21 -6.83
CA LYS C 237 -7.65 -30.92 -6.63
C LYS C 237 -8.17 -31.29 -5.23
N PHE C 238 -9.03 -30.43 -4.70
CA PHE C 238 -9.71 -30.62 -3.42
C PHE C 238 -11.07 -29.99 -3.67
N GLU C 239 -12.08 -30.43 -2.95
CA GLU C 239 -13.42 -29.88 -3.10
C GLU C 239 -14.20 -30.00 -1.80
N ILE C 240 -15.25 -29.18 -1.69
CA ILE C 240 -16.15 -29.24 -0.56
C ILE C 240 -16.96 -30.51 -0.78
N ALA C 241 -16.93 -31.44 0.18
CA ALA C 241 -17.66 -32.69 0.01
C ALA C 241 -19.16 -32.49 0.21
N THR C 242 -19.84 -32.05 -0.82
CA THR C 242 -21.24 -31.81 -0.64
C THR C 242 -21.95 -33.07 -0.26
N GLY C 243 -21.36 -34.21 -0.59
CA GLY C 243 -22.01 -35.49 -0.31
C GLY C 243 -21.85 -35.99 1.11
N GLU C 244 -20.87 -35.45 1.82
CA GLU C 244 -20.65 -35.92 3.16
C GLU C 244 -21.25 -35.07 4.23
N SER C 245 -21.50 -35.72 5.36
CA SER C 245 -22.09 -35.04 6.49
C SER C 245 -21.18 -33.92 6.94
N PHE C 246 -21.76 -32.73 7.11
CA PHE C 246 -21.04 -31.52 7.53
C PHE C 246 -20.06 -31.02 6.49
N ASN C 247 -20.23 -31.53 5.28
CA ASN C 247 -19.44 -31.19 4.13
C ASN C 247 -18.03 -30.69 4.34
N PRO C 248 -17.15 -31.52 4.87
CA PRO C 248 -15.79 -31.06 5.05
C PRO C 248 -15.14 -30.93 3.64
N ILE C 249 -13.89 -30.46 3.59
CA ILE C 249 -13.17 -30.38 2.32
C ILE C 249 -12.50 -31.75 2.19
N LYS C 250 -12.57 -32.39 1.03
CA LYS C 250 -11.86 -33.68 0.94
C LYS C 250 -10.98 -33.55 -0.27
N GLN C 251 -9.98 -34.39 -0.37
CA GLN C 251 -9.16 -34.29 -1.53
C GLN C 251 -9.80 -35.12 -2.62
N ASP C 252 -9.56 -34.75 -3.86
CA ASP C 252 -10.11 -35.44 -5.00
C ASP C 252 -9.23 -36.63 -5.35
N ILE C 253 -9.58 -37.79 -4.78
CA ILE C 253 -8.86 -39.02 -5.03
C ILE C 253 -9.76 -39.99 -5.81
N LYS C 254 -9.24 -40.53 -6.91
CA LYS C 254 -10.03 -41.47 -7.69
C LYS C 254 -9.26 -42.81 -7.86
N ASN C 255 -9.87 -43.87 -7.38
CA ASN C 255 -9.28 -45.21 -7.39
C ASN C 255 -8.05 -45.19 -6.54
N GLY C 256 -8.02 -44.34 -5.52
CA GLY C 256 -6.86 -44.25 -4.65
C GLY C 256 -5.71 -43.38 -5.15
N VAL C 257 -5.77 -42.87 -6.36
CA VAL C 257 -4.72 -41.99 -6.83
C VAL C 257 -5.19 -40.52 -6.81
N PRO C 258 -4.40 -39.62 -6.20
CA PRO C 258 -4.82 -38.22 -6.16
C PRO C 258 -4.97 -37.61 -7.57
N ARG C 259 -5.83 -36.62 -7.71
CA ARG C 259 -6.00 -35.98 -9.02
C ARG C 259 -5.44 -34.57 -9.10
N PHE C 260 -4.95 -34.22 -10.28
CA PHE C 260 -4.40 -32.89 -10.48
C PHE C 260 -4.76 -32.32 -11.82
N TYR C 261 -4.84 -31.00 -11.89
CA TYR C 261 -5.09 -30.35 -13.19
C TYR C 261 -3.84 -30.69 -13.99
N LYS C 262 -3.96 -31.26 -15.17
CA LYS C 262 -2.75 -31.56 -15.89
C LYS C 262 -2.28 -30.41 -16.77
N HIS C 263 -3.21 -29.51 -17.09
CA HIS C 263 -2.92 -28.37 -17.95
C HIS C 263 -1.82 -27.46 -17.40
N GLY C 264 -1.78 -27.30 -16.07
CA GLY C 264 -0.77 -26.44 -15.44
C GLY C 264 -1.36 -26.01 -14.13
N ASP C 265 -0.64 -25.23 -13.32
CA ASP C 265 -1.15 -24.80 -12.00
C ASP C 265 -2.20 -23.69 -12.07
N MET C 266 -3.10 -23.72 -11.09
CA MET C 266 -4.15 -22.74 -10.95
C MET C 266 -3.33 -21.59 -10.41
N MET C 267 -3.39 -20.44 -11.07
CA MET C 267 -2.55 -19.32 -10.65
C MET C 267 -3.16 -18.30 -9.71
N TRP C 268 -4.32 -18.65 -9.18
CA TRP C 268 -5.03 -17.76 -8.27
C TRP C 268 -5.70 -18.68 -7.26
N ASN C 269 -6.06 -18.20 -6.08
CA ASN C 269 -6.75 -19.09 -5.18
C ASN C 269 -8.10 -19.39 -5.84
N TYR C 270 -8.41 -20.67 -6.05
CA TYR C 270 -9.66 -21.06 -6.67
C TYR C 270 -10.54 -21.69 -5.59
N GLY C 271 -11.83 -21.36 -5.55
CA GLY C 271 -12.65 -21.90 -4.49
C GLY C 271 -14.13 -21.66 -4.65
N ALA C 272 -14.85 -21.61 -3.53
CA ALA C 272 -16.30 -21.47 -3.63
C ALA C 272 -16.94 -20.66 -2.53
N PHE C 273 -18.14 -20.19 -2.86
CA PHE C 273 -18.96 -19.39 -1.97
C PHE C 273 -19.91 -20.25 -1.15
N PRO C 274 -19.95 -20.05 0.17
CA PRO C 274 -20.90 -20.89 0.92
C PRO C 274 -22.38 -20.46 0.70
N GLN C 275 -23.30 -21.34 1.10
CA GLN C 275 -24.73 -21.08 1.00
C GLN C 275 -25.14 -20.67 -0.39
N THR C 276 -24.59 -21.35 -1.40
CA THR C 276 -25.02 -21.09 -2.79
C THR C 276 -25.17 -22.42 -3.47
N TRP C 277 -25.99 -22.42 -4.53
CA TRP C 277 -26.28 -23.63 -5.27
C TRP C 277 -26.83 -23.34 -6.65
N GLU C 278 -26.21 -23.91 -7.67
CA GLU C 278 -26.69 -23.76 -9.05
C GLU C 278 -27.31 -25.14 -9.24
N SER C 279 -28.61 -25.16 -9.54
CA SER C 279 -29.34 -26.42 -9.71
C SER C 279 -29.52 -26.90 -11.14
N THR C 280 -29.43 -28.21 -11.33
CA THR C 280 -29.65 -28.77 -12.65
C THR C 280 -31.05 -28.34 -13.01
N GLU C 281 -31.95 -28.54 -12.07
CA GLU C 281 -33.34 -28.23 -12.30
C GLU C 281 -33.71 -26.78 -12.60
N VAL C 282 -32.75 -25.97 -13.02
CA VAL C 282 -33.03 -24.59 -13.38
C VAL C 282 -32.25 -24.21 -14.64
N LEU C 283 -32.83 -23.31 -15.45
CA LEU C 283 -32.21 -22.90 -16.71
C LEU C 283 -31.54 -21.52 -16.76
N PHE C 284 -30.39 -21.43 -17.43
CA PHE C 284 -29.76 -20.12 -17.57
C PHE C 284 -30.47 -19.56 -18.78
N GLU C 285 -30.55 -20.40 -19.79
CA GLU C 285 -31.22 -20.12 -21.06
C GLU C 285 -31.55 -21.50 -21.64
N ALA C 286 -32.39 -21.54 -22.68
CA ALA C 286 -32.76 -22.82 -23.25
C ALA C 286 -31.52 -23.69 -23.56
N GLY C 287 -31.50 -24.88 -22.96
CA GLY C 287 -30.39 -25.81 -23.19
C GLY C 287 -29.37 -25.88 -22.08
N VAL C 288 -29.25 -24.80 -21.31
CA VAL C 288 -28.26 -24.75 -20.24
C VAL C 288 -28.88 -24.74 -18.84
N THR C 289 -28.50 -25.74 -18.08
CA THR C 289 -28.98 -25.93 -16.74
C THR C 289 -27.93 -25.43 -15.75
N GLY C 290 -28.17 -25.72 -14.47
CA GLY C 290 -27.22 -25.40 -13.42
C GLY C 290 -26.34 -26.65 -13.39
N ASP C 291 -25.42 -26.77 -12.44
CA ASP C 291 -24.57 -27.95 -12.42
C ASP C 291 -24.43 -28.61 -11.06
N ASN C 292 -25.43 -28.41 -10.21
CA ASN C 292 -25.42 -28.99 -8.87
C ASN C 292 -24.18 -28.79 -8.01
N ASP C 293 -23.63 -27.59 -8.04
CA ASP C 293 -22.49 -27.27 -7.20
C ASP C 293 -22.61 -25.89 -6.74
N PRO C 294 -21.91 -25.54 -5.65
CA PRO C 294 -21.90 -24.20 -5.07
C PRO C 294 -21.20 -23.35 -6.11
N VAL C 295 -21.44 -22.05 -6.14
CA VAL C 295 -20.78 -21.27 -7.19
C VAL C 295 -19.28 -21.04 -6.98
N ASP C 296 -18.58 -21.14 -8.11
CA ASP C 296 -17.13 -21.02 -8.14
C ASP C 296 -16.54 -19.64 -8.14
N ALA C 297 -15.41 -19.52 -7.51
CA ALA C 297 -14.74 -18.25 -7.47
C ALA C 297 -13.21 -18.38 -7.59
N VAL C 298 -12.63 -17.34 -8.18
CA VAL C 298 -11.21 -17.17 -8.40
C VAL C 298 -10.83 -15.87 -7.65
N GLU C 299 -10.03 -15.95 -6.59
CA GLU C 299 -9.69 -14.70 -5.95
C GLU C 299 -8.30 -14.39 -6.43
N ILE C 300 -8.16 -13.17 -6.92
CA ILE C 300 -6.94 -12.72 -7.57
C ILE C 300 -5.88 -11.93 -6.81
N GLY C 301 -6.00 -11.81 -5.49
CA GLY C 301 -5.00 -11.07 -4.75
C GLY C 301 -3.67 -11.77 -4.80
N MET C 302 -2.63 -11.13 -4.25
CA MET C 302 -1.27 -11.71 -4.22
C MET C 302 -0.96 -12.83 -3.18
N THR C 303 -1.77 -12.96 -2.15
CA THR C 303 -1.53 -13.95 -1.11
C THR C 303 -2.15 -15.35 -1.31
N GLN C 304 -1.29 -16.38 -1.26
CA GLN C 304 -1.76 -17.76 -1.40
C GLN C 304 -2.48 -18.13 -0.16
N PHE C 305 -3.65 -18.75 -0.31
CA PHE C 305 -4.42 -19.20 0.85
C PHE C 305 -4.17 -20.70 1.10
N LYS C 306 -4.37 -21.18 2.32
CA LYS C 306 -4.18 -22.62 2.54
C LYS C 306 -5.49 -23.36 2.14
N VAL C 307 -5.45 -24.67 1.92
CA VAL C 307 -6.66 -25.44 1.55
C VAL C 307 -7.74 -25.32 2.61
N GLY C 308 -8.97 -25.03 2.21
CA GLY C 308 -10.04 -24.90 3.19
C GLY C 308 -10.08 -23.58 3.94
N GLN C 309 -9.11 -22.71 3.69
CA GLN C 309 -9.04 -21.39 4.32
C GLN C 309 -10.23 -20.47 3.91
N VAL C 310 -10.78 -19.73 4.88
CA VAL C 310 -11.91 -18.84 4.63
C VAL C 310 -11.56 -17.33 4.69
N SER C 311 -12.01 -16.56 3.72
CA SER C 311 -11.70 -15.15 3.74
C SER C 311 -12.77 -14.23 3.14
N ALA C 312 -12.77 -12.98 3.59
CA ALA C 312 -13.72 -11.98 3.12
C ALA C 312 -13.22 -11.47 1.78
N VAL C 313 -14.05 -11.58 0.75
CA VAL C 313 -13.66 -11.12 -0.59
C VAL C 313 -14.64 -10.05 -1.16
N LYS C 314 -14.14 -9.24 -2.09
CA LYS C 314 -14.97 -8.25 -2.73
C LYS C 314 -15.22 -8.87 -4.08
N VAL C 315 -16.47 -8.94 -4.53
CA VAL C 315 -16.79 -9.53 -5.81
C VAL C 315 -16.62 -8.44 -6.90
N LEU C 316 -16.12 -8.83 -8.08
CA LEU C 316 -15.89 -7.85 -9.15
C LEU C 316 -16.47 -8.17 -10.52
N GLY C 317 -16.86 -9.41 -10.76
CA GLY C 317 -17.35 -9.77 -12.07
C GLY C 317 -17.38 -11.28 -12.23
N VAL C 318 -17.68 -11.75 -13.42
CA VAL C 318 -17.77 -13.18 -13.59
C VAL C 318 -17.61 -13.63 -15.02
N LEU C 319 -16.97 -14.78 -15.18
CA LEU C 319 -16.78 -15.40 -16.48
C LEU C 319 -17.77 -16.57 -16.52
N GLY C 320 -18.44 -16.76 -17.66
CA GLY C 320 -19.41 -17.84 -17.79
C GLY C 320 -19.02 -18.93 -18.76
N MET C 321 -18.91 -20.15 -18.24
CA MET C 321 -18.50 -21.29 -19.04
C MET C 321 -19.65 -22.31 -19.19
N ILE C 322 -19.86 -22.81 -20.41
CA ILE C 322 -20.93 -23.77 -20.64
C ILE C 322 -20.38 -25.07 -21.22
N ASP C 323 -20.71 -26.18 -20.59
CA ASP C 323 -20.26 -27.48 -21.03
C ASP C 323 -21.36 -28.48 -20.75
N GLU C 324 -21.66 -29.34 -21.74
CA GLU C 324 -22.73 -30.33 -21.58
C GLU C 324 -23.99 -29.62 -21.18
N GLY C 325 -24.38 -28.59 -21.93
CA GLY C 325 -25.58 -27.83 -21.61
C GLY C 325 -25.66 -27.39 -20.14
N GLU C 326 -24.51 -27.22 -19.49
CA GLU C 326 -24.44 -26.78 -18.09
C GLU C 326 -23.55 -25.53 -17.91
N MET C 327 -24.05 -24.63 -17.07
CA MET C 327 -23.39 -23.37 -16.77
C MET C 327 -22.47 -23.51 -15.57
N ASP C 328 -21.25 -23.02 -15.74
CA ASP C 328 -20.24 -23.07 -14.70
C ASP C 328 -19.69 -21.68 -14.56
N TRP C 329 -20.20 -20.92 -13.61
CA TRP C 329 -19.72 -19.57 -13.43
C TRP C 329 -18.38 -19.54 -12.73
N LYS C 330 -17.59 -18.50 -13.02
CA LYS C 330 -16.30 -18.28 -12.36
C LYS C 330 -16.32 -16.82 -11.91
N VAL C 331 -16.74 -16.60 -10.67
CA VAL C 331 -16.77 -15.28 -10.08
C VAL C 331 -15.37 -14.79 -9.87
N VAL C 332 -15.05 -13.57 -10.33
CA VAL C 332 -13.71 -12.98 -10.12
C VAL C 332 -13.84 -12.16 -8.84
N CYS C 333 -12.91 -12.28 -7.91
CA CYS C 333 -12.98 -11.55 -6.64
C CYS C 333 -11.57 -11.32 -6.11
N ILE C 334 -11.48 -10.54 -5.03
CA ILE C 334 -10.23 -10.18 -4.44
C ILE C 334 -10.42 -10.01 -2.96
N SER C 335 -9.50 -10.62 -2.21
CA SER C 335 -9.54 -10.59 -0.76
C SER C 335 -9.50 -9.14 -0.29
N HIS C 336 -10.27 -8.85 0.73
CA HIS C 336 -10.32 -7.51 1.27
C HIS C 336 -9.05 -7.13 1.96
N SER C 337 -8.09 -8.06 2.03
CA SER C 337 -6.80 -7.76 2.72
C SER C 337 -5.71 -7.46 1.73
N ASP C 338 -5.95 -7.78 0.48
CA ASP C 338 -4.94 -7.51 -0.51
C ASP C 338 -4.71 -6.03 -0.61
N PRO C 339 -3.44 -5.63 -0.73
CA PRO C 339 -3.05 -4.23 -0.84
C PRO C 339 -3.85 -3.46 -1.89
N ILE C 340 -4.18 -4.05 -3.03
CA ILE C 340 -4.94 -3.24 -4.00
C ILE C 340 -6.43 -3.38 -3.93
N CYS C 341 -6.91 -4.11 -2.93
CA CYS C 341 -8.33 -4.31 -2.83
C CYS C 341 -9.14 -3.00 -2.96
N HIS C 342 -8.81 -1.99 -2.16
CA HIS C 342 -9.52 -0.73 -2.26
C HIS C 342 -9.56 -0.04 -3.64
N PHE C 343 -8.66 -0.37 -4.54
CA PHE C 343 -8.64 0.32 -5.82
C PHE C 343 -9.38 -0.40 -6.89
N LEU C 344 -9.73 -1.65 -6.64
CA LEU C 344 -10.47 -2.42 -7.64
C LEU C 344 -11.94 -2.11 -7.33
N ARG C 345 -12.61 -1.44 -8.24
CA ARG C 345 -14.00 -1.06 -8.03
C ARG C 345 -15.00 -1.94 -8.72
N ASP C 346 -14.64 -2.40 -9.90
CA ASP C 346 -15.51 -3.25 -10.69
C ASP C 346 -14.56 -4.02 -11.60
N ILE C 347 -15.09 -4.89 -12.45
CA ILE C 347 -14.25 -5.69 -13.34
C ILE C 347 -13.33 -4.82 -14.23
N HIS C 348 -13.83 -3.66 -14.65
CA HIS C 348 -13.03 -2.80 -15.52
C HIS C 348 -11.76 -2.31 -14.88
N ASP C 349 -11.68 -2.41 -13.57
CA ASP C 349 -10.48 -1.95 -12.93
C ASP C 349 -9.38 -3.00 -12.88
N VAL C 350 -9.75 -4.28 -13.03
CA VAL C 350 -8.71 -5.30 -12.97
C VAL C 350 -7.59 -5.10 -13.99
N PRO C 351 -7.89 -4.76 -15.24
CA PRO C 351 -6.77 -4.59 -16.17
C PRO C 351 -5.87 -3.39 -15.89
N LYS C 352 -6.37 -2.38 -15.18
CA LYS C 352 -5.55 -1.22 -14.88
C LYS C 352 -4.46 -1.56 -13.89
N PHE C 353 -4.81 -2.35 -12.87
CA PHE C 353 -3.87 -2.76 -11.83
C PHE C 353 -3.26 -4.15 -12.00
N LEU C 354 -3.99 -5.08 -12.60
CA LEU C 354 -3.45 -6.40 -12.82
C LEU C 354 -3.53 -6.69 -14.28
N PRO C 355 -2.79 -5.93 -15.10
CA PRO C 355 -2.84 -6.16 -16.55
C PRO C 355 -2.52 -7.62 -16.85
N GLY C 356 -3.25 -8.24 -17.75
CA GLY C 356 -3.04 -9.62 -18.11
C GLY C 356 -3.83 -10.59 -17.27
N CYS C 357 -4.15 -10.19 -16.05
CA CYS C 357 -4.89 -11.08 -15.18
C CYS C 357 -6.10 -11.74 -15.80
N LEU C 358 -7.16 -10.96 -16.07
CA LEU C 358 -8.36 -11.49 -16.69
C LEU C 358 -8.04 -12.33 -17.96
N ASP C 359 -7.29 -11.75 -18.89
CA ASP C 359 -6.88 -12.45 -20.09
C ASP C 359 -6.38 -13.87 -19.76
N ALA C 360 -5.44 -13.92 -18.83
CA ALA C 360 -4.85 -15.17 -18.39
C ALA C 360 -5.88 -16.13 -17.79
N ILE C 361 -6.72 -15.65 -16.85
CA ILE C 361 -7.77 -16.46 -16.22
C ILE C 361 -8.72 -17.00 -17.31
N ARG C 362 -8.96 -16.22 -18.36
CA ARG C 362 -9.88 -16.71 -19.38
C ARG C 362 -9.22 -17.75 -20.25
N GLU C 363 -7.97 -17.49 -20.58
CA GLU C 363 -7.19 -18.40 -21.39
C GLU C 363 -7.02 -19.76 -20.69
N TRP C 364 -6.80 -19.74 -19.39
CA TRP C 364 -6.61 -20.97 -18.66
C TRP C 364 -7.89 -21.82 -18.77
N PHE C 365 -9.02 -21.19 -18.46
CA PHE C 365 -10.29 -21.88 -18.54
C PHE C 365 -10.68 -22.24 -19.98
N ARG C 366 -10.13 -21.50 -20.95
CA ARG C 366 -10.47 -21.75 -22.33
C ARG C 366 -9.78 -23.00 -22.83
N VAL C 367 -8.63 -23.32 -22.28
CA VAL C 367 -7.90 -24.42 -22.83
C VAL C 367 -7.48 -25.54 -21.90
N TYR C 368 -7.91 -25.52 -20.63
CA TYR C 368 -7.47 -26.57 -19.68
C TYR C 368 -7.75 -28.04 -19.96
N LYS C 369 -8.73 -28.32 -20.80
CA LYS C 369 -9.09 -29.67 -21.16
C LYS C 369 -8.30 -30.19 -22.35
N ILE C 370 -7.51 -29.35 -23.02
CA ILE C 370 -6.81 -29.85 -24.20
C ILE C 370 -5.66 -30.84 -23.99
N CYS C 371 -4.83 -30.66 -22.97
CA CYS C 371 -3.73 -31.60 -22.79
C CYS C 371 -4.24 -33.02 -22.55
N GLN C 372 -5.47 -33.16 -22.10
CA GLN C 372 -6.09 -34.47 -21.81
C GLN C 372 -6.87 -35.00 -23.01
N GLY C 373 -6.70 -34.36 -24.15
CA GLY C 373 -7.43 -34.76 -25.35
C GLY C 373 -8.75 -34.04 -25.60
N GLY C 374 -9.11 -33.07 -24.80
CA GLY C 374 -10.37 -32.38 -25.01
C GLY C 374 -10.27 -31.25 -25.99
N GLU C 375 -11.19 -30.32 -25.93
CA GLU C 375 -11.23 -29.17 -26.83
C GLU C 375 -11.34 -27.83 -26.04
N ALA C 376 -11.17 -26.72 -26.74
CA ALA C 376 -11.29 -25.43 -26.09
C ALA C 376 -12.71 -25.29 -25.53
N SER C 377 -12.88 -24.48 -24.50
CA SER C 377 -14.19 -24.32 -23.90
C SER C 377 -15.07 -23.33 -24.63
N HIS C 378 -16.36 -23.31 -24.29
CA HIS C 378 -17.33 -22.39 -24.87
C HIS C 378 -17.81 -21.49 -23.76
N PHE C 379 -17.75 -20.18 -23.94
CA PHE C 379 -18.23 -19.32 -22.89
C PHE C 379 -19.53 -18.67 -23.27
N ALA C 380 -20.11 -17.97 -22.31
CA ALA C 380 -21.31 -17.22 -22.52
C ALA C 380 -20.81 -15.86 -22.92
N PHE C 381 -21.65 -15.04 -23.52
CA PHE C 381 -21.25 -13.70 -23.90
C PHE C 381 -19.92 -13.63 -24.68
N ASP C 382 -19.60 -14.67 -25.44
CA ASP C 382 -18.35 -14.73 -26.21
C ASP C 382 -17.08 -14.53 -25.35
N GLY C 383 -17.10 -15.04 -24.12
CA GLY C 383 -15.93 -14.92 -23.26
C GLY C 383 -15.75 -13.61 -22.52
N GLU C 384 -16.83 -12.88 -22.33
CA GLU C 384 -16.79 -11.61 -21.65
C GLU C 384 -17.03 -11.73 -20.16
N PHE C 385 -16.31 -10.87 -19.44
CA PHE C 385 -16.40 -10.80 -18.00
C PHE C 385 -17.54 -9.85 -17.68
N LYS C 386 -18.65 -10.41 -17.26
CA LYS C 386 -19.77 -9.58 -16.87
C LYS C 386 -19.26 -8.84 -15.65
N ASP C 387 -19.77 -7.65 -15.42
CA ASP C 387 -19.33 -6.83 -14.31
C ASP C 387 -19.82 -7.31 -12.95
N LYS C 388 -19.43 -6.56 -11.93
CA LYS C 388 -19.76 -6.95 -10.57
C LYS C 388 -21.24 -7.01 -10.24
N GLU C 389 -22.02 -6.06 -10.78
CA GLU C 389 -23.44 -6.08 -10.52
C GLU C 389 -24.06 -7.35 -11.07
N TYR C 390 -23.58 -7.82 -12.24
CA TYR C 390 -24.17 -9.00 -12.83
C TYR C 390 -23.75 -10.20 -12.00
N ALA C 391 -22.51 -10.11 -11.52
CA ALA C 391 -21.87 -11.14 -10.71
C ALA C 391 -22.54 -11.35 -9.35
N MET C 392 -22.97 -10.25 -8.73
CA MET C 392 -23.63 -10.28 -7.43
C MET C 392 -25.04 -10.88 -7.53
N LYS C 393 -25.69 -10.65 -8.67
CA LYS C 393 -27.02 -11.18 -8.92
C LYS C 393 -26.88 -12.70 -9.06
N VAL C 394 -25.85 -13.13 -9.79
CA VAL C 394 -25.58 -14.54 -9.95
C VAL C 394 -25.32 -15.13 -8.56
N ILE C 395 -24.69 -14.37 -7.70
CA ILE C 395 -24.49 -14.94 -6.41
C ILE C 395 -25.82 -14.97 -5.65
N ASP C 396 -26.58 -13.87 -5.69
CA ASP C 396 -27.86 -13.80 -4.99
C ASP C 396 -28.81 -14.93 -5.37
N GLU C 397 -29.10 -15.03 -6.66
CA GLU C 397 -30.02 -16.07 -7.15
C GLU C 397 -29.54 -17.41 -6.61
N SER C 398 -28.26 -17.70 -6.81
CA SER C 398 -27.72 -18.97 -6.34
C SER C 398 -27.90 -19.12 -4.84
N HIS C 399 -27.96 -18.01 -4.13
CA HIS C 399 -28.16 -18.05 -2.69
C HIS C 399 -29.63 -18.44 -2.46
N ASN C 400 -30.54 -17.91 -3.30
CA ASN C 400 -31.95 -18.23 -3.18
C ASN C 400 -32.13 -19.71 -3.49
N MET C 401 -31.48 -20.20 -4.53
CA MET C 401 -31.56 -21.62 -4.89
C MET C 401 -31.12 -22.47 -3.72
N TRP C 402 -30.16 -21.96 -2.95
CA TRP C 402 -29.68 -22.71 -1.82
C TRP C 402 -30.81 -22.81 -0.79
N HIS C 403 -31.50 -21.69 -0.55
CA HIS C 403 -32.58 -21.71 0.42
C HIS C 403 -33.64 -22.71 0.01
N ASN C 404 -34.05 -22.68 -1.26
CA ASN C 404 -35.03 -23.65 -1.75
C ASN C 404 -34.47 -25.04 -1.52
N LEU C 405 -33.25 -25.29 -1.97
CA LEU C 405 -32.62 -26.58 -1.80
C LEU C 405 -32.73 -27.08 -0.36
N ARG C 406 -32.53 -26.17 0.58
CA ARG C 406 -32.56 -26.51 2.00
C ARG C 406 -33.95 -26.82 2.58
N LYS C 407 -34.97 -26.07 2.17
CA LYS C 407 -36.36 -26.28 2.63
C LYS C 407 -36.81 -27.64 2.12
N VAL C 408 -36.75 -27.78 0.78
CA VAL C 408 -37.12 -29.01 0.06
C VAL C 408 -36.28 -30.18 0.59
N ASN C 409 -36.45 -30.44 1.87
CA ASN C 409 -35.76 -31.54 2.52
C ASN C 409 -36.29 -31.79 3.93
N LYS C 410 -36.07 -30.83 4.84
CA LYS C 410 -36.62 -30.97 6.19
C LYS C 410 -38.11 -31.28 5.86
N ARG C 411 -38.69 -30.48 4.96
CA ARG C 411 -40.06 -30.68 4.49
C ARG C 411 -40.03 -31.87 3.49
N GLN D 17 6.05 -18.45 13.11
CA GLN D 17 6.64 -17.42 12.22
C GLN D 17 7.79 -18.06 11.44
N ASP D 18 8.30 -19.18 11.97
CA ASP D 18 9.40 -19.95 11.35
C ASP D 18 8.83 -20.90 10.31
N LEU D 19 7.67 -20.51 9.83
CA LEU D 19 6.94 -21.19 8.79
C LEU D 19 7.63 -20.49 7.60
N ALA D 20 7.93 -19.20 7.80
CA ALA D 20 8.60 -18.41 6.78
C ALA D 20 9.93 -19.10 6.55
N SER D 21 10.66 -19.33 7.64
CA SER D 21 11.96 -19.95 7.57
C SER D 21 11.95 -21.37 6.99
N ALA D 22 10.82 -22.04 7.05
CA ALA D 22 10.78 -23.34 6.47
C ALA D 22 10.88 -23.17 4.95
N GLU D 23 10.14 -22.22 4.36
CA GLU D 23 10.22 -22.02 2.91
C GLU D 23 11.61 -21.76 2.35
N VAL D 24 12.34 -20.84 2.99
CA VAL D 24 13.70 -20.49 2.53
C VAL D 24 14.68 -21.65 2.60
N ALA D 25 14.62 -22.39 3.70
CA ALA D 25 15.49 -23.51 3.94
C ALA D 25 15.34 -24.68 2.98
N GLY D 26 16.47 -25.36 2.80
CA GLY D 26 16.54 -26.55 1.97
C GLY D 26 15.53 -27.61 2.38
N LEU D 27 15.40 -28.63 1.54
CA LEU D 27 14.44 -29.67 1.84
C LEU D 27 15.10 -31.05 1.95
N PRO D 28 14.49 -31.93 2.78
CA PRO D 28 14.94 -33.31 3.03
C PRO D 28 14.99 -34.11 1.72
N VAL D 29 15.32 -35.40 1.78
CA VAL D 29 15.37 -36.20 0.56
C VAL D 29 13.97 -36.79 0.28
N SER D 30 13.02 -36.49 1.17
CA SER D 30 11.64 -36.95 1.02
C SER D 30 10.92 -35.98 0.09
N ALA D 31 11.25 -34.69 0.24
CA ALA D 31 10.65 -33.60 -0.54
C ALA D 31 11.33 -33.28 -1.88
N LEU D 32 12.52 -33.83 -2.10
CA LEU D 32 13.25 -33.56 -3.34
C LEU D 32 13.06 -34.61 -4.42
N HIS D 33 12.73 -35.83 -4.00
CA HIS D 33 12.51 -36.94 -4.94
C HIS D 33 11.04 -37.33 -4.93
N GLY D 34 10.36 -37.05 -3.81
CA GLY D 34 8.95 -37.40 -3.70
C GLY D 34 8.72 -38.81 -3.11
N THR D 35 7.49 -39.09 -2.72
CA THR D 35 7.22 -40.39 -2.14
C THR D 35 6.23 -41.25 -2.91
N ASN D 36 5.94 -42.41 -2.34
CA ASN D 36 5.00 -43.36 -2.87
C ASN D 36 3.61 -42.80 -2.66
N ILE D 37 2.65 -43.32 -3.41
CA ILE D 37 1.29 -42.88 -3.16
C ILE D 37 1.01 -43.69 -1.91
N SER D 38 0.56 -42.98 -0.89
CA SER D 38 0.32 -43.63 0.35
C SER D 38 -1.12 -43.95 0.50
N THR D 39 -1.38 -44.88 1.39
CA THR D 39 -2.69 -45.40 1.71
C THR D 39 -3.59 -44.53 2.62
N GLY D 40 -2.96 -43.79 3.54
CA GLY D 40 -3.78 -43.03 4.46
C GLY D 40 -4.26 -43.91 5.64
N ARG D 41 -3.79 -45.14 5.73
CA ARG D 41 -4.20 -46.01 6.83
C ARG D 41 -3.10 -46.14 7.86
N GLY D 42 -2.03 -45.37 7.65
CA GLY D 42 -0.90 -45.35 8.58
C GLY D 42 0.09 -46.49 8.49
N SER D 43 0.62 -46.82 9.66
CA SER D 43 1.59 -47.89 9.82
C SER D 43 0.85 -49.22 9.84
N GLU D 44 -0.44 -49.14 9.53
CA GLU D 44 -1.32 -50.28 9.47
C GLU D 44 -1.21 -50.92 8.09
N ALA D 45 -0.51 -50.23 7.21
CA ALA D 45 -0.29 -50.72 5.85
C ALA D 45 1.21 -50.87 5.79
N ASP D 46 1.67 -51.91 5.11
CA ASP D 46 3.10 -52.18 4.97
C ASP D 46 3.76 -51.31 3.88
N VAL D 47 4.82 -50.58 4.25
CA VAL D 47 5.53 -49.73 3.29
C VAL D 47 5.87 -50.63 2.12
N ALA D 48 5.53 -50.17 0.93
CA ALA D 48 5.77 -50.97 -0.26
C ALA D 48 6.86 -50.44 -1.16
N GLU D 49 7.16 -51.27 -2.14
CA GLU D 49 8.16 -50.93 -3.13
C GLU D 49 7.36 -50.12 -4.09
N PRO D 50 7.95 -49.07 -4.67
CA PRO D 50 7.24 -48.24 -5.62
C PRO D 50 6.88 -49.05 -6.84
N ILE D 51 5.84 -48.64 -7.55
CA ILE D 51 5.47 -49.35 -8.75
C ILE D 51 6.59 -49.28 -9.81
N GLN D 52 6.54 -50.20 -10.78
CA GLN D 52 7.58 -50.28 -11.79
C GLN D 52 7.84 -49.01 -12.56
N GLU D 53 6.79 -48.30 -12.95
CA GLU D 53 6.97 -47.03 -13.67
C GLU D 53 7.86 -46.03 -12.87
N ALA D 54 7.56 -45.85 -11.58
CA ALA D 54 8.35 -44.94 -10.77
C ALA D 54 9.80 -45.42 -10.84
N VAL D 55 10.00 -46.71 -10.58
CA VAL D 55 11.32 -47.27 -10.60
C VAL D 55 12.01 -47.07 -11.93
N ASP D 56 11.33 -47.29 -13.05
CA ASP D 56 12.00 -47.10 -14.35
C ASP D 56 12.26 -45.62 -14.65
N ARG D 57 11.25 -44.78 -14.43
CA ARG D 57 11.34 -43.33 -14.64
C ARG D 57 12.30 -42.61 -13.65
N LYS D 58 12.45 -43.14 -12.45
CA LYS D 58 13.33 -42.47 -11.49
C LYS D 58 12.60 -41.25 -10.96
N VAL D 59 11.28 -41.36 -10.90
CA VAL D 59 10.47 -40.27 -10.40
C VAL D 59 9.51 -40.95 -9.46
N SER D 60 9.25 -40.33 -8.32
CA SER D 60 8.37 -40.94 -7.36
C SER D 60 6.91 -41.12 -7.86
N GLU D 61 6.18 -42.03 -7.23
CA GLU D 61 4.80 -42.26 -7.59
C GLU D 61 3.94 -40.97 -7.58
N LEU D 62 4.02 -40.26 -6.48
CA LEU D 62 3.31 -39.02 -6.27
C LEU D 62 3.73 -38.00 -7.36
N ASP D 63 5.03 -37.88 -7.66
CA ASP D 63 5.43 -36.94 -8.71
C ASP D 63 4.89 -37.39 -10.07
N LEU D 64 4.79 -38.70 -10.30
CA LEU D 64 4.25 -39.17 -11.57
C LEU D 64 2.74 -38.87 -11.59
N ALA D 65 2.11 -39.06 -10.44
CA ALA D 65 0.70 -38.78 -10.36
C ALA D 65 0.44 -37.28 -10.57
N ALA D 66 1.31 -36.44 -10.00
CA ALA D 66 1.10 -35.01 -10.10
C ALA D 66 1.55 -34.38 -11.39
N TYR D 67 2.66 -34.83 -11.95
CA TYR D 67 3.16 -34.12 -13.10
C TYR D 67 3.41 -34.79 -14.44
N ASP D 68 3.30 -36.10 -14.53
CA ASP D 68 3.55 -36.72 -15.81
C ASP D 68 2.35 -36.40 -16.68
N LYS D 69 2.55 -36.36 -18.00
CA LYS D 69 1.49 -36.05 -18.95
C LYS D 69 0.32 -37.06 -18.98
N ASP D 70 0.64 -38.35 -19.05
CA ASP D 70 -0.42 -39.37 -19.06
C ASP D 70 -0.89 -39.67 -17.64
N ASP D 71 -2.17 -40.01 -17.52
CA ASP D 71 -2.80 -40.40 -16.27
C ASP D 71 -2.33 -41.85 -16.01
N PHE D 72 -2.29 -42.25 -14.75
CA PHE D 72 -1.90 -43.59 -14.37
C PHE D 72 -2.71 -44.58 -15.19
N THR D 73 -2.06 -45.64 -15.68
CA THR D 73 -2.76 -46.66 -16.49
C THR D 73 -3.39 -47.71 -15.60
N GLN D 74 -4.29 -48.48 -16.17
CA GLN D 74 -5.00 -49.47 -15.38
C GLN D 74 -4.08 -50.36 -14.54
N PRO D 75 -3.04 -50.92 -15.17
CA PRO D 75 -2.23 -51.77 -14.29
C PRO D 75 -1.67 -51.04 -13.10
N MET D 76 -1.43 -49.74 -13.25
CA MET D 76 -0.88 -48.95 -12.14
C MET D 76 -1.94 -48.72 -11.07
N ILE D 77 -3.18 -48.53 -11.50
CA ILE D 77 -4.22 -48.28 -10.58
C ILE D 77 -4.44 -49.54 -9.76
N LYS D 78 -4.39 -50.70 -10.40
CA LYS D 78 -4.58 -51.97 -9.71
C LYS D 78 -3.57 -52.14 -8.58
N LYS D 79 -2.33 -51.74 -8.86
CA LYS D 79 -1.28 -51.84 -7.87
C LYS D 79 -1.65 -51.01 -6.63
N ILE D 80 -2.01 -49.73 -6.86
CA ILE D 80 -2.35 -48.81 -5.79
C ILE D 80 -3.60 -49.28 -5.07
N MET D 81 -4.52 -49.82 -5.85
CA MET D 81 -5.77 -50.28 -5.28
C MET D 81 -5.54 -51.48 -4.38
N SER D 82 -4.70 -52.42 -4.78
CA SER D 82 -4.53 -53.57 -3.92
C SER D 82 -3.77 -53.18 -2.65
N ARG D 83 -2.96 -52.12 -2.73
CA ARG D 83 -2.23 -51.65 -1.56
C ARG D 83 -3.18 -51.06 -0.52
N LEU D 84 -4.34 -50.62 -0.98
CA LEU D 84 -5.31 -50.02 -0.13
C LEU D 84 -6.32 -51.07 0.32
N PHE D 85 -6.51 -52.11 -0.45
CA PHE D 85 -7.43 -53.14 -0.01
C PHE D 85 -6.65 -53.85 1.15
N SER D 86 -5.46 -54.34 0.84
CA SER D 86 -4.63 -55.01 1.83
C SER D 86 -4.62 -54.26 3.12
N ALA D 87 -4.55 -52.95 3.02
CA ALA D 87 -4.47 -52.16 4.25
C ALA D 87 -5.65 -52.33 5.21
N PHE D 88 -6.81 -52.78 4.72
CA PHE D 88 -7.97 -53.02 5.60
C PHE D 88 -7.92 -54.43 6.14
N ASP D 89 -7.07 -55.25 5.52
CA ASP D 89 -6.88 -56.64 5.87
C ASP D 89 -5.81 -56.67 6.95
N VAL D 90 -6.14 -56.10 8.10
CA VAL D 90 -5.21 -56.00 9.24
C VAL D 90 -4.69 -57.28 9.89
N THR D 91 -5.45 -58.37 9.83
CA THR D 91 -4.97 -59.63 10.43
C THR D 91 -4.35 -60.49 9.33
N HIS D 92 -4.18 -59.90 8.17
CA HIS D 92 -3.54 -60.54 7.02
C HIS D 92 -4.03 -61.90 6.56
N LEU D 93 -5.34 -62.01 6.36
CA LEU D 93 -5.96 -63.24 5.88
C LEU D 93 -6.00 -63.34 4.36
N GLY D 94 -5.74 -62.24 3.66
CA GLY D 94 -5.79 -62.30 2.21
C GLY D 94 -7.19 -62.07 1.65
N TYR D 95 -8.11 -61.66 2.50
CA TYR D 95 -9.47 -61.39 2.03
C TYR D 95 -10.21 -60.44 3.00
N LEU D 96 -11.40 -59.97 2.63
CA LEU D 96 -12.18 -59.09 3.50
C LEU D 96 -13.62 -59.57 3.54
N THR D 97 -14.32 -59.23 4.62
CA THR D 97 -15.73 -59.61 4.73
C THR D 97 -16.54 -58.49 4.07
N PRO D 98 -17.66 -58.85 3.41
CA PRO D 98 -18.53 -57.89 2.71
C PRO D 98 -18.69 -56.54 3.43
N ASP D 99 -18.75 -56.57 4.76
CA ASP D 99 -18.92 -55.34 5.47
C ASP D 99 -17.70 -54.45 5.41
N LYS D 100 -16.51 -55.06 5.44
CA LYS D 100 -15.25 -54.31 5.33
C LYS D 100 -15.10 -53.78 3.90
N VAL D 101 -15.63 -54.55 2.96
CA VAL D 101 -15.58 -54.19 1.57
C VAL D 101 -16.42 -52.92 1.38
N GLU D 102 -17.49 -52.77 2.14
CA GLU D 102 -18.29 -51.56 1.99
C GLU D 102 -17.55 -50.37 2.65
N GLU D 103 -16.72 -50.68 3.63
CA GLU D 103 -15.97 -49.62 4.28
C GLU D 103 -14.99 -49.12 3.22
N VAL D 104 -14.29 -50.07 2.60
CA VAL D 104 -13.32 -49.77 1.57
C VAL D 104 -13.92 -48.88 0.51
N CYS D 105 -15.11 -49.24 0.04
CA CYS D 105 -15.78 -48.46 -0.98
C CYS D 105 -16.06 -47.07 -0.46
N ARG D 106 -16.61 -46.98 0.75
CA ARG D 106 -16.92 -45.67 1.30
C ARG D 106 -15.60 -44.87 1.39
N TYR D 107 -14.51 -45.53 1.76
CA TYR D 107 -13.21 -44.86 1.85
C TYR D 107 -12.66 -44.41 0.47
N LEU D 108 -12.99 -45.14 -0.59
CA LEU D 108 -12.55 -44.79 -1.94
C LEU D 108 -13.44 -43.69 -2.51
N GLY D 109 -14.37 -43.20 -1.70
CA GLY D 109 -15.23 -42.12 -2.13
C GLY D 109 -16.58 -42.49 -2.72
N ARG D 110 -16.81 -43.77 -3.00
CA ARG D 110 -18.09 -44.22 -3.59
C ARG D 110 -19.12 -44.48 -2.52
N ASN D 111 -19.70 -43.41 -1.98
CA ASN D 111 -20.72 -43.57 -0.95
C ASN D 111 -21.93 -44.27 -1.56
N MET D 112 -22.07 -45.56 -1.27
CA MET D 112 -23.17 -46.38 -1.79
C MET D 112 -24.47 -46.29 -0.96
N SER D 113 -25.60 -46.49 -1.64
CA SER D 113 -26.91 -46.46 -0.99
C SER D 113 -27.26 -47.89 -0.57
N ASP D 114 -27.99 -48.04 0.53
CA ASP D 114 -28.38 -49.36 1.04
C ASP D 114 -28.69 -50.34 -0.07
N GLY D 115 -29.36 -49.85 -1.11
CA GLY D 115 -29.71 -50.70 -2.23
C GLY D 115 -28.43 -51.23 -2.86
N ASP D 116 -27.49 -50.34 -3.10
CA ASP D 116 -26.21 -50.70 -3.68
C ASP D 116 -25.38 -51.72 -2.89
N VAL D 117 -25.22 -51.50 -1.59
CA VAL D 117 -24.46 -52.42 -0.78
C VAL D 117 -24.92 -53.87 -1.01
N LYS D 118 -26.22 -54.11 -0.85
CA LYS D 118 -26.74 -55.46 -1.05
C LYS D 118 -26.56 -55.85 -2.48
N ALA D 119 -26.65 -54.87 -3.37
CA ALA D 119 -26.48 -55.16 -4.78
C ALA D 119 -25.04 -55.57 -5.02
N MET D 120 -24.13 -54.95 -4.31
CA MET D 120 -22.74 -55.30 -4.51
C MET D 120 -22.39 -56.57 -3.74
N LYS D 121 -22.94 -56.74 -2.55
CA LYS D 121 -22.62 -57.96 -1.80
C LYS D 121 -23.02 -59.11 -2.69
N ALA D 122 -24.10 -58.88 -3.44
CA ALA D 122 -24.71 -59.84 -4.34
C ALA D 122 -23.91 -60.19 -5.57
N GLU D 123 -23.56 -59.15 -6.34
CA GLU D 123 -22.78 -59.32 -7.56
C GLU D 123 -21.36 -59.87 -7.31
N ILE D 124 -20.73 -59.47 -6.21
CA ILE D 124 -19.38 -59.93 -5.87
C ILE D 124 -19.29 -61.44 -5.69
N ASN D 125 -20.29 -62.02 -5.03
CA ASN D 125 -20.34 -63.45 -4.74
C ASN D 125 -19.18 -63.92 -3.87
N ALA D 126 -19.42 -63.86 -2.57
CA ALA D 126 -18.43 -64.31 -1.60
C ALA D 126 -18.84 -65.73 -1.27
N ILE D 127 -18.24 -66.70 -1.96
CA ILE D 127 -18.56 -68.13 -1.78
C ILE D 127 -18.27 -68.67 -0.39
N ASP D 128 -18.08 -67.79 0.58
CA ASP D 128 -17.76 -68.21 1.94
C ASP D 128 -17.70 -66.96 2.79
N GLY D 129 -18.23 -65.87 2.25
CA GLY D 129 -18.20 -64.59 2.93
C GLY D 129 -16.84 -63.91 2.78
N HIS D 130 -15.93 -64.56 2.03
CA HIS D 130 -14.55 -64.10 1.79
C HIS D 130 -14.28 -63.35 0.47
N VAL D 131 -14.14 -62.02 0.54
CA VAL D 131 -13.88 -61.25 -0.69
C VAL D 131 -12.42 -60.94 -0.90
N THR D 132 -11.83 -61.56 -1.90
CA THR D 132 -10.43 -61.34 -2.20
C THR D 132 -10.27 -60.03 -2.96
N PHE D 133 -9.06 -59.46 -2.92
CA PHE D 133 -8.85 -58.25 -3.67
C PHE D 133 -9.23 -58.45 -5.14
N GLU D 134 -8.89 -59.61 -5.72
CA GLU D 134 -9.19 -59.92 -7.12
C GLU D 134 -10.67 -59.86 -7.45
N LYS D 135 -11.45 -60.41 -6.53
CA LYS D 135 -12.88 -60.42 -6.69
C LYS D 135 -13.38 -58.97 -6.60
N PHE D 136 -12.81 -58.21 -5.66
CA PHE D 136 -13.19 -56.82 -5.46
C PHE D 136 -12.84 -56.06 -6.74
N TRP D 137 -11.58 -56.11 -7.13
CA TRP D 137 -11.12 -55.43 -8.32
C TRP D 137 -12.06 -55.68 -9.49
N ALA D 138 -12.38 -56.94 -9.74
CA ALA D 138 -13.25 -57.28 -10.85
C ALA D 138 -14.63 -56.66 -10.74
N TRP D 139 -15.13 -56.52 -9.51
CA TRP D 139 -16.45 -55.97 -9.32
C TRP D 139 -16.33 -54.47 -9.54
N TRP D 140 -15.33 -53.90 -8.90
CA TRP D 140 -15.08 -52.51 -8.99
C TRP D 140 -15.00 -52.02 -10.44
N CYS D 141 -14.29 -52.76 -11.30
CA CYS D 141 -14.12 -52.37 -12.72
C CYS D 141 -15.36 -52.56 -13.61
N SER D 142 -16.24 -53.48 -13.25
CA SER D 142 -17.44 -53.77 -14.03
C SER D 142 -18.61 -52.89 -13.63
N HIS D 143 -18.44 -52.11 -12.56
CA HIS D 143 -19.48 -51.24 -12.05
C HIS D 143 -18.95 -49.85 -11.87
N PRO D 144 -18.41 -49.28 -12.96
CA PRO D 144 -17.88 -47.92 -12.84
C PRO D 144 -19.05 -47.07 -12.40
N VAL D 145 -18.73 -45.93 -11.81
CA VAL D 145 -19.78 -45.03 -11.41
C VAL D 145 -19.34 -43.58 -11.55
N HIS D 146 -20.03 -42.91 -12.46
CA HIS D 146 -19.84 -41.50 -12.79
C HIS D 146 -20.37 -40.77 -11.55
N SER D 147 -19.48 -40.60 -10.58
CA SER D 147 -19.79 -39.99 -9.28
C SER D 147 -20.29 -38.52 -9.20
N ARG D 148 -21.22 -38.10 -10.06
CA ARG D 148 -21.73 -36.73 -10.01
C ARG D 148 -22.29 -36.36 -8.62
N THR D 149 -22.09 -37.27 -7.66
CA THR D 149 -22.56 -37.12 -6.27
C THR D 149 -24.04 -36.66 -6.26
N LYS D 150 -24.91 -37.60 -6.64
CA LYS D 150 -26.35 -37.37 -6.73
C LYS D 150 -27.03 -36.94 -5.44
N CYS D 151 -26.60 -37.45 -4.27
CA CYS D 151 -27.25 -37.02 -3.03
C CYS D 151 -26.42 -35.94 -2.37
N PHE D 152 -27.08 -34.89 -1.85
CA PHE D 152 -26.38 -33.81 -1.19
C PHE D 152 -26.70 -33.82 0.27
N SER D 153 -25.68 -33.68 1.12
CA SER D 153 -25.89 -33.68 2.58
C SER D 153 -26.32 -32.32 3.15
N MET D 154 -27.39 -32.29 3.93
CA MET D 154 -27.83 -31.03 4.49
C MET D 154 -27.42 -30.90 5.94
N VAL D 155 -26.77 -31.92 6.48
CA VAL D 155 -26.37 -31.84 7.87
C VAL D 155 -25.56 -30.57 8.09
N SER D 156 -26.11 -29.69 8.93
CA SER D 156 -25.49 -28.42 9.29
C SER D 156 -25.70 -28.28 10.78
N ALA D 157 -25.09 -27.27 11.37
CA ALA D 157 -25.23 -27.06 12.81
C ALA D 157 -26.44 -26.20 13.04
N ASP D 158 -26.73 -25.39 12.04
CA ASP D 158 -27.83 -24.47 12.07
C ASP D 158 -28.00 -23.78 13.44
N PHE D 159 -27.21 -22.72 13.61
CA PHE D 159 -27.24 -21.90 14.80
C PHE D 159 -28.21 -20.78 14.41
N SER D 160 -28.74 -20.07 15.40
CA SER D 160 -29.65 -18.96 15.09
C SER D 160 -28.84 -17.67 15.13
N MET D 161 -28.98 -16.86 14.08
CA MET D 161 -28.31 -15.57 14.00
C MET D 161 -29.36 -14.57 14.50
N PRO D 162 -29.54 -14.49 15.83
CA PRO D 162 -30.49 -13.62 16.52
C PRO D 162 -29.89 -12.22 16.62
N TYR D 163 -30.02 -11.44 15.54
CA TYR D 163 -29.44 -10.10 15.52
C TYR D 163 -30.03 -9.21 14.41
N HIS D 164 -30.37 -7.98 14.76
CA HIS D 164 -30.86 -7.04 13.77
C HIS D 164 -29.68 -6.16 13.32
N GLN D 165 -29.34 -6.24 12.04
CA GLN D 165 -28.25 -5.46 11.48
C GLN D 165 -28.61 -3.93 11.47
N GLN D 166 -27.75 -3.05 11.97
CA GLN D 166 -28.12 -1.63 11.93
C GLN D 166 -27.21 -0.82 11.06
N GLN D 167 -27.74 0.24 10.47
CA GLN D 167 -26.95 1.13 9.66
C GLN D 167 -26.89 2.46 10.41
N LEU D 168 -25.69 2.93 10.70
CA LEU D 168 -25.54 4.20 11.38
C LEU D 168 -25.86 5.31 10.37
N VAL D 169 -26.52 6.36 10.85
CA VAL D 169 -26.87 7.50 10.03
C VAL D 169 -26.44 8.70 10.85
N VAL D 170 -25.68 9.60 10.24
CA VAL D 170 -25.22 10.76 10.97
C VAL D 170 -25.78 12.06 10.35
N HIS D 171 -26.45 12.87 11.17
CA HIS D 171 -27.03 14.11 10.67
C HIS D 171 -26.48 15.32 11.35
N GLU D 172 -26.18 16.35 10.56
CA GLU D 172 -25.72 17.62 11.07
C GLU D 172 -26.97 18.48 11.23
N LYS D 173 -27.03 19.29 12.25
CA LYS D 173 -28.19 20.14 12.40
C LYS D 173 -27.62 21.40 13.00
N GLY D 174 -28.19 22.53 12.64
CA GLY D 174 -27.68 23.77 13.20
C GLY D 174 -26.55 24.31 12.35
N GLU D 175 -25.85 25.29 12.91
CA GLU D 175 -24.75 25.94 12.20
C GLU D 175 -23.43 25.91 12.99
N MET D 176 -22.35 25.46 12.34
CA MET D 176 -21.01 25.38 12.95
C MET D 176 -20.49 26.80 13.26
N TYR D 177 -19.81 26.90 14.38
CA TYR D 177 -19.26 28.16 14.87
C TYR D 177 -20.36 28.98 15.50
N THR D 178 -21.33 28.24 16.06
CA THR D 178 -22.47 28.82 16.79
C THR D 178 -23.06 27.78 17.73
N PRO D 179 -23.82 28.22 18.71
CA PRO D 179 -24.42 27.28 19.67
C PRO D 179 -25.45 26.27 19.10
N SER D 180 -25.95 26.50 17.89
CA SER D 180 -26.97 25.60 17.38
C SER D 180 -26.39 24.32 16.83
N TYR D 181 -25.13 24.35 16.41
CA TYR D 181 -24.53 23.18 15.82
C TYR D 181 -24.57 21.86 16.66
N ARG D 182 -24.97 20.79 16.02
CA ARG D 182 -25.04 19.52 16.68
C ARG D 182 -24.93 18.45 15.61
N VAL D 183 -24.23 17.36 15.94
CA VAL D 183 -24.15 16.21 15.03
C VAL D 183 -24.95 15.14 15.77
N LEU D 184 -26.05 14.66 15.18
CA LEU D 184 -26.90 13.63 15.80
C LEU D 184 -26.70 12.23 15.19
N TYR D 185 -27.04 11.19 15.94
CA TYR D 185 -26.89 9.82 15.47
C TYR D 185 -28.15 8.98 15.46
N PHE D 186 -28.25 8.10 14.49
CA PHE D 186 -29.41 7.23 14.43
C PHE D 186 -28.98 5.88 13.93
N PHE D 187 -29.90 4.94 14.07
CA PHE D 187 -29.77 3.55 13.64
C PHE D 187 -31.01 3.24 12.81
N ARG D 188 -30.80 2.74 11.60
CA ARG D 188 -31.89 2.33 10.75
C ARG D 188 -31.83 0.82 10.88
N ASP D 189 -32.77 0.21 11.60
CA ASP D 189 -32.78 -1.25 11.72
C ASP D 189 -32.93 -1.74 10.28
N LEU D 190 -32.00 -2.51 9.76
CA LEU D 190 -32.16 -2.94 8.38
C LEU D 190 -33.29 -3.93 8.12
N GLU D 191 -33.50 -4.91 9.00
CA GLU D 191 -34.56 -5.87 8.74
C GLU D 191 -35.94 -5.23 8.86
N THR D 192 -36.05 -3.98 9.31
CA THR D 192 -37.34 -3.32 9.43
C THR D 192 -37.43 -1.96 8.77
N GLY D 193 -36.31 -1.44 8.31
CA GLY D 193 -36.30 -0.14 7.67
C GLY D 193 -36.62 1.04 8.58
N ARG D 194 -36.92 0.79 9.85
CA ARG D 194 -37.27 1.87 10.76
C ARG D 194 -36.15 2.62 11.51
N GLU D 195 -36.15 3.94 11.37
CA GLU D 195 -35.18 4.79 12.05
C GLU D 195 -35.45 5.21 13.50
N ARG D 196 -34.37 5.21 14.30
CA ARG D 196 -34.36 5.55 15.73
C ARG D 196 -33.09 6.35 16.09
N GLN D 197 -33.21 7.38 16.92
CA GLN D 197 -32.05 8.14 17.33
C GLN D 197 -31.27 7.32 18.34
N VAL D 198 -29.95 7.46 18.33
CA VAL D 198 -29.11 6.72 19.29
C VAL D 198 -28.06 7.66 19.89
N SER D 199 -27.42 7.22 20.96
CA SER D 199 -26.34 7.96 21.62
C SER D 199 -25.03 7.35 21.09
N PRO D 200 -24.16 8.20 20.50
CA PRO D 200 -22.91 7.66 19.99
C PRO D 200 -22.07 7.13 21.15
N TRP D 201 -22.27 7.73 22.32
CA TRP D 201 -21.56 7.31 23.49
C TRP D 201 -22.12 5.96 24.05
N HIS D 202 -23.43 5.81 24.19
CA HIS D 202 -23.93 4.56 24.74
C HIS D 202 -24.32 3.47 23.79
N ASP D 203 -24.76 3.84 22.59
CA ASP D 203 -25.24 2.86 21.65
C ASP D 203 -24.31 2.22 20.61
N ILE D 204 -23.28 2.93 20.16
CA ILE D 204 -22.35 2.41 19.17
C ILE D 204 -21.49 1.47 19.93
N PRO D 205 -21.43 0.20 19.55
CA PRO D 205 -20.58 -0.69 20.36
C PRO D 205 -19.12 -0.36 20.29
N LEU D 206 -18.48 -0.57 21.43
CA LEU D 206 -17.06 -0.31 21.59
C LEU D 206 -16.21 -1.28 20.77
N TYR D 207 -16.56 -2.55 20.84
CA TYR D 207 -15.83 -3.60 20.12
C TYR D 207 -16.53 -3.87 18.81
N VAL D 208 -15.80 -4.05 17.74
CA VAL D 208 -16.47 -4.35 16.48
C VAL D 208 -16.30 -5.81 16.14
N ARG D 209 -17.29 -6.66 16.43
CA ARG D 209 -17.12 -8.07 16.13
C ARG D 209 -18.02 -8.65 15.05
N ASP D 210 -17.45 -9.58 14.28
CA ASP D 210 -18.20 -10.24 13.21
C ASP D 210 -19.11 -11.33 13.83
N LEU D 211 -20.20 -11.70 13.16
CA LEU D 211 -21.12 -12.76 13.65
C LEU D 211 -20.35 -14.08 13.70
N VAL D 212 -19.62 -14.34 12.62
CA VAL D 212 -18.77 -15.49 12.50
C VAL D 212 -17.39 -14.97 12.10
N ARG D 213 -16.49 -14.93 13.08
CA ARG D 213 -15.13 -14.48 12.86
C ARG D 213 -14.40 -15.53 12.05
N THR D 214 -14.02 -15.17 10.83
CA THR D 214 -13.33 -16.10 9.96
C THR D 214 -11.81 -15.95 9.97
N LYS D 215 -11.32 -14.83 10.53
CA LYS D 215 -9.86 -14.64 10.68
C LYS D 215 -9.38 -15.73 11.64
N PRO D 216 -8.14 -16.22 11.45
CA PRO D 216 -7.61 -17.28 12.34
C PRO D 216 -7.76 -17.08 13.84
N GLU D 217 -8.30 -18.10 14.52
CA GLU D 217 -8.48 -18.00 15.96
C GLU D 217 -7.13 -17.60 16.56
N ALA D 218 -6.07 -17.92 15.85
CA ALA D 218 -4.70 -17.61 16.23
C ALA D 218 -4.47 -16.07 16.36
N THR D 219 -4.97 -15.31 15.38
CA THR D 219 -4.89 -13.84 15.33
C THR D 219 -5.87 -13.24 16.36
N PRO D 220 -5.38 -12.47 17.33
CA PRO D 220 -6.31 -11.91 18.31
C PRO D 220 -7.11 -10.70 17.75
N MET D 221 -8.15 -10.32 18.48
CA MET D 221 -9.03 -9.23 18.03
C MET D 221 -8.59 -7.82 18.40
N ASN D 222 -8.67 -6.93 17.41
CA ASN D 222 -8.31 -5.52 17.58
C ASN D 222 -9.08 -4.66 16.56
N ARG D 223 -10.34 -4.42 16.84
CA ARG D 223 -11.13 -3.60 15.94
C ARG D 223 -12.11 -2.85 16.85
N TYR D 224 -11.82 -1.56 17.03
CA TYR D 224 -12.59 -0.68 17.88
C TYR D 224 -13.27 0.44 17.11
N ASN D 225 -14.38 0.92 17.69
CA ASN D 225 -15.08 2.05 17.07
C ASN D 225 -14.54 3.35 17.63
N PHE D 226 -14.17 4.24 16.72
CA PHE D 226 -13.60 5.53 17.08
C PHE D 226 -14.58 6.61 16.65
N ILE D 227 -14.86 7.53 17.57
CA ILE D 227 -15.73 8.65 17.27
C ILE D 227 -14.89 9.91 17.16
N CYS D 228 -14.75 10.40 15.95
CA CYS D 228 -13.97 11.60 15.77
C CYS D 228 -14.61 12.88 16.30
N GLU D 229 -13.90 13.62 17.17
CA GLU D 229 -14.43 14.88 17.65
C GLU D 229 -13.67 16.06 17.03
N ILE D 230 -12.37 15.92 16.89
CA ILE D 230 -11.58 16.98 16.31
C ILE D 230 -10.76 16.48 15.15
N PRO D 231 -11.14 16.88 13.93
CA PRO D 231 -10.47 16.50 12.70
C PRO D 231 -9.03 16.84 12.58
N LYS D 232 -8.30 15.89 12.01
CA LYS D 232 -6.89 16.00 11.72
C LYS D 232 -6.72 17.42 11.04
N TRP D 233 -5.64 18.11 11.40
CA TRP D 233 -5.31 19.45 10.92
C TRP D 233 -6.26 20.59 11.25
N THR D 234 -7.06 20.42 12.30
CA THR D 234 -7.99 21.46 12.70
C THR D 234 -7.74 21.87 14.16
N ARG D 235 -8.34 22.96 14.63
CA ARG D 235 -8.11 23.35 15.99
C ARG D 235 -9.36 23.84 16.71
N ALA D 236 -10.50 23.72 16.04
CA ALA D 236 -11.79 24.10 16.62
C ALA D 236 -12.28 22.97 17.53
N LYS D 237 -12.58 23.32 18.77
CA LYS D 237 -12.99 22.34 19.75
C LYS D 237 -14.43 21.83 19.63
N PHE D 238 -14.58 20.51 19.54
CA PHE D 238 -15.90 19.86 19.51
C PHE D 238 -15.83 18.71 20.53
N GLU D 239 -16.99 18.24 21.00
CA GLU D 239 -17.05 17.15 21.99
C GLU D 239 -18.41 16.40 22.10
N ILE D 240 -18.36 15.19 22.63
CA ILE D 240 -19.58 14.42 22.84
C ILE D 240 -20.27 15.12 23.99
N ALA D 241 -21.55 15.44 23.86
CA ALA D 241 -22.24 16.11 24.94
C ALA D 241 -22.67 15.08 25.98
N THR D 242 -21.78 14.73 26.89
CA THR D 242 -22.16 13.73 27.86
C THR D 242 -23.25 14.26 28.76
N GLY D 243 -23.53 15.55 28.66
CA GLY D 243 -24.58 16.13 29.47
C GLY D 243 -25.94 16.14 28.78
N GLU D 244 -25.94 16.24 27.45
CA GLU D 244 -27.17 16.28 26.67
C GLU D 244 -27.78 14.95 26.27
N SER D 245 -29.10 14.96 26.14
CA SER D 245 -29.92 13.81 25.76
C SER D 245 -29.56 13.30 24.34
N PHE D 246 -29.13 12.02 24.33
CA PHE D 246 -28.68 11.28 23.15
C PHE D 246 -27.24 11.67 22.82
N ASN D 247 -26.60 12.31 23.79
CA ASN D 247 -25.21 12.75 23.69
C ASN D 247 -24.69 12.98 22.29
N PRO D 248 -25.22 14.00 21.60
CA PRO D 248 -24.79 14.36 20.25
C PRO D 248 -23.50 15.15 20.37
N ILE D 249 -22.77 15.29 19.28
CA ILE D 249 -21.57 16.10 19.33
C ILE D 249 -21.99 17.57 19.29
N LYS D 250 -21.34 18.42 20.10
CA LYS D 250 -21.61 19.86 20.10
C LYS D 250 -20.28 20.57 20.06
N GLN D 251 -20.28 21.77 19.52
CA GLN D 251 -19.08 22.55 19.44
C GLN D 251 -18.85 23.22 20.81
N ASP D 252 -17.59 23.59 21.07
CA ASP D 252 -17.25 24.22 22.33
C ASP D 252 -17.39 25.74 22.24
N ILE D 253 -18.50 26.22 22.74
CA ILE D 253 -18.78 27.64 22.71
C ILE D 253 -19.00 28.17 24.10
N LYS D 254 -18.31 29.22 24.44
CA LYS D 254 -18.46 29.83 25.75
C LYS D 254 -18.80 31.28 25.45
N ASN D 255 -19.82 31.80 26.10
CA ASN D 255 -20.22 33.20 25.86
C ASN D 255 -20.38 33.56 24.39
N GLY D 256 -21.00 32.66 23.65
CA GLY D 256 -21.26 32.91 22.25
C GLY D 256 -20.07 32.90 21.35
N VAL D 257 -18.89 32.60 21.89
CA VAL D 257 -17.68 32.56 21.09
C VAL D 257 -17.15 31.11 21.01
N PRO D 258 -16.72 30.67 19.83
CA PRO D 258 -16.21 29.30 19.70
C PRO D 258 -14.81 29.21 20.28
N ARG D 259 -14.49 28.09 20.90
CA ARG D 259 -13.18 27.87 21.49
C ARG D 259 -12.25 27.06 20.57
N PHE D 260 -10.94 27.20 20.79
CA PHE D 260 -9.95 26.53 19.96
C PHE D 260 -8.72 26.20 20.76
N TYR D 261 -7.92 25.27 20.26
CA TYR D 261 -6.65 24.98 20.92
C TYR D 261 -5.72 26.16 20.48
N LYS D 262 -5.11 26.92 21.40
CA LYS D 262 -4.31 28.03 20.89
C LYS D 262 -2.89 27.67 20.42
N HIS D 263 -2.38 26.59 21.00
CA HIS D 263 -1.07 26.05 20.69
C HIS D 263 -0.88 25.78 19.18
N GLY D 264 -1.93 25.30 18.53
CA GLY D 264 -1.83 25.00 17.11
C GLY D 264 -2.81 23.91 16.74
N ASP D 265 -2.78 23.46 15.50
CA ASP D 265 -3.67 22.42 15.03
C ASP D 265 -3.40 21.03 15.58
N MET D 266 -4.46 20.27 15.79
CA MET D 266 -4.36 18.89 16.26
C MET D 266 -3.90 18.20 14.98
N MET D 267 -2.80 17.49 15.00
CA MET D 267 -2.30 16.94 13.77
C MET D 267 -2.69 15.54 13.39
N TRP D 268 -3.59 14.96 14.21
CA TRP D 268 -4.13 13.61 14.01
C TRP D 268 -5.64 13.63 14.37
N ASN D 269 -6.43 12.73 13.82
CA ASN D 269 -7.84 12.70 14.18
C ASN D 269 -7.91 12.45 15.71
N TYR D 270 -8.61 13.34 16.41
CA TYR D 270 -8.71 13.25 17.85
C TYR D 270 -10.19 12.95 18.22
N GLY D 271 -10.42 11.95 19.09
CA GLY D 271 -11.78 11.60 19.46
C GLY D 271 -11.91 10.75 20.70
N ALA D 272 -12.97 9.94 20.76
CA ALA D 272 -13.21 9.12 21.92
C ALA D 272 -13.74 7.70 21.61
N PHE D 273 -13.68 6.83 22.62
CA PHE D 273 -14.18 5.45 22.49
C PHE D 273 -15.55 5.33 23.10
N PRO D 274 -16.52 4.92 22.30
CA PRO D 274 -17.88 4.78 22.83
C PRO D 274 -17.88 3.76 23.96
N GLN D 275 -18.91 3.80 24.81
CA GLN D 275 -19.11 2.85 25.92
C GLN D 275 -17.89 2.72 26.83
N THR D 276 -17.31 3.86 27.18
CA THR D 276 -16.12 3.88 28.06
C THR D 276 -16.34 4.99 29.05
N TRP D 277 -15.76 4.88 30.24
CA TRP D 277 -15.93 5.88 31.29
C TRP D 277 -14.80 5.78 32.29
N GLU D 278 -14.10 6.90 32.44
CA GLU D 278 -13.00 6.98 33.38
C GLU D 278 -13.54 7.78 34.55
N SER D 279 -13.71 7.11 35.68
CA SER D 279 -14.32 7.76 36.83
C SER D 279 -13.51 8.51 37.86
N THR D 280 -14.00 9.68 38.24
CA THR D 280 -13.31 10.44 39.26
C THR D 280 -13.58 9.76 40.59
N GLU D 281 -14.00 8.51 40.59
CA GLU D 281 -14.26 7.87 41.85
C GLU D 281 -13.48 6.56 41.96
N VAL D 282 -12.78 6.24 40.88
CA VAL D 282 -11.96 5.05 40.82
C VAL D 282 -10.50 5.49 40.71
N LEU D 283 -9.64 4.90 41.54
CA LEU D 283 -8.23 5.27 41.51
C LEU D 283 -7.32 4.55 40.50
N PHE D 284 -6.30 5.28 40.06
CA PHE D 284 -5.27 4.76 39.18
C PHE D 284 -4.16 4.41 40.17
N GLU D 285 -3.74 5.43 40.94
CA GLU D 285 -2.73 5.33 41.99
C GLU D 285 -3.07 6.44 42.97
N ALA D 286 -2.69 6.29 44.23
CA ALA D 286 -3.00 7.31 45.22
C ALA D 286 -2.77 8.71 44.65
N GLY D 287 -3.75 9.60 44.86
CA GLY D 287 -3.64 10.97 44.37
C GLY D 287 -4.17 11.17 42.96
N VAL D 288 -4.17 10.10 42.17
CA VAL D 288 -4.63 10.11 40.79
C VAL D 288 -5.94 9.35 40.64
N THR D 289 -6.91 10.01 40.06
CA THR D 289 -8.22 9.42 39.87
C THR D 289 -8.57 9.53 38.38
N GLY D 290 -9.83 9.23 38.05
CA GLY D 290 -10.27 9.35 36.67
C GLY D 290 -10.80 10.75 36.36
N ASP D 291 -11.11 11.03 35.11
CA ASP D 291 -11.58 12.37 34.80
C ASP D 291 -13.08 12.54 34.39
N ASN D 292 -13.92 11.55 34.70
CA ASN D 292 -15.35 11.58 34.34
C ASN D 292 -15.54 11.90 32.87
N ASP D 293 -15.07 10.97 32.03
CA ASP D 293 -15.10 11.17 30.59
C ASP D 293 -14.71 9.89 29.82
N PRO D 294 -15.17 9.75 28.57
CA PRO D 294 -14.84 8.58 27.76
C PRO D 294 -13.35 8.70 27.48
N VAL D 295 -12.68 7.58 27.24
CA VAL D 295 -11.25 7.66 27.03
C VAL D 295 -11.00 8.22 25.68
N ASP D 296 -9.97 9.03 25.59
CA ASP D 296 -9.66 9.66 24.36
C ASP D 296 -8.77 8.87 23.42
N ALA D 297 -8.75 9.22 22.15
CA ALA D 297 -7.83 8.53 21.28
C ALA D 297 -7.36 9.48 20.20
N VAL D 298 -6.25 9.10 19.60
CA VAL D 298 -5.64 9.86 18.55
C VAL D 298 -5.44 8.84 17.45
N GLU D 299 -6.09 8.96 16.30
CA GLU D 299 -5.79 7.96 15.31
C GLU D 299 -4.88 8.63 14.29
N ILE D 300 -3.74 7.99 14.09
CA ILE D 300 -2.63 8.46 13.29
C ILE D 300 -2.59 8.18 11.80
N GLY D 301 -3.68 7.66 11.24
CA GLY D 301 -3.70 7.34 9.82
C GLY D 301 -3.58 8.59 8.98
N MET D 302 -3.46 8.43 7.66
CA MET D 302 -3.28 9.58 6.81
C MET D 302 -4.52 10.40 6.45
N THR D 303 -5.71 9.81 6.62
CA THR D 303 -6.96 10.46 6.25
C THR D 303 -7.69 11.23 7.32
N GLN D 304 -8.09 12.43 6.97
CA GLN D 304 -8.81 13.28 7.86
C GLN D 304 -10.24 12.81 7.97
N PHE D 305 -10.74 12.66 9.19
CA PHE D 305 -12.16 12.28 9.41
C PHE D 305 -13.00 13.53 9.52
N LYS D 306 -14.31 13.42 9.33
CA LYS D 306 -15.13 14.62 9.49
C LYS D 306 -15.58 14.65 10.96
N VAL D 307 -16.10 15.77 11.43
CA VAL D 307 -16.56 15.86 12.81
C VAL D 307 -17.64 14.85 13.08
N GLY D 308 -17.46 14.06 14.14
CA GLY D 308 -18.46 13.07 14.49
C GLY D 308 -18.36 11.84 13.65
N GLN D 309 -17.39 11.78 12.76
CA GLN D 309 -17.28 10.59 11.94
C GLN D 309 -16.86 9.37 12.79
N VAL D 310 -17.48 8.22 12.54
CA VAL D 310 -17.13 7.01 13.28
C VAL D 310 -16.36 6.01 12.42
N SER D 311 -15.21 5.54 12.92
CA SER D 311 -14.40 4.58 12.16
C SER D 311 -13.85 3.47 13.04
N ALA D 312 -13.61 2.34 12.39
CA ALA D 312 -13.05 1.15 13.01
C ALA D 312 -11.57 1.35 13.08
N VAL D 313 -11.03 1.23 14.29
CA VAL D 313 -9.61 1.42 14.45
C VAL D 313 -8.94 0.24 15.16
N LYS D 314 -7.62 0.26 15.12
CA LYS D 314 -6.80 -0.74 15.76
C LYS D 314 -6.02 -0.03 16.88
N VAL D 315 -6.05 -0.58 18.09
CA VAL D 315 -5.36 0.07 19.20
C VAL D 315 -3.89 -0.36 19.17
N LEU D 316 -2.99 0.59 19.44
CA LEU D 316 -1.54 0.35 19.42
C LEU D 316 -0.81 0.68 20.70
N GLY D 317 -1.35 1.55 21.53
CA GLY D 317 -0.63 1.87 22.72
C GLY D 317 -1.37 3.04 23.29
N VAL D 318 -0.88 3.57 24.40
CA VAL D 318 -1.53 4.64 25.08
C VAL D 318 -0.49 5.51 25.83
N LEU D 319 -0.71 6.81 25.80
CA LEU D 319 0.15 7.75 26.49
C LEU D 319 -0.68 8.27 27.70
N GLY D 320 -0.08 8.31 28.87
CA GLY D 320 -0.82 8.78 30.03
C GLY D 320 -0.37 10.11 30.60
N MET D 321 -1.31 11.02 30.75
CA MET D 321 -0.99 12.33 31.24
C MET D 321 -1.79 12.59 32.55
N ILE D 322 -1.12 12.94 33.63
CA ILE D 322 -1.82 13.21 34.88
C ILE D 322 -1.92 14.71 35.10
N ASP D 323 -3.12 15.21 35.30
CA ASP D 323 -3.28 16.65 35.53
C ASP D 323 -4.25 16.91 36.67
N GLU D 324 -3.74 17.51 37.74
CA GLU D 324 -4.54 17.82 38.91
C GLU D 324 -5.28 16.62 39.47
N GLY D 325 -4.53 15.58 39.76
CA GLY D 325 -5.09 14.36 40.30
C GLY D 325 -5.90 13.51 39.34
N GLU D 326 -5.94 13.87 38.05
CA GLU D 326 -6.72 13.06 37.12
C GLU D 326 -5.93 12.46 35.99
N MET D 327 -5.98 11.13 35.91
CA MET D 327 -5.31 10.40 34.83
C MET D 327 -6.06 10.65 33.52
N ASP D 328 -5.39 11.23 32.54
CA ASP D 328 -6.03 11.50 31.26
C ASP D 328 -5.34 10.72 30.12
N TRP D 329 -5.87 9.57 29.79
CA TRP D 329 -5.30 8.72 28.75
C TRP D 329 -5.43 9.20 27.34
N LYS D 330 -4.41 8.96 26.56
CA LYS D 330 -4.43 9.28 25.15
C LYS D 330 -4.12 7.93 24.47
N VAL D 331 -5.14 7.33 23.88
CA VAL D 331 -4.91 6.09 23.21
C VAL D 331 -4.41 6.33 21.76
N VAL D 332 -3.33 5.67 21.38
CA VAL D 332 -2.80 5.80 20.03
C VAL D 332 -3.39 4.65 19.27
N CYS D 333 -4.12 4.95 18.22
CA CYS D 333 -4.73 3.90 17.40
C CYS D 333 -4.64 4.32 15.94
N ILE D 334 -5.12 3.46 15.05
CA ILE D 334 -5.11 3.73 13.63
C ILE D 334 -6.26 3.02 12.91
N SER D 335 -6.86 3.76 11.98
CA SER D 335 -7.98 3.36 11.14
C SER D 335 -7.63 2.12 10.35
N HIS D 336 -8.52 1.13 10.35
CA HIS D 336 -8.26 -0.09 9.62
C HIS D 336 -8.19 0.18 8.10
N SER D 337 -8.79 1.26 7.63
CA SER D 337 -8.73 1.61 6.21
C SER D 337 -7.38 2.18 5.69
N ASP D 338 -6.49 2.54 6.61
CA ASP D 338 -5.22 3.12 6.27
C ASP D 338 -4.26 2.16 5.60
N PRO D 339 -3.61 2.60 4.50
CA PRO D 339 -2.68 1.72 3.81
C PRO D 339 -1.66 1.02 4.70
N ILE D 340 -1.18 1.69 5.75
CA ILE D 340 -0.18 1.01 6.56
C ILE D 340 -0.72 0.29 7.77
N CYS D 341 -2.03 0.24 7.90
CA CYS D 341 -2.58 -0.40 9.06
C CYS D 341 -2.09 -1.83 9.30
N HIS D 342 -2.01 -2.63 8.24
CA HIS D 342 -1.59 -4.01 8.39
C HIS D 342 -0.14 -4.18 8.84
N PHE D 343 0.70 -3.16 8.71
CA PHE D 343 2.09 -3.28 9.14
C PHE D 343 2.31 -2.86 10.60
N LEU D 344 1.39 -2.09 11.18
CA LEU D 344 1.52 -1.66 12.58
C LEU D 344 1.00 -2.76 13.48
N ARG D 345 1.89 -3.53 14.10
CA ARG D 345 1.42 -4.64 14.95
C ARG D 345 1.34 -4.26 16.40
N ASP D 346 2.16 -3.28 16.81
CA ASP D 346 2.20 -2.83 18.20
C ASP D 346 2.77 -1.40 18.22
N ILE D 347 2.87 -0.78 19.40
CA ILE D 347 3.31 0.60 19.46
C ILE D 347 4.68 0.77 18.84
N HIS D 348 5.55 -0.20 19.14
CA HIS D 348 6.92 -0.24 18.64
C HIS D 348 7.01 -0.15 17.14
N ASP D 349 5.91 -0.34 16.44
CA ASP D 349 6.02 -0.26 14.98
C ASP D 349 5.72 1.13 14.47
N VAL D 350 5.17 2.02 15.31
CA VAL D 350 4.84 3.35 14.80
C VAL D 350 6.10 4.07 14.34
N PRO D 351 7.16 4.04 15.17
CA PRO D 351 8.42 4.70 14.83
C PRO D 351 9.02 4.26 13.49
N LYS D 352 8.93 2.97 13.18
CA LYS D 352 9.49 2.46 11.93
C LYS D 352 8.76 2.92 10.67
N PHE D 353 7.44 3.08 10.75
CA PHE D 353 6.68 3.47 9.56
C PHE D 353 6.22 4.93 9.58
N LEU D 354 6.12 5.47 10.79
CA LEU D 354 5.69 6.84 10.99
C LEU D 354 6.69 7.52 11.92
N PRO D 355 7.93 7.57 11.46
CA PRO D 355 8.97 8.19 12.28
C PRO D 355 8.61 9.59 12.79
N GLY D 356 8.88 9.81 14.07
CA GLY D 356 8.62 11.12 14.66
C GLY D 356 7.21 11.32 15.12
N CYS D 357 6.32 10.45 14.67
CA CYS D 357 4.91 10.57 15.04
C CYS D 357 4.75 10.46 16.57
N LEU D 358 5.14 9.35 17.17
CA LEU D 358 4.94 9.26 18.60
C LEU D 358 5.56 10.46 19.31
N ASP D 359 6.75 10.88 18.87
CA ASP D 359 7.44 12.03 19.46
C ASP D 359 6.61 13.33 19.37
N ALA D 360 6.03 13.63 18.20
CA ALA D 360 5.20 14.87 18.03
C ALA D 360 3.93 14.88 18.91
N ILE D 361 3.24 13.72 18.92
CA ILE D 361 2.04 13.51 19.72
C ILE D 361 2.38 13.79 21.22
N ARG D 362 3.46 13.20 21.73
CA ARG D 362 3.84 13.42 23.11
C ARG D 362 4.23 14.86 23.39
N GLU D 363 5.01 15.47 22.49
CA GLU D 363 5.44 16.86 22.67
C GLU D 363 4.18 17.74 22.69
N TRP D 364 3.29 17.52 21.70
CA TRP D 364 2.07 18.29 21.62
C TRP D 364 1.32 18.23 22.96
N PHE D 365 1.14 17.02 23.51
CA PHE D 365 0.44 16.94 24.76
C PHE D 365 1.29 17.45 25.94
N ARG D 366 2.60 17.44 25.79
CA ARG D 366 3.45 17.97 26.83
C ARG D 366 3.40 19.51 26.87
N VAL D 367 3.28 20.16 25.72
CA VAL D 367 3.36 21.61 25.81
C VAL D 367 2.14 22.45 25.55
N TYR D 368 1.10 21.86 25.00
CA TYR D 368 -0.10 22.60 24.65
C TYR D 368 -0.72 23.60 25.63
N LYS D 369 -0.49 23.46 26.94
CA LYS D 369 -1.05 24.42 27.91
C LYS D 369 -0.12 25.63 28.09
N ILE D 370 1.15 25.44 27.81
CA ILE D 370 2.08 26.53 27.93
C ILE D 370 1.58 27.80 27.26
N CYS D 371 1.17 27.70 26.00
CA CYS D 371 0.70 28.84 25.23
C CYS D 371 -0.20 29.85 25.93
N GLN D 372 -1.21 29.36 26.63
CA GLN D 372 -2.16 30.22 27.31
C GLN D 372 -1.76 30.51 28.75
N GLY D 373 -0.48 30.33 29.05
CA GLY D 373 0.02 30.61 30.37
C GLY D 373 0.14 29.43 31.32
N GLY D 374 0.12 28.20 30.82
CA GLY D 374 0.21 27.06 31.73
C GLY D 374 1.58 26.44 31.75
N GLU D 375 1.73 25.25 32.30
CA GLU D 375 3.03 24.56 32.34
C GLU D 375 3.13 23.35 31.45
N ALA D 376 4.30 22.71 31.45
CA ALA D 376 4.48 21.49 30.67
C ALA D 376 3.61 20.45 31.36
N SER D 377 3.13 19.46 30.62
CA SER D 377 2.31 18.41 31.22
C SER D 377 3.16 17.36 31.96
N HIS D 378 2.56 16.74 32.97
CA HIS D 378 3.22 15.65 33.73
C HIS D 378 2.64 14.33 33.20
N PHE D 379 3.49 13.41 32.79
CA PHE D 379 3.01 12.13 32.29
C PHE D 379 3.24 11.03 33.30
N ALA D 380 2.70 9.86 32.99
CA ALA D 380 2.89 8.68 33.85
C ALA D 380 4.03 7.98 33.15
N PHE D 381 4.77 7.16 33.88
CA PHE D 381 5.87 6.41 33.31
C PHE D 381 6.88 7.26 32.57
N ASP D 382 7.06 8.49 33.04
CA ASP D 382 8.02 9.38 32.42
C ASP D 382 7.72 9.63 30.96
N GLY D 383 6.43 9.56 30.57
CA GLY D 383 6.03 9.81 29.20
C GLY D 383 6.15 8.67 28.21
N GLU D 384 6.26 7.46 28.76
CA GLU D 384 6.36 6.24 27.96
C GLU D 384 5.05 5.88 27.30
N PHE D 385 5.12 5.46 26.05
CA PHE D 385 3.91 4.98 25.39
C PHE D 385 3.86 3.48 25.70
N LYS D 386 2.96 3.04 26.56
CA LYS D 386 2.82 1.62 26.87
C LYS D 386 2.30 0.88 25.61
N ASP D 387 2.54 -0.43 25.49
CA ASP D 387 2.12 -1.19 24.31
C ASP D 387 0.62 -1.53 24.15
N LYS D 388 0.21 -2.07 23.01
CA LYS D 388 -1.21 -2.32 22.82
C LYS D 388 -1.97 -3.09 23.91
N GLU D 389 -1.40 -4.21 24.33
CA GLU D 389 -2.07 -4.99 25.34
C GLU D 389 -2.43 -4.10 26.54
N TYR D 390 -1.55 -3.17 26.90
CA TYR D 390 -1.81 -2.29 28.03
C TYR D 390 -2.94 -1.33 27.66
N ALA D 391 -2.91 -0.77 26.46
CA ALA D 391 -3.95 0.15 26.05
C ALA D 391 -5.30 -0.58 26.13
N MET D 392 -5.35 -1.81 25.61
CA MET D 392 -6.56 -2.61 25.65
C MET D 392 -7.06 -2.88 27.07
N LYS D 393 -6.17 -3.02 28.02
CA LYS D 393 -6.61 -3.27 29.37
C LYS D 393 -7.19 -2.00 29.97
N VAL D 394 -6.81 -0.84 29.42
CA VAL D 394 -7.32 0.42 29.93
C VAL D 394 -8.69 0.60 29.37
N ILE D 395 -8.79 0.33 28.08
CA ILE D 395 -10.03 0.45 27.39
C ILE D 395 -11.03 -0.52 28.02
N ASP D 396 -10.63 -1.77 28.23
CA ASP D 396 -11.47 -2.79 28.83
C ASP D 396 -11.94 -2.38 30.21
N GLU D 397 -11.03 -1.86 31.00
CA GLU D 397 -11.43 -1.49 32.33
C GLU D 397 -12.42 -0.37 32.19
N SER D 398 -12.12 0.53 31.26
CA SER D 398 -13.00 1.67 31.08
C SER D 398 -14.37 1.24 30.66
N HIS D 399 -14.44 0.19 29.85
CA HIS D 399 -15.71 -0.33 29.40
C HIS D 399 -16.53 -0.73 30.62
N ASN D 400 -15.87 -1.40 31.59
CA ASN D 400 -16.52 -1.84 32.82
C ASN D 400 -17.00 -0.70 33.65
N MET D 401 -16.20 0.37 33.77
CA MET D 401 -16.62 1.54 34.55
C MET D 401 -17.88 2.05 33.82
N TRP D 402 -17.86 2.01 32.49
CA TRP D 402 -19.03 2.46 31.78
C TRP D 402 -20.26 1.57 32.11
N HIS D 403 -20.12 0.26 32.13
CA HIS D 403 -21.24 -0.63 32.46
C HIS D 403 -21.72 -0.32 33.88
N ASN D 404 -20.83 0.07 34.78
CA ASN D 404 -21.23 0.41 36.15
C ASN D 404 -21.97 1.73 36.27
N LEU D 405 -21.62 2.68 35.40
CA LEU D 405 -22.24 3.98 35.35
C LEU D 405 -23.68 3.79 34.87
N ARG D 406 -23.89 2.79 34.03
CA ARG D 406 -25.20 2.48 33.50
C ARG D 406 -26.09 1.83 34.54
N LYS D 407 -25.52 0.91 35.33
CA LYS D 407 -26.29 0.22 36.36
C LYS D 407 -26.67 1.16 37.50
N VAL D 408 -25.71 1.92 38.00
CA VAL D 408 -26.00 2.83 39.10
C VAL D 408 -27.03 3.90 38.77
N ASN D 409 -27.37 4.04 37.50
CA ASN D 409 -28.38 5.04 37.17
C ASN D 409 -29.76 4.40 37.06
N LYS D 410 -29.81 3.15 36.60
CA LYS D 410 -31.08 2.45 36.47
C LYS D 410 -31.95 2.61 37.74
N ARG D 411 -31.55 1.94 38.84
CA ARG D 411 -32.29 1.99 40.12
C ARG D 411 -32.43 3.40 40.66
N GLY D 412 -31.31 4.10 40.80
CA GLY D 412 -31.32 5.46 41.30
C GLY D 412 -32.32 6.33 40.56
C1 CIT E . 10.08 9.73 -13.95
O1 CIT E . 10.37 9.97 -12.80
O2 CIT E . 11.04 9.79 -14.90
C2 CIT E . 8.65 9.37 -14.35
C3 CIT E . 7.64 9.33 -13.16
O7 CIT E . 7.66 10.60 -12.51
C4 CIT E . 6.23 8.99 -13.72
C5 CIT E . 5.13 8.95 -12.65
O3 CIT E . 5.37 9.16 -11.48
O4 CIT E . 3.88 8.66 -13.01
C6 CIT E . 8.01 8.19 -12.20
O5 CIT E . 8.27 8.43 -11.05
O6 CIT E . 8.04 6.91 -12.63
MG MG F . 10.04 31.44 -1.41
C1 CIT G . 18.99 2.25 -4.36
O1 CIT G . 18.33 1.77 -5.23
O2 CIT G . 20.03 3.02 -4.70
C2 CIT G . 18.66 1.99 -2.89
C3 CIT G . 17.42 1.09 -2.66
O7 CIT G . 17.67 -0.16 -3.30
C4 CIT G . 17.20 0.89 -1.16
C5 CIT G . 16.01 0.02 -0.80
O3 CIT G . 15.31 -0.48 -1.65
O4 CIT G . 15.72 -0.21 0.48
C6 CIT G . 16.19 1.78 -3.26
O5 CIT G . 15.58 1.26 -4.15
O6 CIT G . 15.78 2.97 -2.79
MG MG H . 21.30 -20.07 -15.80
C1 CIT I . -18.95 -3.63 3.07
O1 CIT I . -18.25 -4.62 3.05
O2 CIT I . -20.04 -3.63 3.86
C2 CIT I . -18.63 -2.39 2.21
C3 CIT I . -17.34 -2.52 1.36
O7 CIT I . -17.47 -3.68 0.54
C4 CIT I . -17.15 -1.25 0.50
C5 CIT I . -15.92 -1.28 -0.42
O3 CIT I . -15.17 -2.22 -0.45
O4 CIT I . -15.67 -0.22 -1.21
C6 CIT I . -16.12 -2.62 2.31
O5 CIT I . -15.42 -3.60 2.31
O6 CIT I . -15.81 -1.60 3.14
MG MG J . -19.28 -24.95 -10.32
C1 CIT K . -9.79 -8.42 14.22
O1 CIT K . -10.07 -7.24 14.11
O2 CIT K . -10.71 -9.26 14.75
C2 CIT K . -8.44 -8.96 13.78
C3 CIT K . -7.49 -7.87 13.18
O7 CIT K . -7.34 -6.84 14.15
C4 CIT K . -6.14 -8.55 12.83
C5 CIT K . -5.12 -7.57 12.27
O3 CIT K . -5.36 -6.40 12.14
O4 CIT K . -3.90 -8.01 11.91
C6 CIT K . -8.07 -7.36 11.86
O5 CIT K . -8.36 -6.20 11.72
O6 CIT K . -8.26 -8.19 10.83
MG MG L . -10.21 12.56 29.01
#